data_1EV0
#
_entry.id   1EV0
#
_cell.length_a   1.000
_cell.length_b   1.000
_cell.length_c   1.000
_cell.angle_alpha   90.00
_cell.angle_beta   90.00
_cell.angle_gamma   90.00
#
_symmetry.space_group_name_H-M   'P 1'
#
_entity_poly.entity_id   1
_entity_poly.type   'polypeptide(L)'
_entity_poly.pdbx_seq_one_letter_code
;RSDAEPHYLPQLRKDILEVICKYVQIDPEMVTVQLEQKDGDISILELNVTLPEAEELK
;
_entity_poly.pdbx_strand_id   A,B
#
# COMPACT_ATOMS: atom_id res chain seq x y z
N ARG A 1 11.99 7.88 -13.65
CA ARG A 1 11.27 7.12 -12.60
C ARG A 1 12.25 6.75 -11.48
N SER A 2 12.29 7.53 -10.43
CA SER A 2 13.22 7.24 -9.30
C SER A 2 12.90 5.87 -8.69
N ASP A 3 11.70 5.37 -8.90
CA ASP A 3 11.34 4.04 -8.33
C ASP A 3 11.75 2.92 -9.30
N ALA A 4 12.55 3.21 -10.30
CA ALA A 4 12.98 2.16 -11.26
C ALA A 4 14.29 1.53 -10.77
N GLU A 5 14.98 2.17 -9.87
CA GLU A 5 16.26 1.62 -9.35
C GLU A 5 16.08 0.21 -8.76
N PRO A 6 15.02 -0.02 -7.98
CA PRO A 6 14.75 -1.35 -7.35
C PRO A 6 13.99 -2.26 -8.31
N HIS A 7 13.02 -1.74 -9.02
CA HIS A 7 12.21 -2.56 -9.99
C HIS A 7 11.25 -3.50 -9.24
N TYR A 8 11.20 -3.43 -7.93
CA TYR A 8 10.27 -4.31 -7.18
C TYR A 8 9.35 -3.43 -6.33
N LEU A 9 9.86 -2.35 -5.79
CA LEU A 9 9.03 -1.42 -4.97
C LEU A 9 7.73 -1.05 -5.71
N PRO A 10 7.84 -0.60 -6.95
CA PRO A 10 6.65 -0.22 -7.78
C PRO A 10 5.91 -1.47 -8.26
N GLN A 11 6.54 -2.61 -8.19
CA GLN A 11 5.86 -3.88 -8.60
C GLN A 11 4.92 -4.30 -7.47
N LEU A 12 5.27 -4.01 -6.25
CA LEU A 12 4.42 -4.40 -5.11
C LEU A 12 3.24 -3.43 -5.00
N ARG A 13 3.48 -2.15 -5.17
CA ARG A 13 2.36 -1.16 -5.07
C ARG A 13 1.33 -1.47 -6.15
N LYS A 14 1.79 -1.73 -7.37
CA LYS A 14 0.83 -2.05 -8.45
C LYS A 14 0.12 -3.36 -8.10
N ASP A 15 0.81 -4.25 -7.40
CA ASP A 15 0.18 -5.53 -7.01
C ASP A 15 -0.97 -5.24 -6.04
N ILE A 16 -0.74 -4.43 -5.03
CA ILE A 16 -1.84 -4.12 -4.06
C ILE A 16 -3.03 -3.51 -4.82
N LEU A 17 -2.77 -2.84 -5.91
CA LEU A 17 -3.88 -2.26 -6.71
C LEU A 17 -4.71 -3.40 -7.30
N GLU A 18 -4.03 -4.36 -7.91
CA GLU A 18 -4.75 -5.53 -8.48
C GLU A 18 -5.34 -6.33 -7.34
N VAL A 19 -4.61 -6.40 -6.24
CA VAL A 19 -5.11 -7.16 -5.07
C VAL A 19 -6.44 -6.54 -4.63
N ILE A 20 -6.47 -5.26 -4.35
CA ILE A 20 -7.74 -4.59 -3.95
C ILE A 20 -8.79 -4.82 -5.06
N CYS A 21 -8.34 -5.07 -6.27
CA CYS A 21 -9.29 -5.33 -7.38
C CYS A 21 -9.86 -6.74 -7.24
N LYS A 22 -9.02 -7.71 -6.96
CA LYS A 22 -9.51 -9.12 -6.82
C LYS A 22 -10.57 -9.19 -5.72
N TYR A 23 -10.46 -8.36 -4.71
CA TYR A 23 -11.44 -8.37 -3.60
C TYR A 23 -12.42 -7.19 -3.74
N VAL A 24 -12.11 -6.22 -4.58
CA VAL A 24 -13.03 -5.05 -4.74
C VAL A 24 -12.87 -4.50 -6.18
N GLN A 25 -12.82 -3.19 -6.39
CA GLN A 25 -12.66 -2.67 -7.77
C GLN A 25 -12.41 -1.16 -7.73
N ILE A 26 -11.21 -0.75 -8.00
CA ILE A 26 -10.87 0.70 -7.99
C ILE A 26 -9.91 1.00 -9.14
N ASP A 27 -9.69 2.25 -9.43
CA ASP A 27 -8.77 2.62 -10.54
C ASP A 27 -7.39 2.97 -9.95
N PRO A 28 -6.37 2.99 -10.78
CA PRO A 28 -4.98 3.32 -10.34
C PRO A 28 -4.87 4.83 -10.08
N GLU A 29 -5.64 5.61 -10.78
CA GLU A 29 -5.63 7.08 -10.56
C GLU A 29 -6.27 7.39 -9.20
N MET A 30 -6.92 6.42 -8.58
CA MET A 30 -7.56 6.65 -7.26
C MET A 30 -6.56 6.37 -6.14
N VAL A 31 -5.55 5.58 -6.42
CA VAL A 31 -4.54 5.25 -5.38
C VAL A 31 -3.30 6.13 -5.57
N THR A 32 -2.93 6.90 -4.58
CA THR A 32 -1.75 7.78 -4.70
C THR A 32 -0.50 7.04 -4.22
N VAL A 33 0.65 7.47 -4.66
CA VAL A 33 1.91 6.81 -4.23
C VAL A 33 2.97 7.88 -3.94
N GLN A 34 3.64 7.77 -2.82
CA GLN A 34 4.66 8.80 -2.47
C GLN A 34 5.78 8.17 -1.64
N LEU A 35 7.00 8.29 -2.08
CA LEU A 35 8.14 7.70 -1.34
C LEU A 35 8.83 8.77 -0.48
N GLU A 36 9.33 8.37 0.65
CA GLU A 36 10.03 9.34 1.55
C GLU A 36 11.32 8.67 2.06
N GLN A 37 12.10 9.38 2.84
CA GLN A 37 13.36 8.79 3.36
C GLN A 37 13.69 9.39 4.73
N LYS A 38 14.48 8.69 5.51
CA LYS A 38 14.86 9.21 6.86
C LYS A 38 16.36 9.47 6.90
N ASP A 39 16.83 10.18 7.90
CA ASP A 39 18.28 10.48 8.00
C ASP A 39 19.01 9.27 8.59
N GLY A 40 18.94 8.14 7.92
CA GLY A 40 19.62 6.92 8.44
C GLY A 40 19.65 5.84 7.34
N ASP A 41 19.72 6.25 6.11
CA ASP A 41 19.74 5.27 4.97
C ASP A 41 18.47 4.43 5.00
N ILE A 42 17.35 5.08 5.22
CA ILE A 42 16.06 4.35 5.28
C ILE A 42 15.07 4.98 4.31
N SER A 43 14.08 4.25 3.87
CA SER A 43 13.08 4.81 2.92
C SER A 43 11.67 4.68 3.51
N ILE A 44 10.71 5.31 2.89
CA ILE A 44 9.31 5.25 3.40
C ILE A 44 8.34 5.36 2.22
N LEU A 45 7.99 4.26 1.61
CA LEU A 45 7.04 4.28 0.46
C LEU A 45 5.61 4.30 0.97
N GLU A 46 4.98 5.44 0.92
CA GLU A 46 3.57 5.55 1.39
C GLU A 46 2.65 5.59 0.17
N LEU A 47 1.49 5.00 0.27
CA LEU A 47 0.56 5.01 -0.90
C LEU A 47 -0.88 5.24 -0.41
N ASN A 48 -1.55 6.20 -0.98
CA ASN A 48 -2.95 6.49 -0.57
C ASN A 48 -3.89 5.64 -1.41
N VAL A 49 -4.95 5.15 -0.82
CA VAL A 49 -5.91 4.32 -1.61
C VAL A 49 -7.31 4.92 -1.50
N THR A 50 -7.65 5.80 -2.42
CA THR A 50 -8.99 6.44 -2.39
C THR A 50 -10.03 5.48 -2.97
N LEU A 51 -10.77 4.82 -2.11
CA LEU A 51 -11.82 3.88 -2.59
C LEU A 51 -13.13 4.65 -2.80
N PRO A 52 -13.84 4.37 -3.88
CA PRO A 52 -15.13 5.04 -4.20
C PRO A 52 -16.29 4.36 -3.47
N GLU A 53 -17.50 4.80 -3.72
CA GLU A 53 -18.68 4.18 -3.04
C GLU A 53 -18.79 2.70 -3.42
N ALA A 54 -19.87 2.06 -3.07
CA ALA A 54 -20.03 0.62 -3.41
C ALA A 54 -21.41 0.14 -2.94
N GLU A 55 -22.06 -0.67 -3.74
CA GLU A 55 -23.40 -1.19 -3.36
C GLU A 55 -23.89 -2.17 -4.43
N GLU A 56 -23.64 -1.87 -5.68
CA GLU A 56 -24.08 -2.77 -6.78
C GLU A 56 -23.44 -4.15 -6.61
N LEU A 57 -22.32 -4.22 -5.92
CA LEU A 57 -21.64 -5.53 -5.71
C LEU A 57 -22.17 -6.18 -4.43
N LYS A 58 -22.48 -7.45 -4.49
CA LYS A 58 -23.01 -8.16 -3.28
C LYS A 58 -22.09 -9.33 -2.94
N ARG B 1 -11.79 -3.24 15.58
CA ARG B 1 -11.11 -3.07 14.26
C ARG B 1 -12.08 -2.48 13.25
N SER B 2 -12.03 -1.18 13.04
CA SER B 2 -12.95 -0.53 12.07
C SER B 2 -12.71 -1.10 10.67
N ASP B 3 -11.56 -1.67 10.42
CA ASP B 3 -11.27 -2.23 9.08
C ASP B 3 -11.78 -3.68 8.99
N ALA B 4 -12.58 -4.12 9.92
CA ALA B 4 -13.11 -5.51 9.87
C ALA B 4 -14.44 -5.53 9.11
N GLU B 5 -15.07 -4.39 8.95
CA GLU B 5 -16.38 -4.32 8.23
C GLU B 5 -16.26 -4.93 6.81
N PRO B 6 -15.21 -4.60 6.07
CA PRO B 6 -15.01 -5.13 4.68
C PRO B 6 -14.34 -6.51 4.69
N HIS B 7 -13.36 -6.69 5.55
CA HIS B 7 -12.64 -8.01 5.63
C HIS B 7 -11.72 -8.21 4.41
N TYR B 8 -11.63 -7.25 3.53
CA TYR B 8 -10.74 -7.39 2.34
C TYR B 8 -9.73 -6.24 2.34
N LEU B 9 -10.16 -5.06 2.73
CA LEU B 9 -9.25 -3.88 2.77
C LEU B 9 -7.93 -4.24 3.53
N PRO B 10 -8.06 -4.78 4.73
CA PRO B 10 -6.88 -5.18 5.55
C PRO B 10 -6.23 -6.45 4.98
N GLN B 11 -6.92 -7.16 4.15
CA GLN B 11 -6.35 -8.40 3.53
C GLN B 11 -5.41 -7.97 2.41
N LEU B 12 -5.71 -6.87 1.76
CA LEU B 12 -4.85 -6.40 0.65
C LEU B 12 -3.61 -5.72 1.22
N ARG B 13 -3.76 -4.92 2.26
CA ARG B 13 -2.58 -4.23 2.84
C ARG B 13 -1.60 -5.28 3.37
N LYS B 14 -2.10 -6.29 4.06
CA LYS B 14 -1.21 -7.34 4.57
C LYS B 14 -0.58 -8.07 3.38
N ASP B 15 -1.31 -8.16 2.29
CA ASP B 15 -0.76 -8.83 1.08
C ASP B 15 0.43 -8.02 0.56
N ILE B 16 0.29 -6.72 0.43
CA ILE B 16 1.44 -5.90 -0.07
C ILE B 16 2.64 -6.09 0.85
N LEU B 17 2.41 -6.35 2.12
CA LEU B 17 3.53 -6.59 3.06
C LEU B 17 4.26 -7.87 2.65
N GLU B 18 3.50 -8.93 2.43
CA GLU B 18 4.13 -10.21 2.00
C GLU B 18 4.69 -10.00 0.60
N VAL B 19 3.98 -9.24 -0.21
CA VAL B 19 4.47 -8.99 -1.59
C VAL B 19 5.85 -8.32 -1.51
N ILE B 20 5.96 -7.22 -0.81
CA ILE B 20 7.29 -6.56 -0.66
C ILE B 20 8.29 -7.57 -0.06
N CYS B 21 7.80 -8.57 0.63
CA CYS B 21 8.69 -9.60 1.22
C CYS B 21 9.17 -10.54 0.10
N LYS B 22 8.27 -10.97 -0.75
CA LYS B 22 8.66 -11.89 -1.86
C LYS B 22 9.76 -11.25 -2.71
N TYR B 23 9.73 -9.95 -2.84
CA TYR B 23 10.72 -9.23 -3.66
C TYR B 23 11.78 -8.57 -2.77
N VAL B 24 11.52 -8.45 -1.48
CA VAL B 24 12.51 -7.79 -0.56
C VAL B 24 12.35 -8.41 0.85
N GLN B 25 12.39 -7.64 1.92
CA GLN B 25 12.23 -8.23 3.28
C GLN B 25 12.09 -7.11 4.32
N ILE B 26 10.90 -6.94 4.82
CA ILE B 26 10.66 -5.87 5.85
C ILE B 26 9.70 -6.42 6.91
N ASP B 27 9.55 -5.72 8.00
CA ASP B 27 8.63 -6.18 9.07
C ASP B 27 7.30 -5.41 8.94
N PRO B 28 6.25 -5.92 9.57
CA PRO B 28 4.89 -5.27 9.54
C PRO B 28 4.90 -4.02 10.41
N GLU B 29 5.71 -4.03 11.44
CA GLU B 29 5.79 -2.83 12.32
C GLU B 29 6.50 -1.69 11.56
N MET B 30 7.09 -1.99 10.41
CA MET B 30 7.79 -0.93 9.63
C MET B 30 6.80 -0.28 8.65
N VAL B 31 5.73 -0.96 8.33
CA VAL B 31 4.72 -0.39 7.38
C VAL B 31 3.55 0.18 8.17
N THR B 32 3.28 1.45 8.02
CA THR B 32 2.14 2.07 8.77
C THR B 32 0.86 1.97 7.94
N VAL B 33 -0.27 2.04 8.58
CA VAL B 33 -1.57 1.95 7.85
C VAL B 33 -2.53 3.00 8.43
N GLN B 34 -3.18 3.75 7.59
CA GLN B 34 -4.12 4.80 8.09
C GLN B 34 -5.25 5.00 7.08
N LEU B 35 -6.47 4.86 7.52
CA LEU B 35 -7.63 5.06 6.60
C LEU B 35 -8.22 6.45 6.77
N GLU B 36 -8.71 7.02 5.70
CA GLU B 36 -9.32 8.37 5.76
C GLU B 36 -10.63 8.35 4.97
N GLN B 37 -11.33 9.46 4.93
CA GLN B 37 -12.62 9.50 4.17
C GLN B 37 -12.87 10.90 3.64
N LYS B 38 -13.69 11.01 2.62
CA LYS B 38 -13.99 12.35 2.04
C LYS B 38 -15.48 12.67 2.24
N ASP B 39 -15.86 13.91 2.05
CA ASP B 39 -17.28 14.29 2.23
C ASP B 39 -18.09 13.89 0.97
N GLY B 40 -18.10 12.62 0.65
CA GLY B 40 -18.86 12.17 -0.56
C GLY B 40 -18.98 10.64 -0.54
N ASP B 41 -19.06 10.07 0.64
CA ASP B 41 -19.19 8.58 0.74
C ASP B 41 -17.97 7.93 0.10
N ILE B 42 -16.81 8.45 0.37
CA ILE B 42 -15.57 7.88 -0.23
C ILE B 42 -14.56 7.59 0.89
N SER B 43 -13.64 6.69 0.64
CA SER B 43 -12.63 6.34 1.69
C SER B 43 -11.23 6.58 1.14
N ILE B 44 -10.24 6.51 2.00
CA ILE B 44 -8.83 6.74 1.55
C ILE B 44 -7.88 5.92 2.44
N LEU B 45 -7.63 4.69 2.08
CA LEU B 45 -6.72 3.84 2.89
C LEU B 45 -5.27 4.11 2.51
N GLU B 46 -4.57 4.84 3.32
CA GLU B 46 -3.14 5.15 3.03
C GLU B 46 -2.26 4.26 3.89
N LEU B 47 -1.14 3.82 3.38
CA LEU B 47 -0.24 2.94 4.19
C LEU B 47 1.21 3.35 3.96
N ASN B 48 1.95 3.58 5.02
CA ASN B 48 3.36 3.98 4.89
C ASN B 48 4.22 2.73 4.86
N VAL B 49 5.26 2.72 4.07
CA VAL B 49 6.14 1.51 4.01
C VAL B 49 7.58 1.91 4.33
N THR B 50 7.94 1.87 5.59
CA THR B 50 9.33 2.25 5.98
C THR B 50 10.30 1.10 5.68
N LEU B 51 11.02 1.18 4.59
CA LEU B 51 11.98 0.11 4.23
C LEU B 51 13.33 0.40 4.90
N PRO B 52 14.00 -0.60 5.43
CA PRO B 52 15.32 -0.44 6.10
C PRO B 52 16.45 -0.48 5.07
N GLU B 53 17.68 -0.43 5.52
CA GLU B 53 18.84 -0.46 4.58
C GLU B 53 18.81 -1.78 3.80
N ALA B 54 19.87 -2.07 3.07
CA ALA B 54 19.92 -3.34 2.29
C ALA B 54 21.28 -3.44 1.58
N GLU B 55 21.85 -4.62 1.55
CA GLU B 55 23.15 -4.82 0.88
C GLU B 55 23.54 -6.29 0.93
N GLU B 56 23.29 -6.94 2.04
CA GLU B 56 23.64 -8.38 2.17
C GLU B 56 22.90 -9.20 1.09
N LEU B 57 21.80 -8.68 0.60
CA LEU B 57 21.03 -9.41 -0.46
C LEU B 57 21.56 -9.00 -1.84
N LYS B 58 21.78 -9.97 -2.70
CA LYS B 58 22.29 -9.65 -4.07
C LYS B 58 21.31 -10.18 -5.12
N ARG A 1 11.55 9.07 -12.68
CA ARG A 1 11.19 7.71 -12.20
C ARG A 1 12.07 7.34 -11.00
N SER A 2 11.81 7.96 -9.87
CA SER A 2 12.62 7.66 -8.65
C SER A 2 12.39 6.21 -8.21
N ASP A 3 11.23 5.66 -8.52
CA ASP A 3 10.95 4.26 -8.11
C ASP A 3 11.53 3.27 -9.12
N ALA A 4 12.32 3.74 -10.07
CA ALA A 4 12.93 2.81 -11.07
C ALA A 4 14.30 2.34 -10.59
N GLU A 5 14.71 2.72 -9.40
CA GLU A 5 16.05 2.30 -8.88
C GLU A 5 15.98 0.86 -8.30
N PRO A 6 14.95 0.53 -7.55
CA PRO A 6 14.79 -0.83 -6.94
C PRO A 6 14.14 -1.80 -7.93
N HIS A 7 13.13 -1.35 -8.65
CA HIS A 7 12.43 -2.21 -9.65
C HIS A 7 11.47 -3.20 -8.95
N TYR A 8 11.45 -3.24 -7.64
CA TYR A 8 10.53 -4.17 -6.93
C TYR A 8 9.53 -3.35 -6.10
N LEU A 9 9.95 -2.21 -5.62
CA LEU A 9 9.05 -1.34 -4.81
C LEU A 9 7.76 -1.01 -5.60
N PRO A 10 7.89 -0.55 -6.84
CA PRO A 10 6.70 -0.21 -7.69
C PRO A 10 5.98 -1.47 -8.17
N GLN A 11 6.62 -2.61 -8.07
CA GLN A 11 5.97 -3.88 -8.49
C GLN A 11 4.99 -4.31 -7.38
N LEU A 12 5.33 -4.00 -6.15
CA LEU A 12 4.46 -4.38 -5.02
C LEU A 12 3.27 -3.43 -4.93
N ARG A 13 3.51 -2.15 -5.12
CA ARG A 13 2.38 -1.17 -5.05
C ARG A 13 1.37 -1.48 -6.15
N LYS A 14 1.84 -1.76 -7.34
CA LYS A 14 0.90 -2.09 -8.43
C LYS A 14 0.19 -3.41 -8.07
N ASP A 15 0.87 -4.28 -7.36
CA ASP A 15 0.25 -5.56 -6.96
C ASP A 15 -0.91 -5.27 -6.01
N ILE A 16 -0.70 -4.42 -5.02
CA ILE A 16 -1.82 -4.11 -4.06
C ILE A 16 -3.00 -3.51 -4.83
N LEU A 17 -2.73 -2.85 -5.94
CA LEU A 17 -3.84 -2.28 -6.76
C LEU A 17 -4.63 -3.42 -7.36
N GLU A 18 -3.94 -4.38 -7.95
CA GLU A 18 -4.65 -5.55 -8.53
C GLU A 18 -5.26 -6.35 -7.40
N VAL A 19 -4.56 -6.42 -6.29
CA VAL A 19 -5.09 -7.18 -5.12
C VAL A 19 -6.42 -6.55 -4.71
N ILE A 20 -6.43 -5.25 -4.46
CA ILE A 20 -7.71 -4.57 -4.09
C ILE A 20 -8.74 -4.82 -5.21
N CYS A 21 -8.28 -5.11 -6.41
CA CYS A 21 -9.21 -5.38 -7.53
C CYS A 21 -9.81 -6.78 -7.35
N LYS A 22 -8.99 -7.76 -7.04
CA LYS A 22 -9.50 -9.15 -6.86
C LYS A 22 -10.58 -9.17 -5.78
N TYR A 23 -10.46 -8.32 -4.79
CA TYR A 23 -11.44 -8.29 -3.68
C TYR A 23 -12.42 -7.11 -3.87
N VAL A 24 -12.09 -6.16 -4.72
CA VAL A 24 -12.99 -4.99 -4.93
C VAL A 24 -12.80 -4.47 -6.37
N GLN A 25 -12.75 -3.16 -6.60
CA GLN A 25 -12.55 -2.66 -7.99
C GLN A 25 -12.29 -1.14 -7.96
N ILE A 26 -11.08 -0.75 -8.20
CA ILE A 26 -10.73 0.70 -8.18
C ILE A 26 -9.75 1.00 -9.31
N ASP A 27 -9.52 2.26 -9.59
CA ASP A 27 -8.57 2.63 -10.67
C ASP A 27 -7.24 3.05 -10.05
N PRO A 28 -6.19 3.11 -10.84
CA PRO A 28 -4.82 3.51 -10.36
C PRO A 28 -4.79 5.02 -10.11
N GLU A 29 -5.58 5.76 -10.83
CA GLU A 29 -5.64 7.24 -10.61
C GLU A 29 -6.29 7.52 -9.25
N MET A 30 -6.91 6.53 -8.64
CA MET A 30 -7.55 6.74 -7.30
C MET A 30 -6.56 6.40 -6.19
N VAL A 31 -5.44 5.78 -6.50
CA VAL A 31 -4.46 5.42 -5.44
C VAL A 31 -3.21 6.31 -5.57
N THR A 32 -2.83 6.97 -4.52
CA THR A 32 -1.62 7.85 -4.57
C THR A 32 -0.38 7.06 -4.17
N VAL A 33 0.77 7.50 -4.59
CA VAL A 33 2.04 6.80 -4.23
C VAL A 33 3.12 7.85 -3.99
N GLN A 34 3.72 7.83 -2.82
CA GLN A 34 4.78 8.83 -2.51
C GLN A 34 5.88 8.16 -1.69
N LEU A 35 7.11 8.26 -2.15
CA LEU A 35 8.24 7.62 -1.41
C LEU A 35 8.98 8.65 -0.57
N GLU A 36 9.75 8.20 0.39
CA GLU A 36 10.52 9.13 1.26
C GLU A 36 11.81 8.44 1.71
N GLN A 37 12.65 9.14 2.44
CA GLN A 37 13.94 8.53 2.90
C GLN A 37 14.35 9.17 4.22
N LYS A 38 15.09 8.46 5.03
CA LYS A 38 15.55 9.02 6.34
C LYS A 38 17.06 9.21 6.32
N ASP A 39 17.60 9.92 7.27
CA ASP A 39 19.07 10.16 7.32
C ASP A 39 19.81 8.90 7.82
N GLY A 40 19.11 7.86 8.18
CA GLY A 40 19.80 6.63 8.68
C GLY A 40 19.92 5.61 7.54
N ASP A 41 20.08 6.08 6.32
CA ASP A 41 20.21 5.15 5.16
C ASP A 41 18.96 4.28 5.08
N ILE A 42 17.81 4.90 5.16
CA ILE A 42 16.52 4.13 5.10
C ILE A 42 15.61 4.74 4.04
N SER A 43 14.67 3.98 3.54
CA SER A 43 13.74 4.49 2.51
C SER A 43 12.31 4.24 2.96
N ILE A 44 11.37 4.91 2.35
CA ILE A 44 9.94 4.74 2.74
C ILE A 44 9.06 4.77 1.49
N LEU A 45 7.85 4.31 1.60
CA LEU A 45 6.94 4.31 0.42
C LEU A 45 5.49 4.36 0.90
N GLU A 46 4.91 5.53 0.93
CA GLU A 46 3.49 5.66 1.37
C GLU A 46 2.59 5.65 0.14
N LEU A 47 1.43 5.05 0.23
CA LEU A 47 0.51 5.03 -0.94
C LEU A 47 -0.92 5.23 -0.45
N ASN A 48 -1.62 6.19 -1.01
CA ASN A 48 -3.02 6.45 -0.59
C ASN A 48 -3.95 5.60 -1.45
N VAL A 49 -4.98 5.08 -0.87
CA VAL A 49 -5.94 4.24 -1.66
C VAL A 49 -7.36 4.77 -1.48
N THR A 50 -7.80 5.63 -2.36
CA THR A 50 -9.17 6.19 -2.26
C THR A 50 -10.18 5.24 -2.92
N LEU A 51 -10.94 4.53 -2.13
CA LEU A 51 -11.96 3.60 -2.70
C LEU A 51 -13.28 4.36 -2.89
N PRO A 52 -13.97 4.12 -3.99
CA PRO A 52 -15.28 4.78 -4.30
C PRO A 52 -16.44 4.04 -3.65
N GLU A 53 -17.65 4.43 -3.95
CA GLU A 53 -18.84 3.75 -3.34
C GLU A 53 -18.85 2.27 -3.76
N ALA A 54 -19.93 1.58 -3.52
CA ALA A 54 -20.01 0.15 -3.88
C ALA A 54 -21.44 -0.36 -3.69
N GLU A 55 -21.64 -1.65 -3.80
CA GLU A 55 -23.00 -2.22 -3.62
C GLU A 55 -23.51 -1.93 -2.20
N GLU A 56 -22.67 -2.13 -1.21
CA GLU A 56 -23.08 -1.87 0.20
C GLU A 56 -24.28 -2.75 0.56
N LEU A 57 -24.07 -4.04 0.63
CA LEU A 57 -25.19 -4.97 0.98
C LEU A 57 -25.26 -5.15 2.50
N LYS A 58 -26.35 -4.77 3.10
CA LYS A 58 -26.49 -4.91 4.59
C LYS A 58 -27.64 -5.86 4.90
N ARG B 1 -11.26 -1.73 15.72
CA ARG B 1 -10.98 -2.39 14.40
C ARG B 1 -11.84 -1.74 13.32
N SER B 2 -11.52 -0.52 12.93
CA SER B 2 -12.30 0.18 11.88
C SER B 2 -12.15 -0.55 10.55
N ASP B 3 -11.06 -1.23 10.35
CA ASP B 3 -10.85 -1.96 9.06
C ASP B 3 -11.54 -3.33 9.10
N ALA B 4 -12.31 -3.61 10.12
CA ALA B 4 -13.00 -4.92 10.19
C ALA B 4 -14.40 -4.82 9.56
N GLU B 5 -14.75 -3.68 9.00
CA GLU B 5 -16.09 -3.53 8.37
C GLU B 5 -16.11 -4.15 6.95
N PRO B 6 -15.08 -3.91 6.15
CA PRO B 6 -15.00 -4.46 4.75
C PRO B 6 -14.45 -5.89 4.76
N HIS B 7 -13.43 -6.14 5.55
CA HIS B 7 -12.81 -7.51 5.64
C HIS B 7 -11.91 -7.79 4.42
N TYR B 8 -11.86 -6.89 3.47
CA TYR B 8 -10.97 -7.11 2.28
C TYR B 8 -9.91 -6.02 2.23
N LEU B 9 -10.23 -4.84 2.71
CA LEU B 9 -9.24 -3.72 2.72
C LEU B 9 -7.96 -4.14 3.48
N PRO B 10 -8.10 -4.67 4.68
CA PRO B 10 -6.93 -5.10 5.50
C PRO B 10 -6.30 -6.38 4.93
N GLN B 11 -7.01 -7.08 4.07
CA GLN B 11 -6.46 -8.31 3.45
C GLN B 11 -5.48 -7.89 2.34
N LEU B 12 -5.76 -6.79 1.69
CA LEU B 12 -4.89 -6.33 0.59
C LEU B 12 -3.63 -5.67 1.18
N ARG B 13 -3.78 -4.88 2.22
CA ARG B 13 -2.60 -4.22 2.82
C ARG B 13 -1.64 -5.29 3.34
N LYS B 14 -2.16 -6.29 4.03
CA LYS B 14 -1.28 -7.36 4.53
C LYS B 14 -0.64 -8.08 3.33
N ASP B 15 -1.37 -8.16 2.23
CA ASP B 15 -0.82 -8.81 1.02
C ASP B 15 0.38 -8.02 0.52
N ILE B 16 0.26 -6.71 0.42
CA ILE B 16 1.41 -5.89 -0.07
C ILE B 16 2.61 -6.10 0.87
N LEU B 17 2.36 -6.38 2.13
CA LEU B 17 3.47 -6.63 3.09
C LEU B 17 4.17 -7.92 2.67
N GLU B 18 3.41 -8.96 2.44
CA GLU B 18 4.01 -10.26 2.01
C GLU B 18 4.61 -10.05 0.62
N VAL B 19 3.93 -9.29 -0.19
CA VAL B 19 4.44 -9.02 -1.57
C VAL B 19 5.82 -8.38 -1.46
N ILE B 20 5.93 -7.29 -0.72
CA ILE B 20 7.26 -6.64 -0.53
C ILE B 20 8.24 -7.67 0.05
N CYS B 21 7.73 -8.68 0.71
CA CYS B 21 8.61 -9.73 1.29
C CYS B 21 9.12 -10.63 0.16
N LYS B 22 8.24 -11.06 -0.72
CA LYS B 22 8.65 -11.94 -1.85
C LYS B 22 9.76 -11.27 -2.67
N TYR B 23 9.72 -9.97 -2.77
CA TYR B 23 10.73 -9.24 -3.56
C TYR B 23 11.79 -8.61 -2.62
N VAL B 24 11.50 -8.51 -1.33
CA VAL B 24 12.48 -7.88 -0.38
C VAL B 24 12.28 -8.52 1.01
N GLN B 25 12.30 -7.76 2.10
CA GLN B 25 12.11 -8.36 3.44
C GLN B 25 11.96 -7.25 4.49
N ILE B 26 10.76 -7.06 4.97
CA ILE B 26 10.51 -6.00 5.99
C ILE B 26 9.53 -6.52 7.03
N ASP B 27 9.37 -5.81 8.12
CA ASP B 27 8.42 -6.25 9.18
C ASP B 27 7.14 -5.42 9.07
N PRO B 28 6.07 -5.87 9.70
CA PRO B 28 4.76 -5.15 9.68
C PRO B 28 4.84 -3.91 10.57
N GLU B 29 5.66 -3.94 11.58
CA GLU B 29 5.81 -2.76 12.46
C GLU B 29 6.52 -1.63 11.68
N MET B 30 7.09 -1.94 10.53
CA MET B 30 7.78 -0.90 9.72
C MET B 30 6.80 -0.28 8.72
N VAL B 31 5.65 -0.88 8.53
CA VAL B 31 4.67 -0.31 7.55
C VAL B 31 3.47 0.31 8.30
N THR B 32 3.17 1.55 8.03
CA THR B 32 2.03 2.22 8.73
C THR B 32 0.75 2.02 7.91
N VAL B 33 -0.38 2.13 8.56
CA VAL B 33 -1.68 1.97 7.85
C VAL B 33 -2.69 2.94 8.44
N GLN B 34 -3.25 3.80 7.63
CA GLN B 34 -4.23 4.80 8.14
C GLN B 34 -5.36 4.98 7.12
N LEU B 35 -6.59 4.81 7.54
CA LEU B 35 -7.73 4.95 6.60
C LEU B 35 -8.38 6.33 6.76
N GLU B 36 -9.15 6.73 5.78
CA GLU B 36 -9.83 8.05 5.83
C GLU B 36 -11.15 7.98 5.06
N GLN B 37 -11.92 9.03 5.07
CA GLN B 37 -13.23 9.02 4.34
C GLN B 37 -13.56 10.44 3.87
N LYS B 38 -14.33 10.55 2.81
CA LYS B 38 -14.70 11.91 2.30
C LYS B 38 -16.21 12.13 2.50
N ASP B 39 -16.66 13.33 2.32
CA ASP B 39 -18.11 13.64 2.50
C ASP B 39 -18.93 13.15 1.30
N GLY B 40 -18.28 12.63 0.27
CA GLY B 40 -19.04 12.15 -0.92
C GLY B 40 -19.27 10.65 -0.83
N ASP B 41 -19.44 10.13 0.36
CA ASP B 41 -19.66 8.66 0.54
C ASP B 41 -18.47 7.90 -0.04
N ILE B 42 -17.28 8.31 0.30
CA ILE B 42 -16.06 7.65 -0.24
C ILE B 42 -15.13 7.27 0.92
N SER B 43 -14.27 6.32 0.70
CA SER B 43 -13.33 5.88 1.77
C SER B 43 -11.89 5.93 1.24
N ILE B 44 -10.93 5.91 2.12
CA ILE B 44 -9.52 5.96 1.67
C ILE B 44 -8.68 5.03 2.56
N LEU B 45 -7.48 4.71 2.13
CA LEU B 45 -6.61 3.82 2.93
C LEU B 45 -5.15 4.09 2.59
N GLU B 46 -4.49 4.89 3.38
CA GLU B 46 -3.06 5.20 3.12
C GLU B 46 -2.19 4.27 3.96
N LEU B 47 -1.08 3.83 3.43
CA LEU B 47 -0.19 2.92 4.22
C LEU B 47 1.27 3.30 3.98
N ASN B 48 2.00 3.55 5.03
CA ASN B 48 3.43 3.93 4.87
C ASN B 48 4.27 2.67 4.87
N VAL B 49 5.30 2.63 4.05
CA VAL B 49 6.16 1.41 4.00
C VAL B 49 7.62 1.82 4.20
N THR B 50 8.10 1.77 5.41
CA THR B 50 9.51 2.15 5.70
C THR B 50 10.43 0.95 5.48
N LEU B 51 11.17 0.94 4.40
CA LEU B 51 12.09 -0.18 4.12
C LEU B 51 13.46 0.14 4.74
N PRO B 52 14.10 -0.86 5.34
CA PRO B 52 15.44 -0.69 5.99
C PRO B 52 16.57 -0.85 4.96
N GLU B 53 17.79 -0.86 5.42
CA GLU B 53 18.95 -1.00 4.48
C GLU B 53 18.84 -2.33 3.74
N ALA B 54 19.89 -2.72 3.04
CA ALA B 54 19.85 -4.01 2.29
C ALA B 54 21.25 -4.32 1.75
N GLU B 55 21.37 -5.32 0.92
CA GLU B 55 22.69 -5.69 0.35
C GLU B 55 23.24 -4.52 -0.46
N GLU B 56 22.43 -3.91 -1.28
CA GLU B 56 22.89 -2.76 -2.11
C GLU B 56 24.04 -3.21 -3.02
N LEU B 57 23.75 -4.05 -3.98
CA LEU B 57 24.82 -4.54 -4.90
C LEU B 57 24.91 -3.61 -6.12
N LYS B 58 26.04 -2.98 -6.31
CA LYS B 58 26.21 -2.06 -7.46
C LYS B 58 27.31 -2.59 -8.39
N ARG A 1 11.35 7.51 -14.30
CA ARG A 1 10.67 7.18 -13.01
C ARG A 1 11.71 6.82 -11.95
N SER A 2 11.74 7.57 -10.87
CA SER A 2 12.72 7.30 -9.79
C SER A 2 12.45 5.92 -9.17
N ASP A 3 11.30 5.34 -9.42
CA ASP A 3 10.99 4.00 -8.84
C ASP A 3 11.52 2.89 -9.74
N ALA A 4 12.38 3.21 -10.69
CA ALA A 4 12.94 2.15 -11.58
C ALA A 4 14.25 1.61 -10.99
N GLU A 5 14.83 2.31 -10.03
CA GLU A 5 16.10 1.85 -9.42
C GLU A 5 15.94 0.44 -8.80
N PRO A 6 14.86 0.20 -8.07
CA PRO A 6 14.61 -1.12 -7.42
C PRO A 6 13.92 -2.10 -8.39
N HIS A 7 12.94 -1.62 -9.12
CA HIS A 7 12.20 -2.49 -10.10
C HIS A 7 11.21 -3.43 -9.37
N TYR A 8 11.17 -3.40 -8.06
CA TYR A 8 10.23 -4.28 -7.31
C TYR A 8 9.27 -3.41 -6.49
N LEU A 9 9.76 -2.31 -5.97
CA LEU A 9 8.90 -1.39 -5.16
C LEU A 9 7.59 -1.06 -5.92
N PRO A 10 7.70 -0.63 -7.17
CA PRO A 10 6.50 -0.27 -8.00
C PRO A 10 5.78 -1.55 -8.45
N GLN A 11 6.44 -2.68 -8.38
CA GLN A 11 5.79 -3.95 -8.78
C GLN A 11 4.84 -4.39 -7.66
N LEU A 12 5.21 -4.11 -6.43
CA LEU A 12 4.36 -4.50 -5.28
C LEU A 12 3.17 -3.55 -5.17
N ARG A 13 3.40 -2.27 -5.33
CA ARG A 13 2.26 -1.30 -5.23
C ARG A 13 1.22 -1.63 -6.30
N LYS A 14 1.66 -1.93 -7.50
CA LYS A 14 0.70 -2.28 -8.57
C LYS A 14 0.02 -3.59 -8.19
N ASP A 15 0.72 -4.45 -7.47
CA ASP A 15 0.13 -5.74 -7.06
C ASP A 15 -1.00 -5.47 -6.05
N ILE A 16 -0.77 -4.61 -5.08
CA ILE A 16 -1.85 -4.30 -4.09
C ILE A 16 -3.06 -3.72 -4.83
N LEU A 17 -2.82 -3.06 -5.94
CA LEU A 17 -3.94 -2.49 -6.74
C LEU A 17 -4.73 -3.65 -7.32
N GLU A 18 -4.04 -4.63 -7.83
CA GLU A 18 -4.73 -5.82 -8.41
C GLU A 18 -5.33 -6.60 -7.25
N VAL A 19 -4.62 -6.66 -6.15
CA VAL A 19 -5.13 -7.39 -4.96
C VAL A 19 -6.44 -6.73 -4.52
N ILE A 20 -6.42 -5.45 -4.24
CA ILE A 20 -7.67 -4.74 -3.85
C ILE A 20 -8.72 -4.92 -4.97
N CYS A 21 -8.26 -5.19 -6.17
CA CYS A 21 -9.20 -5.40 -7.30
C CYS A 21 -9.86 -6.78 -7.17
N LYS A 22 -9.07 -7.80 -6.90
CA LYS A 22 -9.65 -9.17 -6.76
C LYS A 22 -10.70 -9.19 -5.65
N TYR A 23 -10.53 -8.37 -4.65
CA TYR A 23 -11.49 -8.33 -3.52
C TYR A 23 -12.44 -7.12 -3.66
N VAL A 24 -12.09 -6.17 -4.50
CA VAL A 24 -12.97 -4.95 -4.67
C VAL A 24 -12.78 -4.42 -6.12
N GLN A 25 -12.69 -3.13 -6.33
CA GLN A 25 -12.50 -2.61 -7.72
C GLN A 25 -12.25 -1.11 -7.69
N ILE A 26 -11.04 -0.70 -7.98
CA ILE A 26 -10.69 0.75 -7.98
C ILE A 26 -9.74 1.03 -9.14
N ASP A 27 -9.52 2.28 -9.45
CA ASP A 27 -8.60 2.62 -10.57
C ASP A 27 -7.23 3.01 -9.98
N PRO A 28 -6.21 3.02 -10.81
CA PRO A 28 -4.81 3.38 -10.38
C PRO A 28 -4.73 4.89 -10.17
N GLU A 29 -5.51 5.65 -10.89
CA GLU A 29 -5.52 7.12 -10.71
C GLU A 29 -6.16 7.46 -9.34
N MET A 30 -6.79 6.49 -8.70
CA MET A 30 -7.42 6.76 -7.38
C MET A 30 -6.40 6.48 -6.26
N VAL A 31 -5.38 5.69 -6.54
CA VAL A 31 -4.37 5.38 -5.50
C VAL A 31 -3.15 6.28 -5.68
N THR A 32 -2.63 6.82 -4.60
CA THR A 32 -1.45 7.71 -4.69
C THR A 32 -0.21 6.94 -4.22
N VAL A 33 0.96 7.38 -4.61
CA VAL A 33 2.21 6.69 -4.19
C VAL A 33 3.30 7.74 -3.95
N GLN A 34 3.78 7.82 -2.74
CA GLN A 34 4.84 8.83 -2.42
C GLN A 34 5.97 8.14 -1.64
N LEU A 35 7.20 8.49 -1.92
CA LEU A 35 8.34 7.87 -1.21
C LEU A 35 9.05 8.90 -0.33
N GLU A 36 9.68 8.46 0.73
CA GLU A 36 10.39 9.40 1.63
C GLU A 36 11.67 8.73 2.14
N GLN A 37 12.49 9.45 2.87
CA GLN A 37 13.76 8.87 3.38
C GLN A 37 14.06 9.43 4.77
N LYS A 38 14.86 8.75 5.54
CA LYS A 38 15.19 9.24 6.91
C LYS A 38 16.70 9.49 7.01
N ASP A 39 17.13 10.18 8.04
CA ASP A 39 18.59 10.48 8.20
C ASP A 39 19.35 9.23 8.66
N GLY A 40 18.67 8.14 8.93
CA GLY A 40 19.39 6.92 9.39
C GLY A 40 19.60 5.97 8.21
N ASP A 41 19.79 6.51 7.03
CA ASP A 41 20.00 5.65 5.82
C ASP A 41 18.79 4.73 5.65
N ILE A 42 17.61 5.28 5.74
CA ILE A 42 16.38 4.45 5.60
C ILE A 42 15.47 5.07 4.53
N SER A 43 14.56 4.29 4.00
CA SER A 43 13.64 4.81 2.96
C SER A 43 12.19 4.54 3.37
N ILE A 44 11.26 5.18 2.72
CA ILE A 44 9.83 4.99 3.07
C ILE A 44 9.00 5.03 1.79
N LEU A 45 7.78 4.56 1.84
CA LEU A 45 6.91 4.59 0.63
C LEU A 45 5.45 4.55 1.06
N GLU A 46 4.81 5.69 1.11
CA GLU A 46 3.38 5.76 1.52
C GLU A 46 2.51 5.76 0.27
N LEU A 47 1.50 4.94 0.23
CA LEU A 47 0.59 4.92 -0.96
C LEU A 47 -0.84 5.19 -0.49
N ASN A 48 -1.49 6.16 -1.08
CA ASN A 48 -2.88 6.48 -0.67
C ASN A 48 -3.85 5.63 -1.49
N VAL A 49 -4.90 5.17 -0.89
CA VAL A 49 -5.89 4.34 -1.65
C VAL A 49 -7.28 4.94 -1.50
N THR A 50 -7.66 5.82 -2.39
CA THR A 50 -9.01 6.45 -2.30
C THR A 50 -10.05 5.49 -2.89
N LEU A 51 -10.72 4.75 -2.04
CA LEU A 51 -11.77 3.82 -2.53
C LEU A 51 -13.08 4.60 -2.74
N PRO A 52 -13.82 4.29 -3.79
CA PRO A 52 -15.10 4.98 -4.11
C PRO A 52 -16.26 4.37 -3.30
N GLU A 53 -17.47 4.73 -3.63
CA GLU A 53 -18.65 4.19 -2.88
C GLU A 53 -18.66 2.67 -2.93
N ALA A 54 -19.34 2.04 -2.00
CA ALA A 54 -19.40 0.55 -1.98
C ALA A 54 -20.31 0.10 -0.83
N GLU A 55 -20.63 -1.17 -0.77
CA GLU A 55 -21.50 -1.68 0.32
C GLU A 55 -21.58 -3.21 0.23
N GLU A 56 -22.09 -3.71 -0.87
CA GLU A 56 -22.20 -5.19 -1.02
C GLU A 56 -22.76 -5.52 -2.41
N LEU A 57 -22.33 -4.78 -3.41
CA LEU A 57 -22.83 -5.03 -4.79
C LEU A 57 -21.81 -5.87 -5.56
N LYS A 58 -22.25 -6.61 -6.54
CA LYS A 58 -21.31 -7.46 -7.34
C LYS A 58 -21.44 -7.09 -8.82
N ARG B 1 -11.21 -3.99 15.74
CA ARG B 1 -10.51 -3.37 14.59
C ARG B 1 -11.55 -2.79 13.62
N SER B 2 -11.50 -1.51 13.38
CA SER B 2 -12.46 -0.87 12.44
C SER B 2 -12.27 -1.42 11.02
N ASP B 3 -11.17 -2.09 10.76
CA ASP B 3 -10.94 -2.64 9.40
C ASP B 3 -11.57 -4.04 9.26
N ALA B 4 -12.42 -4.42 10.19
CA ALA B 4 -13.09 -5.76 10.09
C ALA B 4 -14.40 -5.62 9.33
N GLU B 5 -14.91 -4.42 9.17
CA GLU B 5 -16.20 -4.23 8.44
C GLU B 5 -16.12 -4.79 7.00
N PRO B 6 -15.03 -4.53 6.29
CA PRO B 6 -14.85 -5.02 4.88
C PRO B 6 -14.26 -6.43 4.88
N HIS B 7 -13.27 -6.68 5.69
CA HIS B 7 -12.62 -8.04 5.76
C HIS B 7 -11.68 -8.26 4.55
N TYR B 8 -11.60 -7.31 3.64
CA TYR B 8 -10.70 -7.47 2.46
C TYR B 8 -9.66 -6.34 2.47
N LEU B 9 -10.05 -5.17 2.88
CA LEU B 9 -9.12 -4.01 2.94
C LEU B 9 -7.81 -4.39 3.66
N PRO B 10 -7.92 -4.96 4.86
CA PRO B 10 -6.73 -5.38 5.66
C PRO B 10 -6.11 -6.66 5.07
N GLN B 11 -6.84 -7.36 4.24
CA GLN B 11 -6.29 -8.59 3.60
C GLN B 11 -5.34 -8.16 2.47
N LEU B 12 -5.66 -7.07 1.81
CA LEU B 12 -4.81 -6.59 0.70
C LEU B 12 -3.55 -5.94 1.26
N ARG B 13 -3.69 -5.12 2.28
CA ARG B 13 -2.49 -4.44 2.87
C ARG B 13 -1.51 -5.51 3.35
N LYS B 14 -2.00 -6.53 4.02
CA LYS B 14 -1.10 -7.60 4.49
C LYS B 14 -0.49 -8.30 3.27
N ASP B 15 -1.23 -8.36 2.19
CA ASP B 15 -0.71 -9.02 0.96
C ASP B 15 0.45 -8.19 0.41
N ILE B 16 0.31 -6.89 0.34
CA ILE B 16 1.44 -6.04 -0.18
C ILE B 16 2.66 -6.24 0.72
N LEU B 17 2.43 -6.53 1.99
CA LEU B 17 3.57 -6.77 2.91
C LEU B 17 4.26 -8.05 2.48
N GLU B 18 3.49 -9.07 2.18
CA GLU B 18 4.08 -10.37 1.73
C GLU B 18 4.66 -10.14 0.34
N VAL B 19 3.98 -9.36 -0.46
CA VAL B 19 4.47 -9.06 -1.83
C VAL B 19 5.83 -8.37 -1.72
N ILE B 20 5.90 -7.27 -1.02
CA ILE B 20 7.23 -6.58 -0.83
C ILE B 20 8.21 -7.56 -0.19
N CYS B 21 7.71 -8.58 0.48
CA CYS B 21 8.59 -9.59 1.12
C CYS B 21 9.16 -10.52 0.03
N LYS B 22 8.32 -10.98 -0.86
CA LYS B 22 8.80 -11.90 -1.94
C LYS B 22 9.88 -11.20 -2.77
N TYR B 23 9.80 -9.90 -2.90
CA TYR B 23 10.79 -9.15 -3.70
C TYR B 23 11.81 -8.47 -2.77
N VAL B 24 11.51 -8.36 -1.48
CA VAL B 24 12.46 -7.67 -0.54
C VAL B 24 12.27 -8.31 0.86
N GLN B 25 12.25 -7.53 1.93
CA GLN B 25 12.07 -8.14 3.28
C GLN B 25 11.93 -7.03 4.33
N ILE B 26 10.74 -6.88 4.85
CA ILE B 26 10.48 -5.83 5.88
C ILE B 26 9.52 -6.38 6.93
N ASP B 27 9.37 -5.70 8.03
CA ASP B 27 8.46 -6.18 9.09
C ASP B 27 7.14 -5.41 9.00
N PRO B 28 6.09 -5.91 9.62
CA PRO B 28 4.75 -5.25 9.61
C PRO B 28 4.77 -4.03 10.52
N GLU B 29 5.58 -4.06 11.54
CA GLU B 29 5.69 -2.89 12.45
C GLU B 29 6.38 -1.74 11.71
N MET B 30 6.97 -2.01 10.55
CA MET B 30 7.65 -0.93 9.78
C MET B 30 6.65 -0.27 8.83
N VAL B 31 5.58 -0.96 8.49
CA VAL B 31 4.57 -0.37 7.56
C VAL B 31 3.41 0.22 8.37
N THR B 32 2.96 1.40 7.99
CA THR B 32 1.83 2.04 8.71
C THR B 32 0.56 1.92 7.88
N VAL B 33 -0.58 2.03 8.50
CA VAL B 33 -1.87 1.92 7.75
C VAL B 33 -2.87 2.91 8.34
N GLN B 34 -3.31 3.86 7.56
CA GLN B 34 -4.29 4.86 8.07
C GLN B 34 -5.44 5.01 7.07
N LEU B 35 -6.65 5.14 7.55
CA LEU B 35 -7.82 5.28 6.63
C LEU B 35 -8.43 6.68 6.76
N GLU B 36 -9.05 7.16 5.71
CA GLU B 36 -9.68 8.51 5.75
C GLU B 36 -10.98 8.47 4.97
N GLN B 37 -11.72 9.55 4.98
CA GLN B 37 -13.02 9.59 4.23
C GLN B 37 -13.23 10.99 3.66
N LYS B 38 -14.07 11.10 2.65
CA LYS B 38 -14.33 12.44 2.04
C LYS B 38 -15.81 12.79 2.19
N ASP B 39 -16.16 14.02 1.96
CA ASP B 39 -17.59 14.45 2.09
C ASP B 39 -18.43 13.95 0.92
N GLY B 40 -17.81 13.33 -0.06
CA GLY B 40 -18.60 12.84 -1.24
C GLY B 40 -18.91 11.35 -1.07
N ASP B 41 -19.09 10.90 0.16
CA ASP B 41 -19.40 9.46 0.42
C ASP B 41 -18.26 8.60 -0.14
N ILE B 42 -17.04 8.98 0.15
CA ILE B 42 -15.87 8.22 -0.37
C ILE B 42 -14.95 7.84 0.79
N SER B 43 -14.11 6.85 0.59
CA SER B 43 -13.18 6.41 1.68
C SER B 43 -11.75 6.43 1.15
N ILE B 44 -10.80 6.35 2.03
CA ILE B 44 -9.37 6.36 1.61
C ILE B 44 -8.58 5.42 2.53
N LEU B 45 -7.39 5.05 2.13
CA LEU B 45 -6.56 4.16 2.98
C LEU B 45 -5.09 4.33 2.60
N GLU B 46 -4.38 5.13 3.36
CA GLU B 46 -2.94 5.37 3.08
C GLU B 46 -2.10 4.43 3.94
N LEU B 47 -1.14 3.75 3.36
CA LEU B 47 -0.28 2.84 4.16
C LEU B 47 1.18 3.26 3.98
N ASN B 48 1.87 3.48 5.05
CA ASN B 48 3.29 3.91 4.95
C ASN B 48 4.18 2.67 4.92
N VAL B 49 5.21 2.69 4.13
CA VAL B 49 6.12 1.50 4.06
C VAL B 49 7.56 1.94 4.33
N THR B 50 7.97 1.91 5.58
CA THR B 50 9.36 2.31 5.93
C THR B 50 10.31 1.16 5.64
N LEU B 51 10.96 1.18 4.50
CA LEU B 51 11.93 0.11 4.15
C LEU B 51 13.28 0.43 4.82
N PRO B 52 13.96 -0.58 5.32
CA PRO B 52 15.28 -0.42 5.99
C PRO B 52 16.42 -0.35 4.95
N GLU B 53 17.64 -0.41 5.41
CA GLU B 53 18.81 -0.34 4.48
C GLU B 53 18.71 -1.46 3.43
N ALA B 54 19.38 -1.29 2.31
CA ALA B 54 19.34 -2.33 1.25
C ALA B 54 20.24 -1.90 0.08
N GLU B 55 20.47 -2.78 -0.85
CA GLU B 55 21.34 -2.43 -2.01
C GLU B 55 21.31 -3.58 -3.04
N GLU B 56 21.75 -4.75 -2.64
CA GLU B 56 21.75 -5.90 -3.57
C GLU B 56 22.25 -7.16 -2.82
N LEU B 57 21.85 -7.31 -1.58
CA LEU B 57 22.30 -8.50 -0.79
C LEU B 57 21.19 -9.56 -0.81
N LYS B 58 21.56 -10.80 -0.65
CA LYS B 58 20.53 -11.89 -0.65
C LYS B 58 20.64 -12.69 0.65
N ARG A 1 11.41 8.46 -13.17
CA ARG A 1 10.87 7.28 -12.43
C ARG A 1 11.84 6.90 -11.30
N SER A 2 11.78 7.60 -10.20
CA SER A 2 12.70 7.30 -9.05
C SER A 2 12.46 5.86 -8.56
N ASP A 3 11.32 5.27 -8.88
CA ASP A 3 11.05 3.88 -8.42
C ASP A 3 11.62 2.86 -9.42
N ALA A 4 12.46 3.29 -10.34
CA ALA A 4 13.06 2.33 -11.30
C ALA A 4 14.37 1.77 -10.75
N GLU A 5 14.92 2.38 -9.72
CA GLU A 5 16.19 1.89 -9.13
C GLU A 5 16.04 0.46 -8.58
N PRO A 6 14.97 0.16 -7.86
CA PRO A 6 14.74 -1.19 -7.27
C PRO A 6 14.05 -2.12 -8.27
N HIS A 7 13.07 -1.62 -9.00
CA HIS A 7 12.33 -2.46 -10.00
C HIS A 7 11.36 -3.42 -9.30
N TYR A 8 11.27 -3.39 -7.99
CA TYR A 8 10.34 -4.30 -7.27
C TYR A 8 9.38 -3.46 -6.43
N LEU A 9 9.85 -2.36 -5.88
CA LEU A 9 8.98 -1.47 -5.05
C LEU A 9 7.68 -1.11 -5.81
N PRO A 10 7.79 -0.64 -7.04
CA PRO A 10 6.61 -0.27 -7.87
C PRO A 10 5.87 -1.53 -8.36
N GLN A 11 6.51 -2.66 -8.29
CA GLN A 11 5.85 -3.93 -8.71
C GLN A 11 4.89 -4.36 -7.60
N LEU A 12 5.26 -4.10 -6.37
CA LEU A 12 4.39 -4.49 -5.22
C LEU A 12 3.21 -3.53 -5.13
N ARG A 13 3.43 -2.25 -5.28
CA ARG A 13 2.31 -1.27 -5.19
C ARG A 13 1.28 -1.60 -6.27
N LYS A 14 1.73 -1.88 -7.46
CA LYS A 14 0.77 -2.22 -8.54
C LYS A 14 0.08 -3.53 -8.18
N ASP A 15 0.77 -4.39 -7.47
CA ASP A 15 0.16 -5.68 -7.07
C ASP A 15 -0.97 -5.41 -6.08
N ILE A 16 -0.74 -4.56 -5.09
CA ILE A 16 -1.83 -4.26 -4.11
C ILE A 16 -3.03 -3.67 -4.86
N LEU A 17 -2.78 -3.00 -5.95
CA LEU A 17 -3.89 -2.43 -6.76
C LEU A 17 -4.68 -3.58 -7.35
N GLU A 18 -3.99 -4.57 -7.88
CA GLU A 18 -4.68 -5.75 -8.46
C GLU A 18 -5.28 -6.55 -7.31
N VAL A 19 -4.59 -6.59 -6.19
CA VAL A 19 -5.11 -7.33 -5.01
C VAL A 19 -6.43 -6.68 -4.59
N ILE A 20 -6.42 -5.40 -4.31
CA ILE A 20 -7.70 -4.71 -3.93
C ILE A 20 -8.73 -4.94 -5.05
N CYS A 21 -8.27 -5.20 -6.25
CA CYS A 21 -9.19 -5.45 -7.39
C CYS A 21 -9.81 -6.84 -7.23
N LYS A 22 -8.99 -7.84 -6.95
CA LYS A 22 -9.52 -9.23 -6.80
C LYS A 22 -10.59 -9.27 -5.71
N TYR A 23 -10.47 -8.44 -4.72
CA TYR A 23 -11.44 -8.43 -3.60
C TYR A 23 -12.41 -7.24 -3.75
N VAL A 24 -12.08 -6.27 -4.58
CA VAL A 24 -12.98 -5.08 -4.74
C VAL A 24 -12.78 -4.54 -6.18
N GLN A 25 -12.71 -3.23 -6.38
CA GLN A 25 -12.52 -2.69 -7.76
C GLN A 25 -12.28 -1.19 -7.70
N ILE A 26 -11.08 -0.77 -7.98
CA ILE A 26 -10.75 0.69 -7.96
C ILE A 26 -9.81 1.00 -9.12
N ASP A 27 -9.62 2.26 -9.40
CA ASP A 27 -8.70 2.64 -10.52
C ASP A 27 -7.35 3.06 -9.92
N PRO A 28 -6.33 3.09 -10.75
CA PRO A 28 -4.95 3.49 -10.30
C PRO A 28 -4.91 5.00 -10.07
N GLU A 29 -5.69 5.75 -10.81
CA GLU A 29 -5.74 7.21 -10.61
C GLU A 29 -6.36 7.52 -9.24
N MET A 30 -6.99 6.54 -8.62
CA MET A 30 -7.61 6.77 -7.28
C MET A 30 -6.58 6.44 -6.19
N VAL A 31 -5.62 5.60 -6.49
CA VAL A 31 -4.60 5.24 -5.47
C VAL A 31 -3.33 6.08 -5.70
N THR A 32 -2.95 6.88 -4.72
CA THR A 32 -1.74 7.72 -4.86
C THR A 32 -0.51 6.97 -4.36
N VAL A 33 0.65 7.41 -4.72
CA VAL A 33 1.91 6.74 -4.27
C VAL A 33 2.96 7.81 -3.96
N GLN A 34 3.33 7.93 -2.72
CA GLN A 34 4.35 8.96 -2.34
C GLN A 34 5.45 8.32 -1.49
N LEU A 35 6.68 8.40 -1.95
CA LEU A 35 7.80 7.80 -1.20
C LEU A 35 8.46 8.85 -0.32
N GLU A 36 8.93 8.44 0.83
CA GLU A 36 9.60 9.39 1.76
C GLU A 36 10.92 8.77 2.23
N GLN A 37 11.67 9.47 3.04
CA GLN A 37 12.97 8.92 3.52
C GLN A 37 13.30 9.49 4.90
N LYS A 38 14.09 8.78 5.66
CA LYS A 38 14.47 9.26 7.02
C LYS A 38 15.95 9.65 7.03
N ASP A 39 16.42 10.21 8.11
CA ASP A 39 17.85 10.61 8.20
C ASP A 39 18.74 9.40 8.53
N GLY A 40 18.17 8.23 8.68
CA GLY A 40 19.00 7.03 9.00
C GLY A 40 19.15 6.15 7.76
N ASP A 41 19.19 6.76 6.60
CA ASP A 41 19.34 5.98 5.33
C ASP A 41 18.16 5.01 5.20
N ILE A 42 16.98 5.49 5.43
CA ILE A 42 15.77 4.61 5.34
C ILE A 42 14.75 5.23 4.39
N SER A 43 13.89 4.43 3.81
CA SER A 43 12.87 4.95 2.87
C SER A 43 11.48 4.73 3.45
N ILE A 44 10.48 5.36 2.89
CA ILE A 44 9.10 5.20 3.42
C ILE A 44 8.10 5.34 2.25
N LEU A 45 7.82 4.26 1.58
CA LEU A 45 6.86 4.31 0.43
C LEU A 45 5.42 4.33 0.98
N GLU A 46 4.77 5.45 0.86
CA GLU A 46 3.36 5.56 1.35
C GLU A 46 2.41 5.58 0.16
N LEU A 47 1.49 4.66 0.08
CA LEU A 47 0.54 4.65 -1.07
C LEU A 47 -0.88 4.90 -0.57
N ASN A 48 -1.52 5.92 -1.08
CA ASN A 48 -2.90 6.24 -0.64
C ASN A 48 -3.87 5.47 -1.52
N VAL A 49 -4.92 4.95 -0.94
CA VAL A 49 -5.90 4.18 -1.75
C VAL A 49 -7.29 4.81 -1.62
N THR A 50 -7.63 5.70 -2.52
CA THR A 50 -8.97 6.37 -2.46
C THR A 50 -10.04 5.39 -2.95
N LEU A 51 -10.65 4.66 -2.05
CA LEU A 51 -11.71 3.69 -2.46
C LEU A 51 -13.04 4.44 -2.59
N PRO A 52 -13.83 4.12 -3.60
CA PRO A 52 -15.15 4.78 -3.85
C PRO A 52 -16.25 4.13 -3.00
N GLU A 53 -17.46 4.62 -3.10
CA GLU A 53 -18.58 4.04 -2.30
C GLU A 53 -18.77 2.56 -2.65
N ALA A 54 -19.85 1.98 -2.19
CA ALA A 54 -20.11 0.54 -2.49
C ALA A 54 -21.49 0.17 -1.94
N GLU A 55 -22.09 -0.86 -2.50
CA GLU A 55 -23.43 -1.29 -2.02
C GLU A 55 -23.86 -2.55 -2.78
N GLU A 56 -23.28 -3.68 -2.44
CA GLU A 56 -23.64 -4.95 -3.13
C GLU A 56 -22.98 -6.13 -2.40
N LEU A 57 -22.85 -6.05 -1.10
CA LEU A 57 -22.22 -7.15 -0.33
C LEU A 57 -23.30 -8.15 0.10
N LYS A 58 -23.55 -9.14 -0.71
CA LYS A 58 -24.59 -10.16 -0.36
C LYS A 58 -23.92 -11.53 -0.19
N ARG B 1 -11.18 -2.52 15.62
CA ARG B 1 -10.70 -2.87 14.25
C ARG B 1 -11.65 -2.28 13.21
N SER B 2 -11.51 -1.01 12.92
CA SER B 2 -12.41 -0.35 11.92
C SER B 2 -12.26 -1.04 10.55
N ASP B 3 -11.18 -1.75 10.34
CA ASP B 3 -10.98 -2.43 9.03
C ASP B 3 -11.66 -3.82 9.03
N ALA B 4 -12.49 -4.10 10.00
CA ALA B 4 -13.18 -5.42 10.03
C ALA B 4 -14.51 -5.34 9.28
N GLU B 5 -14.98 -4.15 8.99
CA GLU B 5 -16.28 -3.99 8.27
C GLU B 5 -16.21 -4.63 6.87
N PRO B 6 -15.14 -4.40 6.11
CA PRO B 6 -14.98 -4.95 4.73
C PRO B 6 -14.38 -6.37 4.77
N HIS B 7 -13.40 -6.59 5.61
CA HIS B 7 -12.74 -7.94 5.72
C HIS B 7 -11.83 -8.20 4.50
N TYR B 8 -11.70 -7.25 3.60
CA TYR B 8 -10.81 -7.45 2.42
C TYR B 8 -9.77 -6.32 2.39
N LEU B 9 -10.15 -5.13 2.78
CA LEU B 9 -9.20 -3.99 2.81
C LEU B 9 -7.90 -4.36 3.55
N PRO B 10 -8.01 -4.88 4.76
CA PRO B 10 -6.82 -5.29 5.57
C PRO B 10 -6.20 -6.57 5.02
N GLN B 11 -6.91 -7.28 4.18
CA GLN B 11 -6.36 -8.51 3.57
C GLN B 11 -5.39 -8.10 2.46
N LEU B 12 -5.70 -7.02 1.78
CA LEU B 12 -4.84 -6.55 0.67
C LEU B 12 -3.58 -5.89 1.24
N ARG B 13 -3.73 -5.07 2.26
CA ARG B 13 -2.53 -4.39 2.85
C ARG B 13 -1.56 -5.45 3.36
N LYS B 14 -2.06 -6.46 4.02
CA LYS B 14 -1.17 -7.53 4.52
C LYS B 14 -0.56 -8.26 3.32
N ASP B 15 -1.28 -8.32 2.23
CA ASP B 15 -0.75 -8.99 1.01
C ASP B 15 0.42 -8.18 0.47
N ILE B 16 0.28 -6.86 0.36
CA ILE B 16 1.42 -6.04 -0.14
C ILE B 16 2.64 -6.22 0.76
N LEU B 17 2.40 -6.50 2.04
CA LEU B 17 3.53 -6.74 2.97
C LEU B 17 4.23 -8.03 2.55
N GLU B 18 3.44 -9.05 2.25
CA GLU B 18 4.04 -10.35 1.82
C GLU B 18 4.61 -10.14 0.43
N VAL B 19 3.94 -9.34 -0.38
CA VAL B 19 4.45 -9.06 -1.75
C VAL B 19 5.82 -8.39 -1.64
N ILE B 20 5.90 -7.29 -0.93
CA ILE B 20 7.25 -6.62 -0.74
C ILE B 20 8.23 -7.64 -0.14
N CYS B 21 7.71 -8.65 0.54
CA CYS B 21 8.58 -9.68 1.13
C CYS B 21 9.10 -10.60 0.03
N LYS B 22 8.24 -11.05 -0.84
CA LYS B 22 8.67 -11.96 -1.95
C LYS B 22 9.77 -11.30 -2.79
N TYR B 23 9.72 -9.99 -2.91
CA TYR B 23 10.73 -9.27 -3.71
C TYR B 23 11.77 -8.60 -2.80
N VAL B 24 11.49 -8.48 -1.52
CA VAL B 24 12.46 -7.82 -0.59
C VAL B 24 12.26 -8.43 0.82
N GLN B 25 12.28 -7.64 1.89
CA GLN B 25 12.08 -8.23 3.25
C GLN B 25 11.95 -7.10 4.28
N ILE B 26 10.77 -6.92 4.79
CA ILE B 26 10.55 -5.85 5.82
C ILE B 26 9.60 -6.38 6.89
N ASP B 27 9.48 -5.69 7.99
CA ASP B 27 8.56 -6.14 9.07
C ASP B 27 7.27 -5.34 8.99
N PRO B 28 6.22 -5.81 9.62
CA PRO B 28 4.89 -5.13 9.63
C PRO B 28 4.95 -3.90 10.52
N GLU B 29 5.77 -3.95 11.54
CA GLU B 29 5.92 -2.77 12.44
C GLU B 29 6.59 -1.63 11.67
N MET B 30 7.18 -1.93 10.52
CA MET B 30 7.85 -0.88 9.71
C MET B 30 6.83 -0.26 8.74
N VAL B 31 5.81 -0.99 8.39
CA VAL B 31 4.79 -0.47 7.44
C VAL B 31 3.58 0.06 8.22
N THR B 32 3.28 1.33 8.11
CA THR B 32 2.12 1.91 8.84
C THR B 32 0.87 1.82 7.98
N VAL B 33 -0.28 1.95 8.59
CA VAL B 33 -1.56 1.89 7.83
C VAL B 33 -2.52 2.93 8.39
N GLN B 34 -2.86 3.92 7.60
CA GLN B 34 -3.79 4.98 8.09
C GLN B 34 -4.90 5.20 7.07
N LEU B 35 -6.13 5.02 7.48
CA LEU B 35 -7.28 5.20 6.56
C LEU B 35 -7.84 6.61 6.70
N GLU B 36 -8.30 7.17 5.61
CA GLU B 36 -8.89 8.54 5.64
C GLU B 36 -10.22 8.52 4.91
N GLN B 37 -10.90 9.64 4.86
CA GLN B 37 -12.23 9.67 4.17
C GLN B 37 -12.48 11.06 3.59
N LYS B 38 -13.30 11.14 2.57
CA LYS B 38 -13.61 12.47 1.95
C LYS B 38 -15.06 12.85 2.26
N ASP B 39 -15.45 14.05 1.91
CA ASP B 39 -16.84 14.50 2.17
C ASP B 39 -17.80 13.94 1.10
N GLY B 40 -17.31 13.17 0.15
CA GLY B 40 -18.22 12.60 -0.89
C GLY B 40 -18.46 11.12 -0.62
N ASP B 41 -18.50 10.73 0.63
CA ASP B 41 -18.72 9.31 0.99
C ASP B 41 -17.63 8.45 0.36
N ILE B 42 -16.40 8.87 0.50
CA ILE B 42 -15.27 8.10 -0.09
C ILE B 42 -14.23 7.79 0.99
N SER B 43 -13.44 6.76 0.81
CA SER B 43 -12.42 6.41 1.82
C SER B 43 -11.03 6.55 1.21
N ILE B 44 -10.01 6.54 2.03
CA ILE B 44 -8.62 6.71 1.50
C ILE B 44 -7.65 5.91 2.39
N LEU B 45 -7.47 4.65 2.11
CA LEU B 45 -6.53 3.82 2.92
C LEU B 45 -5.09 4.12 2.52
N GLU B 46 -4.35 4.78 3.37
CA GLU B 46 -2.93 5.11 3.05
C GLU B 46 -2.03 4.22 3.89
N LEU B 47 -1.16 3.46 3.27
CA LEU B 47 -0.25 2.58 4.06
C LEU B 47 1.19 3.01 3.82
N ASN B 48 1.90 3.31 4.89
CA ASN B 48 3.30 3.75 4.76
C ASN B 48 4.20 2.53 4.83
N VAL B 49 5.22 2.49 4.01
CA VAL B 49 6.13 1.32 4.02
C VAL B 49 7.56 1.77 4.33
N THR B 50 7.94 1.72 5.58
CA THR B 50 9.30 2.15 5.97
C THR B 50 10.29 1.04 5.60
N LEU B 51 10.87 1.11 4.43
CA LEU B 51 11.85 0.08 4.01
C LEU B 51 13.24 0.43 4.60
N PRO B 52 13.97 -0.57 5.06
CA PRO B 52 15.33 -0.38 5.66
C PRO B 52 16.40 -0.31 4.57
N GLU B 53 17.63 -0.12 4.95
CA GLU B 53 18.74 -0.04 3.95
C GLU B 53 18.82 -1.33 3.14
N ALA B 54 19.87 -1.50 2.38
CA ALA B 54 20.02 -2.73 1.57
C ALA B 54 21.39 -2.72 0.88
N GLU B 55 21.89 -3.88 0.54
CA GLU B 55 23.22 -3.94 -0.14
C GLU B 55 23.54 -5.40 -0.51
N GLU B 56 22.89 -5.91 -1.53
CA GLU B 56 23.15 -7.32 -1.95
C GLU B 56 22.42 -7.60 -3.27
N LEU B 57 22.34 -6.61 -4.13
CA LEU B 57 21.66 -6.80 -5.43
C LEU B 57 22.67 -7.28 -6.48
N LYS B 58 22.83 -8.57 -6.61
CA LYS B 58 23.81 -9.11 -7.60
C LYS B 58 23.06 -9.92 -8.66
N ARG A 1 11.03 8.82 -12.93
CA ARG A 1 10.65 7.51 -12.33
C ARG A 1 11.69 7.10 -11.28
N SER A 2 11.73 7.81 -10.18
CA SER A 2 12.73 7.48 -9.11
C SER A 2 12.50 6.05 -8.59
N ASP A 3 11.33 5.50 -8.82
CA ASP A 3 11.06 4.11 -8.33
C ASP A 3 11.51 3.08 -9.38
N ALA A 4 12.28 3.48 -10.36
CA ALA A 4 12.76 2.51 -11.38
C ALA A 4 14.11 1.92 -10.95
N GLU A 5 14.75 2.52 -9.96
CA GLU A 5 16.07 2.00 -9.50
C GLU A 5 15.95 0.56 -8.95
N PRO A 6 14.93 0.26 -8.15
CA PRO A 6 14.73 -1.10 -7.57
C PRO A 6 13.99 -2.01 -8.54
N HIS A 7 12.97 -1.51 -9.21
CA HIS A 7 12.18 -2.34 -10.18
C HIS A 7 11.27 -3.33 -9.44
N TYR A 8 11.27 -3.33 -8.13
CA TYR A 8 10.38 -4.27 -7.37
C TYR A 8 9.44 -3.45 -6.50
N LEU A 9 9.90 -2.36 -5.96
CA LEU A 9 9.05 -1.48 -5.10
C LEU A 9 7.72 -1.13 -5.83
N PRO A 10 7.81 -0.64 -7.05
CA PRO A 10 6.60 -0.27 -7.86
C PRO A 10 5.86 -1.53 -8.33
N GLN A 11 6.50 -2.67 -8.27
CA GLN A 11 5.82 -3.93 -8.67
C GLN A 11 4.89 -4.35 -7.53
N LEU A 12 5.26 -4.06 -6.32
CA LEU A 12 4.44 -4.44 -5.15
C LEU A 12 3.24 -3.49 -5.05
N ARG A 13 3.45 -2.21 -5.22
CA ARG A 13 2.33 -1.25 -5.13
C ARG A 13 1.29 -1.59 -6.20
N LYS A 14 1.73 -1.91 -7.40
CA LYS A 14 0.76 -2.26 -8.45
C LYS A 14 0.05 -3.56 -8.04
N ASP A 15 0.76 -4.42 -7.34
CA ASP A 15 0.15 -5.70 -6.89
C ASP A 15 -1.00 -5.38 -5.93
N ILE A 16 -0.78 -4.50 -4.97
CA ILE A 16 -1.87 -4.15 -4.01
C ILE A 16 -3.06 -3.58 -4.78
N LEU A 17 -2.80 -2.93 -5.90
CA LEU A 17 -3.90 -2.37 -6.72
C LEU A 17 -4.70 -3.52 -7.32
N GLU A 18 -4.02 -4.46 -7.91
CA GLU A 18 -4.72 -5.65 -8.49
C GLU A 18 -5.33 -6.44 -7.36
N VAL A 19 -4.62 -6.52 -6.26
CA VAL A 19 -5.14 -7.29 -5.10
C VAL A 19 -6.47 -6.66 -4.66
N ILE A 20 -6.47 -5.37 -4.38
CA ILE A 20 -7.75 -4.69 -3.99
C ILE A 20 -8.80 -4.94 -5.09
N CYS A 21 -8.36 -5.20 -6.29
CA CYS A 21 -9.30 -5.47 -7.40
C CYS A 21 -9.88 -6.88 -7.23
N LYS A 22 -9.05 -7.85 -6.93
CA LYS A 22 -9.54 -9.25 -6.75
C LYS A 22 -10.61 -9.29 -5.66
N TYR A 23 -10.48 -8.46 -4.66
CA TYR A 23 -11.44 -8.45 -3.54
C TYR A 23 -12.43 -7.27 -3.70
N VAL A 24 -12.13 -6.32 -4.55
CA VAL A 24 -13.04 -5.13 -4.72
C VAL A 24 -12.87 -4.61 -6.17
N GLN A 25 -12.83 -3.30 -6.39
CA GLN A 25 -12.66 -2.79 -7.78
C GLN A 25 -12.39 -1.28 -7.73
N ILE A 26 -11.17 -0.90 -8.01
CA ILE A 26 -10.80 0.55 -8.00
C ILE A 26 -9.86 0.84 -9.17
N ASP A 27 -9.62 2.09 -9.46
CA ASP A 27 -8.70 2.44 -10.57
C ASP A 27 -7.35 2.87 -9.98
N PRO A 28 -6.32 2.91 -10.81
CA PRO A 28 -4.95 3.32 -10.37
C PRO A 28 -4.90 4.83 -10.15
N GLU A 29 -5.71 5.56 -10.87
CA GLU A 29 -5.77 7.04 -10.67
C GLU A 29 -6.37 7.34 -9.29
N MET A 30 -6.98 6.36 -8.65
CA MET A 30 -7.58 6.60 -7.31
C MET A 30 -6.57 6.26 -6.21
N VAL A 31 -5.39 5.80 -6.56
CA VAL A 31 -4.37 5.45 -5.52
C VAL A 31 -3.12 6.32 -5.69
N THR A 32 -2.62 6.87 -4.62
CA THR A 32 -1.41 7.73 -4.70
C THR A 32 -0.18 6.94 -4.23
N VAL A 33 0.99 7.41 -4.56
CA VAL A 33 2.24 6.70 -4.14
C VAL A 33 3.33 7.73 -3.88
N GLN A 34 3.68 7.93 -2.63
CA GLN A 34 4.74 8.93 -2.30
C GLN A 34 5.86 8.26 -1.51
N LEU A 35 7.09 8.46 -1.90
CA LEU A 35 8.23 7.84 -1.17
C LEU A 35 8.98 8.90 -0.37
N GLU A 36 9.64 8.50 0.68
CA GLU A 36 10.40 9.47 1.51
C GLU A 36 11.64 8.77 2.07
N GLN A 37 12.42 9.46 2.87
CA GLN A 37 13.65 8.84 3.45
C GLN A 37 13.88 9.38 4.85
N LYS A 38 14.52 8.61 5.70
CA LYS A 38 14.79 9.07 7.09
C LYS A 38 16.30 9.35 7.26
N ASP A 39 16.67 10.01 8.32
CA ASP A 39 18.11 10.31 8.54
C ASP A 39 18.82 9.07 9.13
N GLY A 40 18.80 7.99 8.40
CA GLY A 40 19.47 6.75 8.91
C GLY A 40 19.59 5.73 7.77
N ASP A 41 19.73 6.19 6.56
CA ASP A 41 19.84 5.27 5.38
C ASP A 41 18.58 4.41 5.29
N ILE A 42 17.44 5.02 5.48
CA ILE A 42 16.15 4.27 5.43
C ILE A 42 15.21 4.95 4.44
N SER A 43 14.33 4.20 3.84
CA SER A 43 13.38 4.80 2.85
C SER A 43 11.95 4.66 3.36
N ILE A 44 11.02 5.29 2.69
CA ILE A 44 9.59 5.22 3.11
C ILE A 44 8.71 5.20 1.86
N LEU A 45 7.47 4.82 2.00
CA LEU A 45 6.55 4.81 0.83
C LEU A 45 5.10 4.81 1.32
N GLU A 46 4.45 5.94 1.26
CA GLU A 46 3.04 6.03 1.72
C GLU A 46 2.11 6.06 0.52
N LEU A 47 1.54 4.94 0.16
CA LEU A 47 0.61 4.91 -1.01
C LEU A 47 -0.82 5.17 -0.52
N ASN A 48 -1.47 6.16 -1.08
CA ASN A 48 -2.85 6.49 -0.66
C ASN A 48 -3.82 5.65 -1.49
N VAL A 49 -4.86 5.15 -0.89
CA VAL A 49 -5.84 4.34 -1.66
C VAL A 49 -7.24 4.92 -1.47
N THR A 50 -7.75 5.58 -2.48
CA THR A 50 -9.11 6.19 -2.38
C THR A 50 -10.14 5.22 -2.96
N LEU A 51 -10.92 4.61 -2.10
CA LEU A 51 -11.96 3.66 -2.57
C LEU A 51 -13.26 4.46 -2.84
N PRO A 52 -13.97 4.14 -3.90
CA PRO A 52 -15.24 4.83 -4.27
C PRO A 52 -16.43 4.26 -3.49
N GLU A 53 -17.61 4.75 -3.77
CA GLU A 53 -18.82 4.27 -3.04
C GLU A 53 -19.00 2.76 -3.26
N ALA A 54 -19.87 2.16 -2.49
CA ALA A 54 -20.12 0.70 -2.63
C ALA A 54 -21.17 0.26 -1.62
N GLU A 55 -22.28 -0.25 -2.07
CA GLU A 55 -23.36 -0.69 -1.14
C GLU A 55 -24.51 -1.31 -1.93
N GLU A 56 -24.21 -2.12 -2.91
CA GLU A 56 -25.29 -2.76 -3.73
C GLU A 56 -26.13 -1.68 -4.41
N LEU A 57 -25.51 -0.61 -4.85
CA LEU A 57 -26.27 0.48 -5.53
C LEU A 57 -25.98 0.44 -7.03
N LYS A 58 -26.91 0.90 -7.83
CA LYS A 58 -26.71 0.90 -9.31
C LYS A 58 -26.40 2.32 -9.79
N ARG B 1 -10.76 -2.12 15.70
CA ARG B 1 -10.44 -2.65 14.34
C ARG B 1 -11.49 -2.12 13.34
N SER B 2 -11.45 -0.85 13.05
CA SER B 2 -12.43 -0.27 12.10
C SER B 2 -12.29 -0.92 10.72
N ASP B 3 -11.17 -1.54 10.45
CA ASP B 3 -10.98 -2.21 9.13
C ASP B 3 -11.53 -3.64 9.14
N ALA B 4 -12.30 -3.99 10.15
CA ALA B 4 -12.86 -5.37 10.21
C ALA B 4 -14.24 -5.39 9.52
N GLU B 5 -14.82 -4.24 9.27
CA GLU B 5 -16.15 -4.19 8.60
C GLU B 5 -16.12 -4.82 7.19
N PRO B 6 -15.10 -4.54 6.40
CA PRO B 6 -14.98 -5.10 5.01
C PRO B 6 -14.33 -6.48 5.03
N HIS B 7 -13.31 -6.67 5.84
CA HIS B 7 -12.60 -7.99 5.92
C HIS B 7 -11.73 -8.24 4.67
N TYR B 8 -11.69 -7.31 3.74
CA TYR B 8 -10.85 -7.50 2.53
C TYR B 8 -9.82 -6.37 2.45
N LEU B 9 -10.21 -5.18 2.85
CA LEU B 9 -9.27 -4.02 2.83
C LEU B 9 -7.94 -4.38 3.56
N PRO B 10 -8.03 -4.89 4.78
CA PRO B 10 -6.82 -5.27 5.57
C PRO B 10 -6.18 -6.54 5.00
N GLN B 11 -6.89 -7.26 4.17
CA GLN B 11 -6.32 -8.49 3.55
C GLN B 11 -5.38 -8.05 2.41
N LEU B 12 -5.71 -6.97 1.77
CA LEU B 12 -4.87 -6.47 0.65
C LEU B 12 -3.61 -5.81 1.21
N ARG B 13 -3.75 -5.00 2.24
CA ARG B 13 -2.56 -4.34 2.83
C ARG B 13 -1.57 -5.40 3.31
N LYS B 14 -2.07 -6.43 3.95
CA LYS B 14 -1.15 -7.50 4.42
C LYS B 14 -0.53 -8.18 3.20
N ASP B 15 -1.27 -8.24 2.11
CA ASP B 15 -0.73 -8.87 0.88
C ASP B 15 0.46 -8.05 0.39
N ILE B 16 0.32 -6.74 0.33
CA ILE B 16 1.47 -5.89 -0.14
C ILE B 16 2.67 -6.10 0.79
N LEU B 17 2.41 -6.42 2.04
CA LEU B 17 3.53 -6.67 2.99
C LEU B 17 4.24 -7.96 2.58
N GLU B 18 3.48 -9.01 2.35
CA GLU B 18 4.08 -10.30 1.92
C GLU B 18 4.66 -10.10 0.53
N VAL B 19 3.99 -9.33 -0.29
CA VAL B 19 4.49 -9.09 -1.67
C VAL B 19 5.86 -8.43 -1.56
N ILE B 20 5.96 -7.32 -0.86
CA ILE B 20 7.30 -6.65 -0.70
C ILE B 20 8.29 -7.67 -0.13
N CYS B 21 7.79 -8.67 0.57
CA CYS B 21 8.69 -9.72 1.13
C CYS B 21 9.18 -10.62 0.00
N LYS B 22 8.28 -11.04 -0.86
CA LYS B 22 8.69 -11.94 -2.00
C LYS B 22 9.78 -11.28 -2.84
N TYR B 23 9.73 -9.97 -2.95
CA TYR B 23 10.74 -9.25 -3.77
C TYR B 23 11.79 -8.59 -2.86
N VAL B 24 11.53 -8.49 -1.57
CA VAL B 24 12.52 -7.85 -0.64
C VAL B 24 12.35 -8.48 0.76
N GLN B 25 12.39 -7.71 1.83
CA GLN B 25 12.21 -8.31 3.19
C GLN B 25 12.05 -7.20 4.23
N ILE B 26 10.86 -7.04 4.74
CA ILE B 26 10.59 -5.98 5.76
C ILE B 26 9.63 -6.54 6.81
N ASP B 27 9.47 -5.84 7.90
CA ASP B 27 8.55 -6.31 8.97
C ASP B 27 7.25 -5.51 8.89
N PRO B 28 6.20 -5.98 9.54
CA PRO B 28 4.88 -5.29 9.55
C PRO B 28 4.94 -4.06 10.46
N GLU B 29 5.78 -4.11 11.45
CA GLU B 29 5.93 -2.94 12.36
C GLU B 29 6.59 -1.79 11.58
N MET B 30 7.15 -2.07 10.42
CA MET B 30 7.81 -1.01 9.61
C MET B 30 6.81 -0.41 8.62
N VAL B 31 5.58 -0.89 8.58
CA VAL B 31 4.58 -0.34 7.63
C VAL B 31 3.39 0.25 8.40
N THR B 32 2.96 1.43 8.03
CA THR B 32 1.80 2.06 8.73
C THR B 32 0.54 1.92 7.89
N VAL B 33 -0.61 2.08 8.49
CA VAL B 33 -1.89 1.96 7.73
C VAL B 33 -2.90 2.96 8.29
N GLN B 34 -3.20 4.00 7.56
CA GLN B 34 -4.18 5.01 8.06
C GLN B 34 -5.32 5.18 7.05
N LEU B 35 -6.55 5.13 7.51
CA LEU B 35 -7.70 5.28 6.58
C LEU B 35 -8.36 6.65 6.79
N GLU B 36 -9.00 7.15 5.78
CA GLU B 36 -9.69 8.46 5.89
C GLU B 36 -10.96 8.45 5.04
N GLN B 37 -11.66 9.56 4.98
CA GLN B 37 -12.91 9.61 4.17
C GLN B 37 -13.06 11.00 3.56
N LYS B 38 -13.74 11.09 2.43
CA LYS B 38 -13.94 12.42 1.78
C LYS B 38 -15.40 12.82 1.90
N ASP B 39 -15.71 14.07 1.63
CA ASP B 39 -17.11 14.54 1.73
C ASP B 39 -17.89 14.12 0.46
N GLY B 40 -17.97 12.84 0.20
CA GLY B 40 -18.70 12.37 -1.00
C GLY B 40 -18.92 10.85 -0.91
N ASP B 41 -19.07 10.34 0.28
CA ASP B 41 -19.28 8.87 0.46
C ASP B 41 -18.08 8.12 -0.12
N ILE B 42 -16.90 8.60 0.14
CA ILE B 42 -15.67 7.94 -0.38
C ILE B 42 -14.71 7.67 0.77
N SER B 43 -13.90 6.65 0.65
CA SER B 43 -12.94 6.32 1.75
C SER B 43 -11.50 6.48 1.24
N ILE B 44 -10.56 6.39 2.14
CA ILE B 44 -9.12 6.54 1.75
C ILE B 44 -8.28 5.58 2.60
N LEU B 45 -7.06 5.33 2.19
CA LEU B 45 -6.18 4.44 2.99
C LEU B 45 -4.72 4.67 2.60
N GLU B 46 -4.00 5.39 3.42
CA GLU B 46 -2.57 5.69 3.11
C GLU B 46 -1.67 4.79 3.96
N LEU B 47 -1.19 3.70 3.40
CA LEU B 47 -0.30 2.81 4.19
C LEU B 47 1.15 3.24 3.98
N ASN B 48 1.85 3.49 5.06
CA ASN B 48 3.27 3.92 4.95
C ASN B 48 4.15 2.69 4.93
N VAL B 49 5.17 2.69 4.12
CA VAL B 49 6.08 1.50 4.05
C VAL B 49 7.52 1.95 4.30
N THR B 50 8.04 1.66 5.47
CA THR B 50 9.44 2.07 5.78
C THR B 50 10.39 0.92 5.48
N LEU B 51 11.14 1.04 4.42
CA LEU B 51 12.11 -0.04 4.06
C LEU B 51 13.44 0.24 4.77
N PRO B 52 14.10 -0.78 5.28
CA PRO B 52 15.41 -0.64 5.99
C PRO B 52 16.57 -0.57 5.01
N GLU B 53 17.78 -0.49 5.51
CA GLU B 53 18.97 -0.41 4.62
C GLU B 53 19.05 -1.63 3.71
N ALA B 54 19.89 -1.59 2.72
CA ALA B 54 20.03 -2.74 1.78
C ALA B 54 21.08 -2.40 0.72
N GLU B 55 22.14 -3.16 0.66
CA GLU B 55 23.21 -2.88 -0.36
C GLU B 55 24.30 -3.95 -0.25
N GLU B 56 23.92 -5.20 -0.13
CA GLU B 56 24.92 -6.30 -0.02
C GLU B 56 25.82 -6.08 1.19
N LEU B 57 25.26 -5.60 2.28
CA LEU B 57 26.08 -5.35 3.50
C LEU B 57 25.74 -6.42 4.55
N LYS B 58 26.68 -6.72 5.42
CA LYS B 58 26.43 -7.74 6.47
C LYS B 58 26.22 -7.06 7.82
N ARG A 1 11.24 8.47 -13.06
CA ARG A 1 10.59 7.76 -11.92
C ARG A 1 11.66 7.31 -10.92
N SER A 2 11.70 7.95 -9.78
CA SER A 2 12.71 7.57 -8.74
C SER A 2 12.47 6.14 -8.26
N ASP A 3 11.31 5.58 -8.52
CA ASP A 3 11.03 4.20 -8.07
C ASP A 3 11.53 3.17 -9.10
N ALA A 4 12.35 3.58 -10.04
CA ALA A 4 12.87 2.62 -11.06
C ALA A 4 14.21 2.03 -10.58
N GLU A 5 14.81 2.63 -9.57
CA GLU A 5 16.12 2.12 -9.06
C GLU A 5 15.99 0.67 -8.52
N PRO A 6 14.95 0.36 -7.78
CA PRO A 6 14.73 -1.00 -7.20
C PRO A 6 14.05 -1.94 -8.21
N HIS A 7 13.03 -1.44 -8.90
CA HIS A 7 12.29 -2.28 -9.91
C HIS A 7 11.34 -3.27 -9.21
N TYR A 8 11.33 -3.30 -7.90
CA TYR A 8 10.42 -4.25 -7.17
C TYR A 8 9.44 -3.43 -6.33
N LEU A 9 9.89 -2.32 -5.79
CA LEU A 9 9.00 -1.45 -4.95
C LEU A 9 7.70 -1.11 -5.72
N PRO A 10 7.81 -0.64 -6.95
CA PRO A 10 6.64 -0.28 -7.80
C PRO A 10 5.91 -1.54 -8.29
N GLN A 11 6.55 -2.67 -8.21
CA GLN A 11 5.90 -3.94 -8.65
C GLN A 11 4.94 -4.38 -7.53
N LEU A 12 5.29 -4.10 -6.30
CA LEU A 12 4.43 -4.51 -5.17
C LEU A 12 3.24 -3.55 -5.06
N ARG A 13 3.46 -2.27 -5.23
CA ARG A 13 2.34 -1.30 -5.13
C ARG A 13 1.31 -1.61 -6.22
N LYS A 14 1.76 -1.89 -7.41
CA LYS A 14 0.81 -2.22 -8.49
C LYS A 14 0.10 -3.54 -8.13
N ASP A 15 0.81 -4.41 -7.43
CA ASP A 15 0.19 -5.70 -7.03
C ASP A 15 -0.94 -5.42 -6.04
N ILE A 16 -0.73 -4.56 -5.07
CA ILE A 16 -1.83 -4.25 -4.09
C ILE A 16 -3.03 -3.66 -4.85
N LEU A 17 -2.77 -2.98 -5.93
CA LEU A 17 -3.88 -2.40 -6.74
C LEU A 17 -4.67 -3.56 -7.35
N GLU A 18 -3.98 -4.52 -7.89
CA GLU A 18 -4.67 -5.70 -8.49
C GLU A 18 -5.27 -6.50 -7.35
N VAL A 19 -4.57 -6.57 -6.25
CA VAL A 19 -5.09 -7.32 -5.08
C VAL A 19 -6.41 -6.69 -4.65
N ILE A 20 -6.41 -5.39 -4.39
CA ILE A 20 -7.70 -4.70 -4.03
C ILE A 20 -8.72 -4.94 -5.15
N CYS A 21 -8.25 -5.22 -6.34
CA CYS A 21 -9.16 -5.48 -7.47
C CYS A 21 -9.77 -6.87 -7.31
N LYS A 22 -8.96 -7.85 -7.02
CA LYS A 22 -9.48 -9.25 -6.85
C LYS A 22 -10.56 -9.29 -5.77
N TYR A 23 -10.45 -8.45 -4.78
CA TYR A 23 -11.43 -8.43 -3.67
C TYR A 23 -12.40 -7.25 -3.85
N VAL A 24 -12.07 -6.28 -4.67
CA VAL A 24 -12.96 -5.09 -4.87
C VAL A 24 -12.74 -4.55 -6.30
N GLN A 25 -12.68 -3.24 -6.50
CA GLN A 25 -12.46 -2.71 -7.88
C GLN A 25 -12.22 -1.20 -7.82
N ILE A 26 -11.01 -0.78 -8.06
CA ILE A 26 -10.68 0.67 -8.02
C ILE A 26 -9.71 1.00 -9.16
N ASP A 27 -9.50 2.26 -9.43
CA ASP A 27 -8.57 2.65 -10.51
C ASP A 27 -7.22 3.08 -9.90
N PRO A 28 -6.19 3.14 -10.69
CA PRO A 28 -4.83 3.56 -10.21
C PRO A 28 -4.80 5.06 -9.96
N GLU A 29 -5.59 5.80 -10.69
CA GLU A 29 -5.66 7.27 -10.47
C GLU A 29 -6.31 7.54 -9.10
N MET A 30 -6.93 6.54 -8.50
CA MET A 30 -7.57 6.74 -7.18
C MET A 30 -6.56 6.42 -6.06
N VAL A 31 -5.56 5.61 -6.37
CA VAL A 31 -4.55 5.26 -5.33
C VAL A 31 -3.29 6.11 -5.53
N THR A 32 -2.90 6.85 -4.52
CA THR A 32 -1.69 7.71 -4.64
C THR A 32 -0.45 6.92 -4.22
N VAL A 33 0.70 7.36 -4.64
CA VAL A 33 1.96 6.67 -4.27
C VAL A 33 3.04 7.71 -4.04
N GLN A 34 3.67 7.71 -2.90
CA GLN A 34 4.72 8.72 -2.61
C GLN A 34 5.83 8.08 -1.77
N LEU A 35 7.07 8.22 -2.20
CA LEU A 35 8.19 7.61 -1.45
C LEU A 35 8.90 8.68 -0.62
N GLU A 36 9.37 8.30 0.54
CA GLU A 36 10.10 9.26 1.42
C GLU A 36 11.38 8.59 1.92
N GLN A 37 12.18 9.29 2.68
CA GLN A 37 13.44 8.69 3.19
C GLN A 37 13.81 9.31 4.54
N LYS A 38 14.52 8.59 5.37
CA LYS A 38 14.91 9.14 6.70
C LYS A 38 16.40 9.48 6.69
N ASP A 39 16.90 10.08 7.75
CA ASP A 39 18.34 10.44 7.81
C ASP A 39 19.19 9.20 8.16
N GLY A 40 18.58 8.08 8.46
CA GLY A 40 19.38 6.86 8.81
C GLY A 40 19.49 5.95 7.60
N ASP A 41 19.54 6.51 6.42
CA ASP A 41 19.65 5.69 5.17
C ASP A 41 18.46 4.73 5.09
N ILE A 42 17.28 5.25 5.28
CA ILE A 42 16.06 4.40 5.23
C ILE A 42 15.06 4.99 4.24
N SER A 43 14.12 4.19 3.78
CA SER A 43 13.12 4.70 2.80
C SER A 43 11.72 4.59 3.39
N ILE A 44 10.76 5.25 2.80
CA ILE A 44 9.37 5.21 3.33
C ILE A 44 8.39 5.32 2.16
N LEU A 45 8.02 4.22 1.56
CA LEU A 45 7.07 4.25 0.42
C LEU A 45 5.64 4.27 0.94
N GLU A 46 5.00 5.41 0.88
CA GLU A 46 3.60 5.51 1.36
C GLU A 46 2.67 5.58 0.16
N LEU A 47 1.50 5.00 0.25
CA LEU A 47 0.55 5.03 -0.91
C LEU A 47 -0.87 5.25 -0.40
N ASN A 48 -1.57 6.19 -0.97
CA ASN A 48 -2.96 6.46 -0.55
C ASN A 48 -3.91 5.60 -1.38
N VAL A 49 -4.96 5.10 -0.80
CA VAL A 49 -5.91 4.26 -1.58
C VAL A 49 -7.31 4.86 -1.48
N THR A 50 -7.65 5.73 -2.41
CA THR A 50 -9.00 6.37 -2.39
C THR A 50 -10.04 5.39 -2.95
N LEU A 51 -10.69 4.64 -2.09
CA LEU A 51 -11.72 3.68 -2.57
C LEU A 51 -13.05 4.43 -2.74
N PRO A 52 -13.78 4.15 -3.80
CA PRO A 52 -15.10 4.81 -4.10
C PRO A 52 -16.23 4.14 -3.32
N GLU A 53 -17.43 4.62 -3.49
CA GLU A 53 -18.60 4.03 -2.76
C GLU A 53 -18.79 2.59 -3.22
N ALA A 54 -19.89 1.99 -2.86
CA ALA A 54 -20.14 0.59 -3.29
C ALA A 54 -21.53 0.15 -2.80
N GLU A 55 -22.55 0.45 -3.56
CA GLU A 55 -23.94 0.05 -3.15
C GLU A 55 -24.03 -1.47 -3.07
N GLU A 56 -23.73 -2.03 -1.92
CA GLU A 56 -23.79 -3.52 -1.77
C GLU A 56 -22.83 -4.19 -2.75
N LEU A 57 -21.61 -4.39 -2.36
CA LEU A 57 -20.61 -5.04 -3.26
C LEU A 57 -19.84 -6.10 -2.50
N LYS A 58 -19.56 -7.22 -3.12
CA LYS A 58 -18.80 -8.31 -2.43
C LYS A 58 -17.35 -8.29 -2.90
N ARG B 1 -11.00 -2.45 15.55
CA ARG B 1 -10.37 -2.19 14.22
C ARG B 1 -11.43 -1.73 13.22
N SER B 2 -11.40 -0.47 12.86
CA SER B 2 -12.41 0.06 11.90
C SER B 2 -12.26 -0.62 10.54
N ASP B 3 -11.14 -1.29 10.29
CA ASP B 3 -10.95 -1.96 8.98
C ASP B 3 -11.55 -3.38 9.01
N ALA B 4 -12.35 -3.70 10.00
CA ALA B 4 -12.96 -5.05 10.06
C ALA B 4 -14.32 -5.04 9.33
N GLU B 5 -14.87 -3.88 9.06
CA GLU B 5 -16.18 -3.78 8.37
C GLU B 5 -16.14 -4.43 6.97
N PRO B 6 -15.09 -4.20 6.19
CA PRO B 6 -14.97 -4.78 4.82
C PRO B 6 -14.37 -6.19 4.86
N HIS B 7 -13.35 -6.40 5.67
CA HIS B 7 -12.69 -7.74 5.76
C HIS B 7 -11.80 -8.02 4.55
N TYR B 8 -11.75 -7.12 3.59
CA TYR B 8 -10.88 -7.34 2.39
C TYR B 8 -9.83 -6.24 2.33
N LEU B 9 -10.18 -5.03 2.74
CA LEU B 9 -9.21 -3.90 2.74
C LEU B 9 -7.91 -4.29 3.49
N PRO B 10 -8.04 -4.82 4.70
CA PRO B 10 -6.86 -5.23 5.52
C PRO B 10 -6.23 -6.52 4.96
N GLN B 11 -6.95 -7.23 4.13
CA GLN B 11 -6.39 -8.47 3.52
C GLN B 11 -5.44 -8.06 2.39
N LEU B 12 -5.73 -6.97 1.73
CA LEU B 12 -4.87 -6.52 0.62
C LEU B 12 -3.61 -5.85 1.18
N ARG B 13 -3.75 -5.05 2.21
CA ARG B 13 -2.56 -4.37 2.79
C ARG B 13 -1.59 -5.43 3.31
N LYS B 14 -2.09 -6.44 3.97
CA LYS B 14 -1.20 -7.50 4.48
C LYS B 14 -0.58 -8.22 3.28
N ASP B 15 -1.31 -8.30 2.19
CA ASP B 15 -0.78 -8.96 0.98
C ASP B 15 0.40 -8.16 0.44
N ILE B 16 0.27 -6.84 0.36
CA ILE B 16 1.42 -6.01 -0.15
C ILE B 16 2.63 -6.21 0.77
N LEU B 17 2.39 -6.47 2.04
CA LEU B 17 3.52 -6.71 2.97
C LEU B 17 4.21 -8.00 2.58
N GLU B 18 3.44 -9.02 2.30
CA GLU B 18 4.02 -10.33 1.88
C GLU B 18 4.60 -10.13 0.49
N VAL B 19 3.93 -9.36 -0.33
CA VAL B 19 4.43 -9.09 -1.70
C VAL B 19 5.81 -8.44 -1.59
N ILE B 20 5.90 -7.35 -0.87
CA ILE B 20 7.24 -6.69 -0.68
C ILE B 20 8.21 -7.71 -0.08
N CYS B 21 7.69 -8.72 0.59
CA CYS B 21 8.56 -9.77 1.19
C CYS B 21 9.07 -10.68 0.07
N LYS B 22 8.20 -11.11 -0.82
CA LYS B 22 8.62 -12.00 -1.93
C LYS B 22 9.73 -11.35 -2.75
N TYR B 23 9.70 -10.05 -2.86
CA TYR B 23 10.72 -9.33 -3.66
C TYR B 23 11.76 -8.68 -2.73
N VAL B 24 11.47 -8.56 -1.45
CA VAL B 24 12.44 -7.92 -0.50
C VAL B 24 12.21 -8.52 0.91
N GLN B 25 12.24 -7.74 1.97
CA GLN B 25 12.02 -8.32 3.33
C GLN B 25 11.89 -7.19 4.34
N ILE B 26 10.70 -6.99 4.85
CA ILE B 26 10.47 -5.91 5.86
C ILE B 26 9.50 -6.42 6.92
N ASP B 27 9.37 -5.70 8.01
CA ASP B 27 8.43 -6.13 9.08
C ASP B 27 7.14 -5.29 8.98
N PRO B 28 6.08 -5.73 9.62
CA PRO B 28 4.77 -5.02 9.61
C PRO B 28 4.86 -3.77 10.50
N GLU B 29 5.67 -3.82 11.51
CA GLU B 29 5.85 -2.63 12.38
C GLU B 29 6.54 -1.51 11.59
N MET B 30 7.12 -1.84 10.44
CA MET B 30 7.80 -0.82 9.62
C MET B 30 6.80 -0.19 8.64
N VAL B 31 5.76 -0.90 8.31
CA VAL B 31 4.74 -0.35 7.35
C VAL B 31 3.55 0.19 8.14
N THR B 32 3.23 1.45 7.95
CA THR B 32 2.08 2.06 8.67
C THR B 32 0.81 1.89 7.85
N VAL B 33 -0.32 1.98 8.50
CA VAL B 33 -1.62 1.84 7.77
C VAL B 33 -2.62 2.81 8.39
N GLN B 34 -3.21 3.65 7.59
CA GLN B 34 -4.19 4.65 8.12
C GLN B 34 -5.31 4.86 7.12
N LEU B 35 -6.55 4.74 7.55
CA LEU B 35 -7.69 4.91 6.63
C LEU B 35 -8.30 6.31 6.80
N GLU B 36 -8.76 6.89 5.73
CA GLU B 36 -9.39 8.23 5.80
C GLU B 36 -10.70 8.20 5.01
N GLN B 37 -11.43 9.29 4.99
CA GLN B 37 -12.72 9.30 4.23
C GLN B 37 -13.01 10.72 3.73
N LYS B 38 -13.74 10.85 2.66
CA LYS B 38 -14.05 12.19 2.11
C LYS B 38 -15.52 12.52 2.39
N ASP B 39 -15.93 13.73 2.08
CA ASP B 39 -17.35 14.13 2.33
C ASP B 39 -18.28 13.57 1.24
N GLY B 40 -17.74 12.94 0.22
CA GLY B 40 -18.60 12.38 -0.87
C GLY B 40 -18.82 10.89 -0.65
N ASP B 41 -18.86 10.46 0.59
CA ASP B 41 -19.06 9.01 0.89
C ASP B 41 -17.94 8.19 0.24
N ILE B 42 -16.72 8.60 0.45
CA ILE B 42 -15.57 7.89 -0.16
C ILE B 42 -14.56 7.55 0.94
N SER B 43 -13.69 6.59 0.68
CA SER B 43 -12.68 6.19 1.71
C SER B 43 -11.27 6.43 1.15
N ILE B 44 -10.29 6.42 2.01
CA ILE B 44 -8.89 6.66 1.57
C ILE B 44 -7.94 5.85 2.45
N LEU B 45 -7.67 4.62 2.09
CA LEU B 45 -6.75 3.78 2.89
C LEU B 45 -5.30 4.06 2.50
N GLU B 46 -4.59 4.78 3.33
CA GLU B 46 -3.17 5.10 3.02
C GLU B 46 -2.27 4.23 3.89
N LEU B 47 -1.14 3.81 3.38
CA LEU B 47 -0.23 2.95 4.21
C LEU B 47 1.22 3.36 3.95
N ASN B 48 1.97 3.58 5.00
CA ASN B 48 3.38 3.98 4.85
C ASN B 48 4.24 2.72 4.82
N VAL B 49 5.28 2.71 4.02
CA VAL B 49 6.15 1.50 3.95
C VAL B 49 7.59 1.89 4.27
N THR B 50 7.95 1.83 5.52
CA THR B 50 9.34 2.20 5.92
C THR B 50 10.30 1.04 5.61
N LEU B 51 10.92 1.06 4.46
CA LEU B 51 11.87 -0.02 4.09
C LEU B 51 13.24 0.31 4.71
N PRO B 52 13.92 -0.69 5.23
CA PRO B 52 15.27 -0.52 5.86
C PRO B 52 16.38 -0.52 4.81
N GLU B 53 17.61 -0.39 5.24
CA GLU B 53 18.75 -0.38 4.27
C GLU B 53 18.82 -1.72 3.57
N ALA B 54 19.88 -1.98 2.86
CA ALA B 54 20.04 -3.28 2.18
C ALA B 54 21.41 -3.34 1.48
N GLU B 55 22.42 -3.73 2.20
CA GLU B 55 23.78 -3.82 1.60
C GLU B 55 23.78 -4.85 0.46
N GLU B 56 23.46 -4.41 -0.74
CA GLU B 56 23.44 -5.35 -1.91
C GLU B 56 22.41 -6.46 -1.64
N LEU B 57 21.18 -6.24 -2.04
CA LEU B 57 20.12 -7.27 -1.81
C LEU B 57 19.29 -7.42 -3.09
N LYS B 58 18.93 -8.64 -3.43
CA LYS B 58 18.12 -8.86 -4.65
C LYS B 58 16.66 -9.09 -4.26
N ARG A 1 11.18 8.51 -13.25
CA ARG A 1 10.59 7.48 -12.36
C ARG A 1 11.60 7.11 -11.26
N SER A 2 11.58 7.82 -10.17
CA SER A 2 12.54 7.53 -9.05
C SER A 2 12.34 6.09 -8.55
N ASP A 3 11.20 5.49 -8.83
CA ASP A 3 10.95 4.10 -8.35
C ASP A 3 11.51 3.08 -9.36
N ALA A 4 12.31 3.51 -10.30
CA ALA A 4 12.88 2.56 -11.29
C ALA A 4 14.22 2.01 -10.77
N GLU A 5 14.79 2.63 -9.75
CA GLU A 5 16.10 2.16 -9.20
C GLU A 5 15.98 0.72 -8.65
N PRO A 6 14.93 0.40 -7.91
CA PRO A 6 14.73 -0.96 -7.31
C PRO A 6 14.04 -1.91 -8.31
N HIS A 7 13.02 -1.42 -9.00
CA HIS A 7 12.28 -2.27 -9.99
C HIS A 7 11.34 -3.25 -9.28
N TYR A 8 11.33 -3.28 -7.97
CA TYR A 8 10.41 -4.22 -7.24
C TYR A 8 9.44 -3.39 -6.39
N LEU A 9 9.90 -2.29 -5.86
CA LEU A 9 9.03 -1.42 -5.02
C LEU A 9 7.72 -1.06 -5.77
N PRO A 10 7.81 -0.61 -7.01
CA PRO A 10 6.62 -0.25 -7.84
C PRO A 10 5.88 -1.51 -8.30
N GLN A 11 6.53 -2.65 -8.22
CA GLN A 11 5.85 -3.92 -8.61
C GLN A 11 4.90 -4.33 -7.48
N LEU A 12 5.29 -4.03 -6.26
CA LEU A 12 4.45 -4.40 -5.09
C LEU A 12 3.25 -3.45 -5.01
N ARG A 13 3.48 -2.17 -5.19
CA ARG A 13 2.34 -1.19 -5.10
C ARG A 13 1.31 -1.55 -6.17
N LYS A 14 1.74 -1.87 -7.36
CA LYS A 14 0.77 -2.24 -8.41
C LYS A 14 0.08 -3.53 -8.00
N ASP A 15 0.78 -4.40 -7.30
CA ASP A 15 0.17 -5.67 -6.85
C ASP A 15 -0.97 -5.36 -5.88
N ILE A 16 -0.76 -4.46 -4.94
CA ILE A 16 -1.85 -4.11 -3.98
C ILE A 16 -3.04 -3.54 -4.76
N LEU A 17 -2.77 -2.90 -5.87
CA LEU A 17 -3.87 -2.33 -6.70
C LEU A 17 -4.67 -3.48 -7.30
N GLU A 18 -3.98 -4.43 -7.89
CA GLU A 18 -4.68 -5.60 -8.48
C GLU A 18 -5.30 -6.41 -7.35
N VAL A 19 -4.60 -6.49 -6.24
CA VAL A 19 -5.12 -7.24 -5.08
C VAL A 19 -6.45 -6.60 -4.65
N ILE A 20 -6.46 -5.32 -4.38
CA ILE A 20 -7.74 -4.63 -4.01
C ILE A 20 -8.78 -4.88 -5.11
N CYS A 21 -8.33 -5.16 -6.32
CA CYS A 21 -9.27 -5.43 -7.43
C CYS A 21 -9.86 -6.83 -7.26
N LYS A 22 -9.04 -7.80 -6.95
CA LYS A 22 -9.54 -9.20 -6.76
C LYS A 22 -10.62 -9.23 -5.67
N TYR A 23 -10.49 -8.38 -4.70
CA TYR A 23 -11.47 -8.35 -3.57
C TYR A 23 -12.43 -7.17 -3.75
N VAL A 24 -12.11 -6.21 -4.60
CA VAL A 24 -13.01 -5.03 -4.79
C VAL A 24 -12.82 -4.50 -6.24
N GLN A 25 -12.75 -3.20 -6.46
CA GLN A 25 -12.56 -2.70 -7.86
C GLN A 25 -12.25 -1.21 -7.83
N ILE A 26 -11.03 -0.85 -8.09
CA ILE A 26 -10.61 0.58 -8.09
C ILE A 26 -9.64 0.84 -9.23
N ASP A 27 -9.38 2.07 -9.53
CA ASP A 27 -8.43 2.40 -10.63
C ASP A 27 -7.10 2.88 -10.03
N PRO A 28 -6.05 2.93 -10.82
CA PRO A 28 -4.71 3.38 -10.35
C PRO A 28 -4.71 4.90 -10.18
N GLU A 29 -5.52 5.59 -10.95
CA GLU A 29 -5.60 7.06 -10.79
C GLU A 29 -6.21 7.39 -9.42
N MET A 30 -6.82 6.41 -8.77
CA MET A 30 -7.42 6.67 -7.42
C MET A 30 -6.44 6.26 -6.31
N VAL A 31 -5.22 5.89 -6.66
CA VAL A 31 -4.23 5.49 -5.62
C VAL A 31 -2.97 6.35 -5.74
N THR A 32 -2.61 7.04 -4.69
CA THR A 32 -1.40 7.90 -4.74
C THR A 32 -0.18 7.10 -4.25
N VAL A 33 1.00 7.54 -4.59
CA VAL A 33 2.23 6.82 -4.14
C VAL A 33 3.33 7.83 -3.84
N GLN A 34 3.64 8.04 -2.58
CA GLN A 34 4.70 9.03 -2.23
C GLN A 34 5.85 8.30 -1.51
N LEU A 35 7.06 8.46 -1.98
CA LEU A 35 8.20 7.78 -1.33
C LEU A 35 9.01 8.77 -0.49
N GLU A 36 9.14 8.51 0.78
CA GLU A 36 9.91 9.42 1.67
C GLU A 36 11.20 8.70 2.10
N GLN A 37 12.06 9.36 2.83
CA GLN A 37 13.33 8.71 3.27
C GLN A 37 13.76 9.30 4.62
N LYS A 38 14.48 8.52 5.40
CA LYS A 38 14.94 9.02 6.73
C LYS A 38 16.45 9.29 6.67
N ASP A 39 16.98 9.94 7.68
CA ASP A 39 18.44 10.25 7.69
C ASP A 39 19.25 8.98 8.01
N GLY A 40 18.59 7.88 8.34
CA GLY A 40 19.34 6.63 8.67
C GLY A 40 19.40 5.72 7.44
N ASP A 41 19.42 6.30 6.26
CA ASP A 41 19.47 5.48 5.01
C ASP A 41 18.24 4.57 4.95
N ILE A 42 17.09 5.12 5.17
CA ILE A 42 15.84 4.30 5.15
C ILE A 42 14.83 4.94 4.20
N SER A 43 13.91 4.17 3.68
CA SER A 43 12.88 4.73 2.75
C SER A 43 11.50 4.60 3.38
N ILE A 44 10.54 5.32 2.86
CA ILE A 44 9.16 5.26 3.43
C ILE A 44 8.14 5.47 2.29
N LEU A 45 7.72 4.41 1.66
CA LEU A 45 6.73 4.54 0.55
C LEU A 45 5.30 4.54 1.13
N GLU A 46 4.63 5.67 1.03
CA GLU A 46 3.24 5.75 1.56
C GLU A 46 2.27 5.83 0.39
N LEU A 47 1.57 4.76 0.09
CA LEU A 47 0.62 4.80 -1.06
C LEU A 47 -0.80 5.07 -0.55
N ASN A 48 -1.46 6.05 -1.13
CA ASN A 48 -2.84 6.38 -0.71
C ASN A 48 -3.81 5.56 -1.54
N VAL A 49 -4.86 5.08 -0.95
CA VAL A 49 -5.84 4.26 -1.72
C VAL A 49 -7.23 4.88 -1.60
N THR A 50 -7.59 5.75 -2.51
CA THR A 50 -8.93 6.39 -2.47
C THR A 50 -9.97 5.42 -3.03
N LEU A 51 -10.56 4.62 -2.17
CA LEU A 51 -11.58 3.64 -2.65
C LEU A 51 -12.94 4.35 -2.76
N PRO A 52 -13.70 4.05 -3.81
CA PRO A 52 -15.04 4.67 -4.04
C PRO A 52 -16.12 3.94 -3.25
N GLU A 53 -17.35 4.35 -3.39
CA GLU A 53 -18.46 3.69 -2.64
C GLU A 53 -18.53 2.21 -3.00
N ALA A 54 -19.56 1.53 -2.58
CA ALA A 54 -19.70 0.08 -2.89
C ALA A 54 -21.03 -0.44 -2.35
N GLU A 55 -21.96 -0.73 -3.22
CA GLU A 55 -23.29 -1.24 -2.76
C GLU A 55 -24.15 -1.57 -3.98
N GLU A 56 -24.12 -2.80 -4.43
CA GLU A 56 -24.93 -3.19 -5.62
C GLU A 56 -24.51 -2.37 -6.83
N LEU A 57 -23.25 -2.01 -6.91
CA LEU A 57 -22.75 -1.20 -8.06
C LEU A 57 -21.75 -2.03 -8.86
N LYS A 58 -21.96 -2.17 -10.14
CA LYS A 58 -21.03 -2.96 -10.99
C LYS A 58 -20.53 -2.09 -12.15
N ARG B 1 -10.94 -2.56 15.71
CA ARG B 1 -10.41 -2.70 14.33
C ARG B 1 -11.40 -2.12 13.32
N SER B 2 -11.30 -0.84 13.04
CA SER B 2 -12.24 -0.21 12.08
C SER B 2 -12.12 -0.87 10.70
N ASP B 3 -11.04 -1.57 10.45
CA ASP B 3 -10.88 -2.24 9.12
C ASP B 3 -11.52 -3.63 9.13
N ALA B 4 -12.33 -3.93 10.13
CA ALA B 4 -12.99 -5.26 10.17
C ALA B 4 -14.36 -5.20 9.46
N GLU B 5 -14.85 -4.01 9.18
CA GLU B 5 -16.16 -3.86 8.50
C GLU B 5 -16.13 -4.50 7.09
N PRO B 6 -15.08 -4.26 6.31
CA PRO B 6 -14.96 -4.82 4.92
C PRO B 6 -14.37 -6.24 4.95
N HIS B 7 -13.35 -6.46 5.74
CA HIS B 7 -12.69 -7.80 5.83
C HIS B 7 -11.79 -8.07 4.62
N TYR B 8 -11.75 -7.16 3.65
CA TYR B 8 -10.88 -7.37 2.46
C TYR B 8 -9.83 -6.25 2.41
N LEU B 9 -10.20 -5.06 2.82
CA LEU B 9 -9.24 -3.91 2.82
C LEU B 9 -7.93 -4.29 3.56
N PRO B 10 -8.03 -4.83 4.76
CA PRO B 10 -6.84 -5.24 5.57
C PRO B 10 -6.20 -6.51 4.98
N GLN B 11 -6.92 -7.22 4.14
CA GLN B 11 -6.35 -8.44 3.51
C GLN B 11 -5.41 -7.99 2.39
N LEU B 12 -5.73 -6.90 1.75
CA LEU B 12 -4.88 -6.39 0.64
C LEU B 12 -3.62 -5.74 1.21
N ARG B 13 -3.76 -4.95 2.25
CA ARG B 13 -2.56 -4.28 2.84
C ARG B 13 -1.58 -5.35 3.33
N LYS B 14 -2.08 -6.39 3.95
CA LYS B 14 -1.16 -7.45 4.41
C LYS B 14 -0.55 -8.12 3.18
N ASP B 15 -1.28 -8.19 2.10
CA ASP B 15 -0.75 -8.82 0.87
C ASP B 15 0.43 -7.99 0.36
N ILE B 16 0.31 -6.68 0.34
CA ILE B 16 1.45 -5.83 -0.13
C ILE B 16 2.65 -6.06 0.80
N LEU B 17 2.41 -6.37 2.04
CA LEU B 17 3.52 -6.62 3.00
C LEU B 17 4.21 -7.92 2.59
N GLU B 18 3.45 -8.96 2.35
CA GLU B 18 4.04 -10.26 1.93
C GLU B 18 4.63 -10.07 0.55
N VAL B 19 3.96 -9.29 -0.28
CA VAL B 19 4.47 -9.04 -1.65
C VAL B 19 5.85 -8.39 -1.53
N ILE B 20 5.95 -7.28 -0.82
CA ILE B 20 7.29 -6.63 -0.64
C ILE B 20 8.27 -7.65 -0.06
N CYS B 21 7.77 -8.67 0.62
CA CYS B 21 8.66 -9.71 1.19
C CYS B 21 9.16 -10.61 0.05
N LYS B 22 8.29 -11.03 -0.82
CA LYS B 22 8.70 -11.92 -1.95
C LYS B 22 9.79 -11.24 -2.78
N TYR B 23 9.76 -9.94 -2.86
CA TYR B 23 10.76 -9.20 -3.66
C TYR B 23 11.81 -8.56 -2.74
N VAL B 24 11.52 -8.46 -1.45
CA VAL B 24 12.49 -7.82 -0.50
C VAL B 24 12.30 -8.46 0.89
N GLN B 25 12.31 -7.70 1.97
CA GLN B 25 12.12 -8.31 3.32
C GLN B 25 11.91 -7.20 4.36
N ILE B 26 10.70 -7.06 4.83
CA ILE B 26 10.40 -6.01 5.85
C ILE B 26 9.41 -6.58 6.87
N ASP B 27 9.22 -5.89 7.97
CA ASP B 27 8.26 -6.37 9.00
C ASP B 27 7.00 -5.51 8.94
N PRO B 28 5.93 -5.98 9.56
CA PRO B 28 4.64 -5.23 9.60
C PRO B 28 4.74 -4.03 10.54
N GLU B 29 5.57 -4.14 11.54
CA GLU B 29 5.78 -2.99 12.47
C GLU B 29 6.44 -1.84 11.71
N MET B 30 7.00 -2.11 10.54
CA MET B 30 7.65 -1.03 9.75
C MET B 30 6.67 -0.47 8.71
N VAL B 31 5.42 -0.88 8.73
CA VAL B 31 4.44 -0.37 7.73
C VAL B 31 3.23 0.23 8.46
N THR B 32 2.95 1.49 8.22
CA THR B 32 1.79 2.15 8.89
C THR B 32 0.55 2.02 8.01
N VAL B 33 -0.62 2.16 8.59
CA VAL B 33 -1.87 2.05 7.80
C VAL B 33 -2.90 3.06 8.34
N GLN B 34 -3.15 4.11 7.60
CA GLN B 34 -4.14 5.13 8.08
C GLN B 34 -5.30 5.20 7.08
N LEU B 35 -6.51 5.07 7.57
CA LEU B 35 -7.69 5.12 6.66
C LEU B 35 -8.40 6.47 6.79
N GLU B 36 -8.51 7.19 5.70
CA GLU B 36 -9.20 8.50 5.73
C GLU B 36 -10.51 8.39 4.96
N GLN B 37 -11.31 9.43 4.93
CA GLN B 37 -12.60 9.36 4.19
C GLN B 37 -12.96 10.76 3.66
N LYS B 38 -13.70 10.82 2.58
CA LYS B 38 -14.09 12.14 2.01
C LYS B 38 -15.58 12.39 2.28
N ASP B 39 -16.04 13.60 2.05
CA ASP B 39 -17.47 13.91 2.28
C ASP B 39 -18.35 13.30 1.18
N GLY B 40 -17.77 12.73 0.16
CA GLY B 40 -18.59 12.12 -0.93
C GLY B 40 -18.74 10.61 -0.69
N ASP B 41 -18.76 10.19 0.54
CA ASP B 41 -18.90 8.74 0.86
C ASP B 41 -17.75 7.96 0.22
N ILE B 42 -16.54 8.43 0.42
CA ILE B 42 -15.36 7.75 -0.17
C ILE B 42 -14.33 7.47 0.93
N SER B 43 -13.48 6.49 0.71
CA SER B 43 -12.45 6.17 1.75
C SER B 43 -11.06 6.41 1.17
N ILE B 44 -10.06 6.49 2.02
CA ILE B 44 -8.68 6.76 1.54
C ILE B 44 -7.68 6.04 2.46
N LEU B 45 -7.35 4.81 2.14
CA LEU B 45 -6.38 4.05 3.00
C LEU B 45 -4.95 4.36 2.55
N GLU B 46 -4.20 5.04 3.39
CA GLU B 46 -2.79 5.39 3.04
C GLU B 46 -1.85 4.55 3.90
N LEU B 47 -1.23 3.54 3.34
CA LEU B 47 -0.32 2.69 4.15
C LEU B 47 1.13 3.14 3.94
N ASN B 48 1.83 3.38 5.02
CA ASN B 48 3.25 3.81 4.92
C ASN B 48 4.13 2.58 4.90
N VAL B 49 5.17 2.59 4.11
CA VAL B 49 6.08 1.40 4.06
C VAL B 49 7.51 1.83 4.37
N THR B 50 7.89 1.77 5.63
CA THR B 50 9.27 2.16 6.01
C THR B 50 10.23 1.01 5.68
N LEU B 51 10.78 1.00 4.50
CA LEU B 51 11.72 -0.09 4.11
C LEU B 51 13.12 0.25 4.66
N PRO B 52 13.83 -0.76 5.17
CA PRO B 52 15.21 -0.58 5.73
C PRO B 52 16.25 -0.60 4.62
N GLU B 53 17.51 -0.50 4.98
CA GLU B 53 18.59 -0.51 3.95
C GLU B 53 18.54 -1.82 3.16
N ALA B 54 19.55 -2.08 2.36
CA ALA B 54 19.57 -3.33 1.56
C ALA B 54 20.88 -3.41 0.77
N GLU B 55 21.77 -4.28 1.15
CA GLU B 55 23.06 -4.41 0.43
C GLU B 55 23.86 -5.56 1.04
N GLU B 56 23.74 -6.74 0.50
CA GLU B 56 24.49 -7.92 1.03
C GLU B 56 24.08 -8.16 2.49
N LEU B 57 22.85 -7.88 2.82
CA LEU B 57 22.38 -8.08 4.23
C LEU B 57 21.30 -9.16 4.25
N LYS B 58 21.47 -10.18 5.04
CA LYS B 58 20.46 -11.27 5.12
C LYS B 58 19.99 -11.44 6.57
N ARG A 1 11.08 8.78 -12.91
CA ARG A 1 10.87 7.38 -12.48
C ARG A 1 11.83 7.04 -11.32
N SER A 2 11.78 7.80 -10.26
CA SER A 2 12.67 7.54 -9.10
C SER A 2 12.43 6.14 -8.53
N ASP A 3 11.29 5.55 -8.83
CA ASP A 3 11.01 4.19 -8.31
C ASP A 3 11.54 3.11 -9.26
N ALA A 4 12.39 3.48 -10.19
CA ALA A 4 12.96 2.49 -11.14
C ALA A 4 14.28 1.94 -10.57
N GLU A 5 14.87 2.62 -9.62
CA GLU A 5 16.15 2.17 -9.03
C GLU A 5 16.04 0.73 -8.48
N PRO A 6 14.96 0.41 -7.77
CA PRO A 6 14.75 -0.95 -7.17
C PRO A 6 14.11 -1.90 -8.19
N HIS A 7 13.09 -1.46 -8.88
CA HIS A 7 12.38 -2.31 -9.89
C HIS A 7 11.44 -3.31 -9.20
N TYR A 8 11.43 -3.37 -7.88
CA TYR A 8 10.52 -4.32 -7.17
C TYR A 8 9.53 -3.50 -6.33
N LEU A 9 9.98 -2.40 -5.78
CA LEU A 9 9.08 -1.53 -4.96
C LEU A 9 7.78 -1.20 -5.73
N PRO A 10 7.89 -0.76 -6.98
CA PRO A 10 6.71 -0.40 -7.82
C PRO A 10 5.96 -1.66 -8.27
N GLN A 11 6.59 -2.81 -8.18
CA GLN A 11 5.91 -4.08 -8.56
C GLN A 11 4.96 -4.46 -7.42
N LEU A 12 5.34 -4.15 -6.21
CA LEU A 12 4.49 -4.50 -5.04
C LEU A 12 3.31 -3.54 -4.97
N ARG A 13 3.53 -2.27 -5.18
CA ARG A 13 2.40 -1.29 -5.11
C ARG A 13 1.38 -1.64 -6.19
N LYS A 14 1.83 -1.99 -7.36
CA LYS A 14 0.87 -2.36 -8.44
C LYS A 14 0.18 -3.66 -8.03
N ASP A 15 0.86 -4.51 -7.29
CA ASP A 15 0.25 -5.77 -6.84
C ASP A 15 -0.91 -5.45 -5.91
N ILE A 16 -0.71 -4.54 -4.98
CA ILE A 16 -1.83 -4.18 -4.05
C ILE A 16 -2.98 -3.59 -4.87
N LEU A 17 -2.68 -2.96 -5.98
CA LEU A 17 -3.76 -2.39 -6.84
C LEU A 17 -4.54 -3.54 -7.44
N GLU A 18 -3.86 -4.51 -7.99
CA GLU A 18 -4.56 -5.69 -8.59
C GLU A 18 -5.21 -6.46 -7.46
N VAL A 19 -4.55 -6.56 -6.35
CA VAL A 19 -5.12 -7.31 -5.19
C VAL A 19 -6.44 -6.64 -4.80
N ILE A 20 -6.41 -5.35 -4.50
CA ILE A 20 -7.69 -4.64 -4.16
C ILE A 20 -8.70 -4.84 -5.30
N CYS A 21 -8.22 -5.11 -6.49
CA CYS A 21 -9.13 -5.34 -7.63
C CYS A 21 -9.78 -6.73 -7.48
N LYS A 22 -9.00 -7.74 -7.19
CA LYS A 22 -9.56 -9.11 -7.03
C LYS A 22 -10.66 -9.12 -5.96
N TYR A 23 -10.55 -8.24 -4.99
CA TYR A 23 -11.54 -8.19 -3.90
C TYR A 23 -12.52 -7.02 -4.13
N VAL A 24 -12.14 -6.05 -4.94
CA VAL A 24 -13.02 -4.86 -5.18
C VAL A 24 -12.74 -4.32 -6.60
N GLN A 25 -12.67 -3.02 -6.79
CA GLN A 25 -12.39 -2.49 -8.16
C GLN A 25 -12.12 -0.97 -8.08
N ILE A 26 -10.89 -0.58 -8.30
CA ILE A 26 -10.52 0.85 -8.24
C ILE A 26 -9.53 1.18 -9.35
N ASP A 27 -9.30 2.43 -9.61
CA ASP A 27 -8.32 2.81 -10.67
C ASP A 27 -7.02 3.25 -10.02
N PRO A 28 -5.95 3.32 -10.79
CA PRO A 28 -4.61 3.74 -10.27
C PRO A 28 -4.60 5.25 -10.02
N GLU A 29 -5.40 5.98 -10.78
CA GLU A 29 -5.48 7.45 -10.55
C GLU A 29 -6.13 7.72 -9.18
N MET A 30 -6.76 6.72 -8.60
CA MET A 30 -7.40 6.91 -7.27
C MET A 30 -6.39 6.58 -6.16
N VAL A 31 -5.37 5.81 -6.47
CA VAL A 31 -4.36 5.44 -5.44
C VAL A 31 -3.11 6.30 -5.63
N THR A 32 -2.56 6.81 -4.55
CA THR A 32 -1.34 7.66 -4.65
C THR A 32 -0.12 6.86 -4.20
N VAL A 33 1.06 7.34 -4.52
CA VAL A 33 2.31 6.64 -4.12
C VAL A 33 3.41 7.67 -3.89
N GLN A 34 3.77 7.90 -2.65
CA GLN A 34 4.84 8.89 -2.36
C GLN A 34 5.96 8.22 -1.57
N LEU A 35 7.19 8.46 -1.95
CA LEU A 35 8.34 7.84 -1.23
C LEU A 35 9.03 8.89 -0.35
N GLU A 36 9.59 8.47 0.76
CA GLU A 36 10.27 9.43 1.68
C GLU A 36 11.50 8.75 2.29
N GLN A 37 12.67 9.32 2.11
CA GLN A 37 13.89 8.70 2.70
C GLN A 37 14.20 9.33 4.05
N LYS A 38 14.77 8.56 4.95
CA LYS A 38 15.10 9.11 6.30
C LYS A 38 16.61 9.34 6.39
N ASP A 39 17.05 10.09 7.38
CA ASP A 39 18.50 10.37 7.54
C ASP A 39 19.19 9.16 8.19
N GLY A 40 19.14 8.02 7.56
CA GLY A 40 19.79 6.80 8.13
C GLY A 40 19.87 5.71 7.06
N ASP A 41 20.00 6.09 5.81
CA ASP A 41 20.07 5.09 4.71
C ASP A 41 18.79 4.26 4.70
N ILE A 42 17.66 4.93 4.85
CA ILE A 42 16.37 4.19 4.86
C ILE A 42 15.41 4.83 3.84
N SER A 43 14.41 4.10 3.42
CA SER A 43 13.44 4.65 2.45
C SER A 43 12.01 4.44 2.96
N ILE A 44 11.08 5.17 2.41
CA ILE A 44 9.66 5.03 2.86
C ILE A 44 8.75 5.11 1.64
N LEU A 45 7.52 4.69 1.78
CA LEU A 45 6.58 4.75 0.63
C LEU A 45 5.15 4.77 1.16
N GLU A 46 4.54 5.93 1.19
CA GLU A 46 3.15 6.05 1.69
C GLU A 46 2.19 6.11 0.52
N LEU A 47 1.59 5.00 0.16
CA LEU A 47 0.64 5.01 -0.98
C LEU A 47 -0.78 5.27 -0.46
N ASN A 48 -1.46 6.22 -1.06
CA ASN A 48 -2.84 6.54 -0.63
C ASN A 48 -3.80 5.67 -1.42
N VAL A 49 -4.83 5.17 -0.81
CA VAL A 49 -5.80 4.32 -1.55
C VAL A 49 -7.22 4.87 -1.39
N THR A 50 -7.64 5.73 -2.28
CA THR A 50 -9.00 6.31 -2.20
C THR A 50 -10.00 5.36 -2.87
N LEU A 51 -10.70 4.56 -2.09
CA LEU A 51 -11.69 3.62 -2.67
C LEU A 51 -13.05 4.34 -2.80
N PRO A 52 -13.75 4.12 -3.90
CA PRO A 52 -15.08 4.74 -4.16
C PRO A 52 -16.19 3.91 -3.51
N GLU A 53 -17.44 4.26 -3.77
CA GLU A 53 -18.57 3.49 -3.18
C GLU A 53 -18.51 2.03 -3.65
N ALA A 54 -19.54 1.27 -3.39
CA ALA A 54 -19.54 -0.15 -3.83
C ALA A 54 -20.96 -0.71 -3.77
N GLU A 55 -21.11 -1.97 -4.05
CA GLU A 55 -22.45 -2.60 -4.01
C GLU A 55 -22.96 -2.60 -2.57
N GLU A 56 -24.09 -3.22 -2.32
CA GLU A 56 -24.65 -3.27 -0.95
C GLU A 56 -24.86 -1.84 -0.41
N LEU A 57 -24.98 -0.87 -1.28
CA LEU A 57 -25.19 0.53 -0.83
C LEU A 57 -26.01 1.30 -1.87
N LYS A 58 -27.08 1.92 -1.46
CA LYS A 58 -27.92 2.68 -2.42
C LYS A 58 -28.10 4.13 -1.92
N ARG B 1 -10.81 -2.13 15.66
CA ARG B 1 -10.67 -2.84 14.35
C ARG B 1 -11.63 -2.19 13.34
N SER B 2 -11.49 -0.91 13.12
CA SER B 2 -12.37 -0.22 12.14
C SER B 2 -12.21 -0.82 10.74
N ASP B 3 -11.13 -1.52 10.49
CA ASP B 3 -10.92 -2.14 9.16
C ASP B 3 -11.56 -3.53 9.10
N ALA B 4 -12.40 -3.87 10.04
CA ALA B 4 -13.06 -5.20 10.02
C ALA B 4 -14.41 -5.10 9.28
N GLU B 5 -14.92 -3.90 9.10
CA GLU B 5 -16.22 -3.72 8.39
C GLU B 5 -16.18 -4.36 6.99
N PRO B 6 -15.11 -4.16 6.23
CA PRO B 6 -14.97 -4.71 4.85
C PRO B 6 -14.43 -6.14 4.87
N HIS B 7 -13.40 -6.38 5.65
CA HIS B 7 -12.78 -7.75 5.75
C HIS B 7 -11.88 -8.04 4.53
N TYR B 8 -11.85 -7.15 3.55
CA TYR B 8 -11.00 -7.38 2.36
C TYR B 8 -9.92 -6.29 2.30
N LEU B 9 -10.28 -5.08 2.70
CA LEU B 9 -9.30 -3.96 2.70
C LEU B 9 -8.00 -4.35 3.45
N PRO B 10 -8.12 -4.91 4.65
CA PRO B 10 -6.93 -5.34 5.47
C PRO B 10 -6.28 -6.59 4.87
N GLN B 11 -7.00 -7.29 4.01
CA GLN B 11 -6.42 -8.50 3.38
C GLN B 11 -5.46 -8.04 2.26
N LEU B 12 -5.79 -6.93 1.64
CA LEU B 12 -4.93 -6.43 0.54
C LEU B 12 -3.68 -5.77 1.12
N ARG B 13 -3.82 -5.01 2.18
CA ARG B 13 -2.63 -4.35 2.79
C ARG B 13 -1.66 -5.43 3.27
N LYS B 14 -2.17 -6.47 3.88
CA LYS B 14 -1.27 -7.54 4.35
C LYS B 14 -0.64 -8.22 3.13
N ASP B 15 -1.37 -8.27 2.03
CA ASP B 15 -0.84 -8.88 0.80
C ASP B 15 0.37 -8.08 0.32
N ILE B 16 0.27 -6.77 0.32
CA ILE B 16 1.42 -5.93 -0.13
C ILE B 16 2.59 -6.16 0.84
N LEU B 17 2.30 -6.49 2.08
CA LEU B 17 3.38 -6.76 3.06
C LEU B 17 4.09 -8.05 2.65
N GLU B 18 3.31 -9.09 2.38
CA GLU B 18 3.92 -10.37 1.95
C GLU B 18 4.54 -10.18 0.59
N VAL B 19 3.90 -9.41 -0.25
CA VAL B 19 4.45 -9.17 -1.61
C VAL B 19 5.83 -8.51 -1.45
N ILE B 20 5.89 -7.39 -0.76
CA ILE B 20 7.22 -6.73 -0.54
C ILE B 20 8.19 -7.75 0.08
N CYS B 21 7.67 -8.75 0.76
CA CYS B 21 8.53 -9.78 1.38
C CYS B 21 9.08 -10.70 0.29
N LYS B 22 8.24 -11.14 -0.61
CA LYS B 22 8.71 -12.04 -1.71
C LYS B 22 9.83 -11.37 -2.50
N TYR B 23 9.81 -10.07 -2.57
CA TYR B 23 10.84 -9.33 -3.34
C TYR B 23 11.88 -8.72 -2.38
N VAL B 24 11.55 -8.58 -1.11
CA VAL B 24 12.50 -7.97 -0.13
C VAL B 24 12.22 -8.57 1.27
N GLN B 25 12.24 -7.78 2.33
CA GLN B 25 11.95 -8.35 3.68
C GLN B 25 11.79 -7.20 4.69
N ILE B 26 10.59 -7.01 5.15
CA ILE B 26 10.32 -5.91 6.14
C ILE B 26 9.32 -6.41 7.18
N ASP B 27 9.17 -5.69 8.25
CA ASP B 27 8.20 -6.10 9.30
C ASP B 27 6.94 -5.24 9.19
N PRO B 28 5.86 -5.65 9.81
CA PRO B 28 4.57 -4.91 9.78
C PRO B 28 4.68 -3.66 10.67
N GLU B 29 5.49 -3.73 11.69
CA GLU B 29 5.68 -2.54 12.57
C GLU B 29 6.39 -1.44 11.77
N MET B 30 6.96 -1.77 10.64
CA MET B 30 7.65 -0.75 9.80
C MET B 30 6.65 -0.12 8.81
N VAL B 31 5.58 -0.82 8.52
CA VAL B 31 4.58 -0.28 7.56
C VAL B 31 3.37 0.27 8.33
N THR B 32 2.90 1.44 7.95
CA THR B 32 1.74 2.05 8.65
C THR B 32 0.47 1.88 7.81
N VAL B 33 -0.68 2.07 8.41
CA VAL B 33 -1.96 1.94 7.66
C VAL B 33 -2.99 2.91 8.26
N GLN B 34 -3.29 3.97 7.55
CA GLN B 34 -4.28 4.95 8.08
C GLN B 34 -5.42 5.12 7.08
N LEU B 35 -6.65 5.10 7.55
CA LEU B 35 -7.81 5.25 6.63
C LEU B 35 -8.40 6.66 6.77
N GLU B 36 -8.96 7.17 5.71
CA GLU B 36 -9.55 8.55 5.74
C GLU B 36 -10.81 8.59 4.87
N GLN B 37 -11.93 8.95 5.43
CA GLN B 37 -13.18 9.00 4.62
C GLN B 37 -13.41 10.42 4.11
N LYS B 38 -14.01 10.54 2.95
CA LYS B 38 -14.27 11.90 2.38
C LYS B 38 -15.76 12.24 2.52
N ASP B 39 -16.10 13.48 2.36
CA ASP B 39 -17.53 13.90 2.49
C ASP B 39 -18.29 13.55 1.20
N GLY B 40 -18.33 12.29 0.84
CA GLY B 40 -19.05 11.88 -0.41
C GLY B 40 -19.22 10.36 -0.42
N ASP B 41 -19.38 9.76 0.74
CA ASP B 41 -19.55 8.28 0.83
C ASP B 41 -18.32 7.61 0.22
N ILE B 42 -17.15 8.09 0.54
CA ILE B 42 -15.90 7.51 -0.02
C ILE B 42 -14.93 7.17 1.12
N SER B 43 -14.00 6.29 0.88
CA SER B 43 -13.02 5.93 1.94
C SER B 43 -11.60 6.04 1.38
N ILE B 44 -10.62 6.10 2.24
CA ILE B 44 -9.21 6.23 1.79
C ILE B 44 -8.33 5.36 2.69
N LEU B 45 -7.13 5.07 2.25
CA LEU B 45 -6.21 4.25 3.08
C LEU B 45 -4.78 4.54 2.68
N GLU B 46 -4.10 5.33 3.46
CA GLU B 46 -2.68 5.68 3.15
C GLU B 46 -1.75 4.84 3.99
N LEU B 47 -1.24 3.76 3.45
CA LEU B 47 -0.32 2.89 4.24
C LEU B 47 1.13 3.34 4.01
N ASN B 48 1.86 3.55 5.08
CA ASN B 48 3.26 3.98 4.97
C ASN B 48 4.14 2.74 4.90
N VAL B 49 5.15 2.76 4.08
CA VAL B 49 6.04 1.56 3.97
C VAL B 49 7.49 1.96 4.20
N THR B 50 7.94 1.91 5.42
CA THR B 50 9.35 2.29 5.73
C THR B 50 10.27 1.08 5.51
N LEU B 51 10.92 1.02 4.39
CA LEU B 51 11.83 -0.12 4.10
C LEU B 51 13.23 0.20 4.66
N PRO B 52 13.89 -0.78 5.26
CA PRO B 52 15.25 -0.61 5.84
C PRO B 52 16.32 -0.80 4.77
N GLU B 53 17.57 -0.84 5.16
CA GLU B 53 18.67 -1.04 4.17
C GLU B 53 18.49 -2.39 3.48
N ALA B 54 19.48 -2.83 2.73
CA ALA B 54 19.37 -4.14 2.05
C ALA B 54 20.75 -4.59 1.57
N GLU B 55 20.80 -5.68 0.87
CA GLU B 55 22.11 -6.19 0.36
C GLU B 55 22.64 -5.21 -0.68
N GLU B 56 23.73 -5.56 -1.31
CA GLU B 56 24.33 -4.66 -2.35
C GLU B 56 24.65 -3.29 -1.73
N LEU B 57 24.81 -3.23 -0.43
CA LEU B 57 25.13 -1.92 0.22
C LEU B 57 25.97 -2.18 1.48
N LYS B 58 27.09 -1.52 1.60
CA LYS B 58 27.96 -1.72 2.79
C LYS B 58 28.24 -0.36 3.44
N ARG A 1 11.66 8.76 -12.69
CA ARG A 1 11.35 7.35 -12.33
C ARG A 1 12.28 6.89 -11.21
N SER A 2 12.22 7.52 -10.06
CA SER A 2 13.09 7.14 -8.93
C SER A 2 12.78 5.70 -8.50
N ASP A 3 11.57 5.24 -8.74
CA ASP A 3 11.20 3.85 -8.36
C ASP A 3 11.65 2.84 -9.43
N ALA A 4 12.42 3.26 -10.40
CA ALA A 4 12.88 2.32 -11.45
C ALA A 4 14.24 1.73 -11.07
N GLU A 5 14.76 2.07 -9.91
CA GLU A 5 16.09 1.54 -9.48
C GLU A 5 15.96 0.11 -8.91
N PRO A 6 14.95 -0.15 -8.10
CA PRO A 6 14.73 -1.51 -7.49
C PRO A 6 13.96 -2.43 -8.45
N HIS A 7 12.97 -1.89 -9.12
CA HIS A 7 12.14 -2.70 -10.09
C HIS A 7 11.17 -3.62 -9.32
N TYR A 8 11.19 -3.61 -8.01
CA TYR A 8 10.25 -4.48 -7.24
C TYR A 8 9.33 -3.59 -6.38
N LEU A 9 9.85 -2.49 -5.89
CA LEU A 9 9.02 -1.56 -5.07
C LEU A 9 7.71 -1.20 -5.80
N PRO A 10 7.82 -0.76 -7.05
CA PRO A 10 6.63 -0.38 -7.88
C PRO A 10 5.86 -1.64 -8.33
N GLN A 11 6.50 -2.78 -8.25
CA GLN A 11 5.82 -4.05 -8.63
C GLN A 11 4.86 -4.43 -7.50
N LEU A 12 5.24 -4.12 -6.28
CA LEU A 12 4.38 -4.46 -5.12
C LEU A 12 3.21 -3.49 -5.02
N ARG A 13 3.46 -2.21 -5.20
CA ARG A 13 2.35 -1.23 -5.12
C ARG A 13 1.30 -1.54 -6.19
N LYS A 14 1.74 -1.83 -7.39
CA LYS A 14 0.78 -2.15 -8.46
C LYS A 14 0.08 -3.47 -8.10
N ASP A 15 0.77 -4.35 -7.40
CA ASP A 15 0.16 -5.63 -6.99
C ASP A 15 -0.98 -5.35 -6.00
N ILE A 16 -0.75 -4.49 -5.03
CA ILE A 16 -1.84 -4.17 -4.05
C ILE A 16 -3.04 -3.58 -4.80
N LEU A 17 -2.79 -2.91 -5.91
CA LEU A 17 -3.90 -2.33 -6.71
C LEU A 17 -4.70 -3.49 -7.31
N GLU A 18 -4.02 -4.44 -7.91
CA GLU A 18 -4.73 -5.61 -8.50
C GLU A 18 -5.35 -6.41 -7.36
N VAL A 19 -4.63 -6.54 -6.27
CA VAL A 19 -5.17 -7.31 -5.13
C VAL A 19 -6.50 -6.67 -4.69
N ILE A 20 -6.49 -5.40 -4.39
CA ILE A 20 -7.77 -4.72 -4.00
C ILE A 20 -8.81 -4.95 -5.11
N CYS A 21 -8.35 -5.17 -6.32
CA CYS A 21 -9.30 -5.42 -7.45
C CYS A 21 -9.89 -6.83 -7.31
N LYS A 22 -9.06 -7.81 -7.05
CA LYS A 22 -9.57 -9.21 -6.91
C LYS A 22 -10.66 -9.26 -5.82
N TYR A 23 -10.56 -8.40 -4.84
CA TYR A 23 -11.55 -8.39 -3.74
C TYR A 23 -12.56 -7.25 -3.93
N VAL A 24 -12.22 -6.25 -4.71
CA VAL A 24 -13.15 -5.09 -4.92
C VAL A 24 -12.89 -4.50 -6.32
N GLN A 25 -12.88 -3.19 -6.49
CA GLN A 25 -12.63 -2.61 -7.84
C GLN A 25 -12.33 -1.11 -7.71
N ILE A 26 -11.13 -0.72 -7.99
CA ILE A 26 -10.74 0.73 -7.89
C ILE A 26 -9.83 1.09 -9.06
N ASP A 27 -9.64 2.35 -9.30
CA ASP A 27 -8.75 2.79 -10.41
C ASP A 27 -7.39 3.19 -9.83
N PRO A 28 -6.37 3.22 -10.65
CA PRO A 28 -4.98 3.60 -10.20
C PRO A 28 -4.93 5.10 -9.94
N GLU A 29 -5.72 5.85 -10.65
CA GLU A 29 -5.75 7.32 -10.42
C GLU A 29 -6.35 7.60 -9.03
N MET A 30 -6.99 6.62 -8.42
CA MET A 30 -7.60 6.82 -7.08
C MET A 30 -6.56 6.47 -6.00
N VAL A 31 -5.61 5.63 -6.32
CA VAL A 31 -4.57 5.26 -5.32
C VAL A 31 -3.33 6.12 -5.52
N THR A 32 -2.94 6.89 -4.53
CA THR A 32 -1.74 7.75 -4.67
C THR A 32 -0.50 7.00 -4.21
N VAL A 33 0.66 7.46 -4.62
CA VAL A 33 1.93 6.79 -4.22
C VAL A 33 2.99 7.86 -3.96
N GLN A 34 3.66 7.78 -2.85
CA GLN A 34 4.70 8.81 -2.53
C GLN A 34 5.84 8.16 -1.75
N LEU A 35 7.07 8.44 -2.12
CA LEU A 35 8.23 7.85 -1.41
C LEU A 35 8.91 8.89 -0.53
N GLU A 36 9.55 8.44 0.51
CA GLU A 36 10.26 9.38 1.43
C GLU A 36 11.51 8.69 1.97
N GLN A 37 12.32 9.39 2.72
CA GLN A 37 13.57 8.77 3.27
C GLN A 37 13.88 9.38 4.64
N LYS A 38 14.59 8.66 5.48
CA LYS A 38 14.94 9.20 6.82
C LYS A 38 16.42 9.55 6.87
N ASP A 39 16.87 10.11 7.96
CA ASP A 39 18.31 10.48 8.08
C ASP A 39 19.15 9.24 8.44
N GLY A 40 18.53 8.13 8.75
CA GLY A 40 19.31 6.91 9.12
C GLY A 40 19.45 6.00 7.91
N ASP A 41 19.51 6.56 6.72
CA ASP A 41 19.65 5.74 5.48
C ASP A 41 18.47 4.78 5.37
N ILE A 42 17.27 5.30 5.51
CA ILE A 42 16.06 4.44 5.43
C ILE A 42 15.07 5.04 4.42
N SER A 43 14.15 4.26 3.94
CA SER A 43 13.17 4.78 2.94
C SER A 43 11.76 4.71 3.54
N ILE A 44 10.82 5.38 2.94
CA ILE A 44 9.43 5.38 3.44
C ILE A 44 8.46 5.53 2.27
N LEU A 45 8.02 4.44 1.70
CA LEU A 45 7.08 4.50 0.55
C LEU A 45 5.64 4.46 1.04
N GLU A 46 4.97 5.58 0.99
CA GLU A 46 3.55 5.64 1.44
C GLU A 46 2.64 5.67 0.20
N LEU A 47 1.50 5.05 0.29
CA LEU A 47 0.57 5.05 -0.88
C LEU A 47 -0.86 5.28 -0.40
N ASN A 48 -1.55 6.21 -0.99
CA ASN A 48 -2.94 6.49 -0.58
C ASN A 48 -3.89 5.61 -1.38
N VAL A 49 -4.94 5.13 -0.79
CA VAL A 49 -5.89 4.26 -1.53
C VAL A 49 -7.30 4.86 -1.45
N THR A 50 -7.63 5.74 -2.37
CA THR A 50 -8.97 6.37 -2.36
C THR A 50 -10.02 5.37 -2.84
N LEU A 51 -10.66 4.69 -1.92
CA LEU A 51 -11.72 3.71 -2.31
C LEU A 51 -13.03 4.48 -2.54
N PRO A 52 -13.80 4.10 -3.55
CA PRO A 52 -15.08 4.77 -3.89
C PRO A 52 -16.22 4.30 -2.98
N GLU A 53 -17.43 4.65 -3.30
CA GLU A 53 -18.60 4.25 -2.46
C GLU A 53 -18.63 2.72 -2.28
N ALA A 54 -19.50 2.24 -1.43
CA ALA A 54 -19.59 0.78 -1.18
C ALA A 54 -20.75 0.50 -0.22
N GLU A 55 -20.78 -0.67 0.37
CA GLU A 55 -21.89 -1.01 1.32
C GLU A 55 -21.86 -0.02 2.49
N GLU A 56 -22.99 0.61 2.77
CA GLU A 56 -23.05 1.59 3.89
C GLU A 56 -23.26 0.85 5.21
N LEU A 57 -22.38 -0.07 5.55
CA LEU A 57 -22.53 -0.82 6.82
C LEU A 57 -21.28 -0.61 7.68
N LYS A 58 -21.28 0.41 8.49
CA LYS A 58 -20.10 0.68 9.37
C LYS A 58 -20.28 -0.03 10.71
N ARG B 1 -11.39 -1.95 15.50
CA ARG B 1 -11.16 -2.72 14.24
C ARG B 1 -12.09 -2.19 13.14
N SER B 2 -11.95 -0.94 12.79
CA SER B 2 -12.82 -0.35 11.73
C SER B 2 -12.60 -1.08 10.40
N ASP B 3 -11.42 -1.67 10.22
CA ASP B 3 -11.14 -2.39 8.95
C ASP B 3 -11.68 -3.83 9.01
N ALA B 4 -12.45 -4.17 10.03
CA ALA B 4 -13.01 -5.55 10.13
C ALA B 4 -14.40 -5.60 9.48
N GLU B 5 -14.87 -4.50 8.91
CA GLU B 5 -16.21 -4.49 8.27
C GLU B 5 -16.16 -5.12 6.85
N PRO B 6 -15.15 -4.79 6.06
CA PRO B 6 -15.00 -5.34 4.67
C PRO B 6 -14.33 -6.71 4.68
N HIS B 7 -13.32 -6.88 5.51
CA HIS B 7 -12.58 -8.18 5.59
C HIS B 7 -11.65 -8.36 4.38
N TYR B 8 -11.63 -7.43 3.45
CA TYR B 8 -10.73 -7.56 2.27
C TYR B 8 -9.74 -6.39 2.26
N LEU B 9 -10.16 -5.24 2.71
CA LEU B 9 -9.25 -4.05 2.75
C LEU B 9 -7.94 -4.41 3.50
N PRO B 10 -8.05 -4.97 4.69
CA PRO B 10 -6.86 -5.37 5.51
C PRO B 10 -6.20 -6.62 4.91
N GLN B 11 -6.90 -7.33 4.07
CA GLN B 11 -6.32 -8.55 3.43
C GLN B 11 -5.36 -8.08 2.33
N LEU B 12 -5.68 -6.98 1.70
CA LEU B 12 -4.82 -6.46 0.60
C LEU B 12 -3.58 -5.78 1.20
N ARG B 13 -3.74 -4.99 2.23
CA ARG B 13 -2.57 -4.31 2.84
C ARG B 13 -1.58 -5.36 3.34
N LYS B 14 -2.07 -6.38 4.00
CA LYS B 14 -1.16 -7.43 4.50
C LYS B 14 -0.54 -8.15 3.30
N ASP B 15 -1.27 -8.22 2.21
CA ASP B 15 -0.73 -8.89 0.99
C ASP B 15 0.44 -8.07 0.47
N ILE B 16 0.30 -6.76 0.38
CA ILE B 16 1.44 -5.93 -0.12
C ILE B 16 2.65 -6.13 0.80
N LEU B 17 2.42 -6.41 2.06
CA LEU B 17 3.54 -6.64 3.01
C LEU B 17 4.25 -7.94 2.59
N GLU B 18 3.48 -8.98 2.36
CA GLU B 18 4.09 -10.27 1.93
C GLU B 18 4.68 -10.09 0.56
N VAL B 19 3.99 -9.36 -0.29
CA VAL B 19 4.51 -9.13 -1.66
C VAL B 19 5.89 -8.47 -1.56
N ILE B 20 5.98 -7.35 -0.88
CA ILE B 20 7.32 -6.68 -0.71
C ILE B 20 8.31 -7.69 -0.11
N CYS B 21 7.80 -8.68 0.61
CA CYS B 21 8.69 -9.71 1.19
C CYS B 21 9.19 -10.65 0.09
N LYS B 22 8.30 -11.10 -0.76
CA LYS B 22 8.73 -12.03 -1.87
C LYS B 22 9.83 -11.37 -2.71
N TYR B 23 9.83 -10.07 -2.78
CA TYR B 23 10.83 -9.35 -3.59
C TYR B 23 11.91 -8.75 -2.68
N VAL B 24 11.62 -8.57 -1.41
CA VAL B 24 12.62 -7.96 -0.47
C VAL B 24 12.37 -8.51 0.96
N GLN B 25 12.44 -7.71 1.99
CA GLN B 25 12.20 -8.23 3.37
C GLN B 25 12.01 -7.06 4.34
N ILE B 26 10.82 -6.90 4.85
CA ILE B 26 10.54 -5.79 5.81
C ILE B 26 9.62 -6.29 6.91
N ASP B 27 9.51 -5.54 7.98
CA ASP B 27 8.63 -5.96 9.10
C ASP B 27 7.32 -5.17 9.00
N PRO B 28 6.26 -5.67 9.64
CA PRO B 28 4.93 -4.99 9.62
C PRO B 28 4.98 -3.74 10.50
N GLU B 29 5.80 -3.75 11.51
CA GLU B 29 5.94 -2.56 12.38
C GLU B 29 6.60 -1.42 11.58
N MET B 30 7.19 -1.74 10.44
CA MET B 30 7.84 -0.69 9.61
C MET B 30 6.82 -0.11 8.63
N VAL B 31 5.80 -0.85 8.30
CA VAL B 31 4.77 -0.34 7.34
C VAL B 31 3.57 0.20 8.13
N THR B 32 3.28 1.47 7.98
CA THR B 32 2.14 2.08 8.73
C THR B 32 0.86 1.95 7.91
N VAL B 33 -0.27 2.05 8.55
CA VAL B 33 -1.57 1.95 7.83
C VAL B 33 -2.55 2.97 8.43
N GLN B 34 -3.19 3.75 7.61
CA GLN B 34 -4.15 4.76 8.13
C GLN B 34 -5.33 4.93 7.16
N LEU B 35 -6.53 4.96 7.65
CA LEU B 35 -7.71 5.11 6.76
C LEU B 35 -8.30 6.51 6.89
N GLU B 36 -8.93 6.98 5.85
CA GLU B 36 -9.54 8.34 5.88
C GLU B 36 -10.82 8.31 5.05
N GLN B 37 -11.57 9.39 5.04
CA GLN B 37 -12.83 9.43 4.24
C GLN B 37 -13.06 10.84 3.71
N LYS B 38 -13.80 10.97 2.64
CA LYS B 38 -14.06 12.33 2.06
C LYS B 38 -15.53 12.71 2.32
N ASP B 39 -15.91 13.90 1.96
CA ASP B 39 -17.32 14.35 2.18
C ASP B 39 -18.23 13.80 1.06
N GLY B 40 -17.67 13.18 0.05
CA GLY B 40 -18.52 12.62 -1.05
C GLY B 40 -18.76 11.13 -0.82
N ASP B 41 -18.82 10.71 0.41
CA ASP B 41 -19.05 9.26 0.71
C ASP B 41 -17.94 8.43 0.09
N ILE B 42 -16.72 8.81 0.32
CA ILE B 42 -15.56 8.06 -0.26
C ILE B 42 -14.57 7.70 0.85
N SER B 43 -13.71 6.75 0.61
CA SER B 43 -12.71 6.35 1.65
C SER B 43 -11.31 6.62 1.14
N ILE B 44 -10.34 6.60 2.02
CA ILE B 44 -8.93 6.88 1.61
C ILE B 44 -7.99 6.08 2.53
N LEU B 45 -7.65 4.88 2.15
CA LEU B 45 -6.74 4.05 2.99
C LEU B 45 -5.28 4.27 2.57
N GLU B 46 -4.55 4.98 3.38
CA GLU B 46 -3.11 5.25 3.06
C GLU B 46 -2.25 4.33 3.92
N LEU B 47 -1.13 3.87 3.39
CA LEU B 47 -0.25 2.98 4.20
C LEU B 47 1.21 3.38 3.97
N ASN B 48 1.94 3.58 5.03
CA ASN B 48 3.37 3.98 4.89
C ASN B 48 4.22 2.72 4.82
N VAL B 49 5.26 2.73 4.03
CA VAL B 49 6.13 1.53 3.92
C VAL B 49 7.57 1.91 4.25
N THR B 50 7.93 1.87 5.51
CA THR B 50 9.32 2.22 5.90
C THR B 50 10.28 1.10 5.50
N LEU B 51 10.90 1.23 4.36
CA LEU B 51 11.88 0.19 3.92
C LEU B 51 13.23 0.49 4.59
N PRO B 52 13.93 -0.55 5.01
CA PRO B 52 15.26 -0.41 5.69
C PRO B 52 16.38 -0.18 4.68
N GLU B 53 17.61 -0.24 5.13
CA GLU B 53 18.77 0.00 4.21
C GLU B 53 18.70 -0.96 3.01
N ALA B 54 19.56 -0.76 2.05
CA ALA B 54 19.57 -1.63 0.83
C ALA B 54 20.72 -1.22 -0.08
N GLU B 55 20.69 -1.64 -1.33
CA GLU B 55 21.79 -1.27 -2.27
C GLU B 55 21.87 0.25 -2.40
N GLU B 56 23.04 0.81 -2.19
CA GLU B 56 23.20 2.29 -2.29
C GLU B 56 23.41 2.68 -3.76
N LEU B 57 22.47 2.34 -4.61
CA LEU B 57 22.60 2.68 -6.05
C LEU B 57 21.40 3.52 -6.49
N LYS B 58 21.48 4.82 -6.34
CA LYS B 58 20.35 5.70 -6.74
C LYS B 58 20.53 6.14 -8.19
N ARG A 1 11.88 8.64 -12.83
CA ARG A 1 11.26 7.54 -12.03
C ARG A 1 12.24 7.09 -10.94
N SER A 2 12.26 7.80 -9.84
CA SER A 2 13.19 7.43 -8.73
C SER A 2 12.87 6.02 -8.22
N ASP A 3 11.66 5.54 -8.45
CA ASP A 3 11.30 4.18 -7.97
C ASP A 3 11.72 3.12 -9.00
N ALA A 4 12.52 3.47 -9.98
CA ALA A 4 12.97 2.47 -10.98
C ALA A 4 14.30 1.84 -10.54
N GLU A 5 14.97 2.43 -9.58
CA GLU A 5 16.27 1.87 -9.10
C GLU A 5 16.11 0.42 -8.59
N PRO A 6 15.07 0.13 -7.82
CA PRO A 6 14.83 -1.23 -7.26
C PRO A 6 14.10 -2.12 -8.25
N HIS A 7 13.12 -1.59 -8.94
CA HIS A 7 12.34 -2.40 -9.95
C HIS A 7 11.37 -3.36 -9.23
N TYR A 8 11.33 -3.36 -7.92
CA TYR A 8 10.39 -4.27 -7.19
C TYR A 8 9.45 -3.42 -6.34
N LEU A 9 9.94 -2.35 -5.79
CA LEU A 9 9.09 -1.44 -4.95
C LEU A 9 7.79 -1.07 -5.71
N PRO A 10 7.91 -0.62 -6.95
CA PRO A 10 6.73 -0.23 -7.79
C PRO A 10 5.99 -1.48 -8.28
N GLN A 11 6.65 -2.61 -8.27
CA GLN A 11 5.99 -3.86 -8.71
C GLN A 11 5.01 -4.29 -7.61
N LEU A 12 5.38 -4.05 -6.38
CA LEU A 12 4.51 -4.43 -5.25
C LEU A 12 3.31 -3.49 -5.20
N ARG A 13 3.55 -2.19 -5.14
CA ARG A 13 2.42 -1.20 -5.08
C ARG A 13 1.38 -1.52 -6.17
N LYS A 14 1.82 -1.79 -7.37
CA LYS A 14 0.86 -2.11 -8.44
C LYS A 14 0.15 -3.43 -8.09
N ASP A 15 0.82 -4.30 -7.35
CA ASP A 15 0.18 -5.58 -6.98
C ASP A 15 -1.00 -5.30 -6.05
N ILE A 16 -0.83 -4.46 -5.03
CA ILE A 16 -1.96 -4.16 -4.11
C ILE A 16 -3.13 -3.59 -4.92
N LEU A 17 -2.85 -2.87 -5.98
CA LEU A 17 -3.93 -2.32 -6.83
C LEU A 17 -4.71 -3.50 -7.42
N GLU A 18 -4.00 -4.49 -7.89
CA GLU A 18 -4.67 -5.69 -8.47
C GLU A 18 -5.29 -6.48 -7.32
N VAL A 19 -4.60 -6.51 -6.20
CA VAL A 19 -5.14 -7.24 -5.01
C VAL A 19 -6.47 -6.61 -4.61
N ILE A 20 -6.47 -5.34 -4.31
CA ILE A 20 -7.76 -4.64 -3.95
C ILE A 20 -8.77 -4.88 -5.07
N CYS A 21 -8.29 -5.13 -6.28
CA CYS A 21 -9.20 -5.39 -7.41
C CYS A 21 -9.80 -6.79 -7.26
N LYS A 22 -8.99 -7.78 -6.98
CA LYS A 22 -9.50 -9.18 -6.82
C LYS A 22 -10.58 -9.23 -5.73
N TYR A 23 -10.45 -8.41 -4.72
CA TYR A 23 -11.44 -8.41 -3.61
C TYR A 23 -12.41 -7.23 -3.75
N VAL A 24 -12.10 -6.27 -4.59
CA VAL A 24 -13.00 -5.07 -4.77
C VAL A 24 -12.82 -4.54 -6.21
N GLN A 25 -12.76 -3.24 -6.42
CA GLN A 25 -12.57 -2.72 -7.81
C GLN A 25 -12.37 -1.21 -7.77
N ILE A 26 -11.17 -0.77 -8.04
CA ILE A 26 -10.88 0.70 -8.01
C ILE A 26 -9.93 1.03 -9.17
N ASP A 27 -9.75 2.28 -9.46
CA ASP A 27 -8.83 2.67 -10.57
C ASP A 27 -7.47 3.07 -9.97
N PRO A 28 -6.45 3.13 -10.80
CA PRO A 28 -5.07 3.51 -10.35
C PRO A 28 -5.02 5.00 -10.08
N GLU A 29 -5.81 5.77 -10.79
CA GLU A 29 -5.84 7.24 -10.54
C GLU A 29 -6.46 7.51 -9.16
N MET A 30 -7.08 6.51 -8.56
CA MET A 30 -7.69 6.71 -7.22
C MET A 30 -6.66 6.39 -6.13
N VAL A 31 -5.66 5.58 -6.45
CA VAL A 31 -4.63 5.23 -5.45
C VAL A 31 -3.41 6.13 -5.63
N THR A 32 -2.94 6.75 -4.57
CA THR A 32 -1.77 7.65 -4.69
C THR A 32 -0.50 6.90 -4.26
N VAL A 33 0.64 7.37 -4.68
CA VAL A 33 1.92 6.71 -4.29
C VAL A 33 2.97 7.80 -4.02
N GLN A 34 3.61 7.74 -2.88
CA GLN A 34 4.63 8.77 -2.54
C GLN A 34 5.77 8.12 -1.74
N LEU A 35 6.99 8.29 -2.20
CA LEU A 35 8.15 7.68 -1.48
C LEU A 35 8.85 8.74 -0.62
N GLU A 36 9.61 8.32 0.35
CA GLU A 36 10.33 9.28 1.23
C GLU A 36 11.62 8.65 1.73
N GLN A 37 12.37 9.36 2.54
CA GLN A 37 13.65 8.81 3.07
C GLN A 37 13.94 9.42 4.45
N LYS A 38 14.76 8.77 5.23
CA LYS A 38 15.08 9.31 6.59
C LYS A 38 16.59 9.58 6.69
N ASP A 39 17.00 10.27 7.71
CA ASP A 39 18.45 10.58 7.88
C ASP A 39 19.21 9.35 8.38
N GLY A 40 18.53 8.26 8.67
CA GLY A 40 19.23 7.04 9.16
C GLY A 40 19.45 6.07 8.01
N ASP A 41 19.64 6.58 6.81
CA ASP A 41 19.86 5.70 5.62
C ASP A 41 18.65 4.78 5.46
N ILE A 42 17.48 5.32 5.56
CA ILE A 42 16.24 4.49 5.42
C ILE A 42 15.34 5.10 4.34
N SER A 43 14.53 4.29 3.71
CA SER A 43 13.62 4.80 2.64
C SER A 43 12.18 4.54 3.06
N ILE A 44 11.25 5.18 2.41
CA ILE A 44 9.82 4.98 2.76
C ILE A 44 8.97 5.00 1.49
N LEU A 45 7.85 4.33 1.52
CA LEU A 45 6.96 4.30 0.32
C LEU A 45 5.52 4.26 0.78
N GLU A 46 4.87 5.40 0.84
CA GLU A 46 3.46 5.45 1.28
C GLU A 46 2.54 5.47 0.07
N LEU A 47 1.43 4.78 0.12
CA LEU A 47 0.49 4.77 -1.04
C LEU A 47 -0.92 5.00 -0.53
N ASN A 48 -1.61 5.98 -1.07
CA ASN A 48 -2.99 6.27 -0.62
C ASN A 48 -3.96 5.44 -1.44
N VAL A 49 -4.99 4.94 -0.83
CA VAL A 49 -5.99 4.11 -1.58
C VAL A 49 -7.38 4.70 -1.38
N THR A 50 -7.82 5.54 -2.29
CA THR A 50 -9.17 6.16 -2.16
C THR A 50 -10.21 5.25 -2.81
N LEU A 51 -11.01 4.59 -2.02
CA LEU A 51 -12.07 3.70 -2.58
C LEU A 51 -13.34 4.53 -2.81
N PRO A 52 -14.03 4.31 -3.91
CA PRO A 52 -15.29 5.05 -4.26
C PRO A 52 -16.51 4.40 -3.60
N GLU A 53 -17.67 4.95 -3.82
CA GLU A 53 -18.92 4.39 -3.21
C GLU A 53 -19.13 2.96 -3.71
N ALA A 54 -20.28 2.40 -3.44
CA ALA A 54 -20.58 1.01 -3.88
C ALA A 54 -22.02 0.67 -3.51
N GLU A 55 -22.92 1.60 -3.66
CA GLU A 55 -24.35 1.34 -3.32
C GLU A 55 -24.93 0.31 -4.29
N GLU A 56 -24.71 -0.95 -4.03
CA GLU A 56 -25.24 -2.01 -4.94
C GLU A 56 -24.87 -3.39 -4.38
N LEU A 57 -24.90 -3.54 -3.08
CA LEU A 57 -24.55 -4.85 -2.46
C LEU A 57 -25.81 -5.71 -2.33
N LYS A 58 -25.66 -7.01 -2.29
CA LYS A 58 -26.85 -7.91 -2.16
C LYS A 58 -26.54 -9.02 -1.15
N ARG B 1 -11.62 -2.13 15.52
CA ARG B 1 -11.06 -2.38 14.17
C ARG B 1 -12.03 -1.86 13.10
N SER B 2 -11.97 -0.58 12.81
CA SER B 2 -12.89 0.01 11.79
C SER B 2 -12.65 -0.65 10.43
N ASP B 3 -11.50 -1.24 10.22
CA ASP B 3 -11.21 -1.89 8.92
C ASP B 3 -11.74 -3.34 8.90
N ALA B 4 -12.53 -3.72 9.87
CA ALA B 4 -13.08 -5.10 9.90
C ALA B 4 -14.43 -5.15 9.18
N GLU B 5 -15.03 -4.01 8.93
CA GLU B 5 -16.35 -3.98 8.24
C GLU B 5 -16.28 -4.65 6.84
N PRO B 6 -15.24 -4.39 6.07
CA PRO B 6 -15.08 -4.96 4.70
C PRO B 6 -14.44 -6.35 4.75
N HIS B 7 -13.45 -6.53 5.59
CA HIS B 7 -12.75 -7.85 5.71
C HIS B 7 -11.83 -8.10 4.51
N TYR B 8 -11.76 -7.18 3.57
CA TYR B 8 -10.86 -7.37 2.39
C TYR B 8 -9.84 -6.24 2.35
N LEU B 9 -10.24 -5.05 2.74
CA LEU B 9 -9.30 -3.88 2.76
C LEU B 9 -8.01 -4.24 3.52
N PRO B 10 -8.12 -4.78 4.72
CA PRO B 10 -6.95 -5.19 5.55
C PRO B 10 -6.31 -6.47 5.00
N GLN B 11 -7.04 -7.22 4.22
CA GLN B 11 -6.47 -8.46 3.62
C GLN B 11 -5.51 -8.04 2.52
N LEU B 12 -5.83 -6.99 1.82
CA LEU B 12 -4.94 -6.52 0.73
C LEU B 12 -3.69 -5.90 1.33
N ARG B 13 -3.83 -4.92 2.20
CA ARG B 13 -2.64 -4.27 2.82
C ARG B 13 -1.66 -5.33 3.34
N LYS B 14 -2.15 -6.33 4.02
CA LYS B 14 -1.23 -7.38 4.52
C LYS B 14 -0.61 -8.11 3.32
N ASP B 15 -1.32 -8.17 2.22
CA ASP B 15 -0.76 -8.85 1.02
C ASP B 15 0.47 -8.07 0.53
N ILE B 16 0.37 -6.76 0.40
CA ILE B 16 1.55 -5.97 -0.07
C ILE B 16 2.74 -6.22 0.88
N LEU B 17 2.47 -6.43 2.15
CA LEU B 17 3.58 -6.72 3.09
C LEU B 17 4.25 -8.02 2.67
N GLU B 18 3.46 -9.00 2.32
CA GLU B 18 4.04 -10.30 1.87
C GLU B 18 4.62 -10.09 0.48
N VAL B 19 3.97 -9.28 -0.32
CA VAL B 19 4.48 -8.99 -1.69
C VAL B 19 5.87 -8.36 -1.57
N ILE B 20 5.96 -7.24 -0.88
CA ILE B 20 7.30 -6.59 -0.69
C ILE B 20 8.26 -7.62 -0.08
N CYS B 21 7.74 -8.61 0.61
CA CYS B 21 8.59 -9.66 1.20
C CYS B 21 9.10 -10.59 0.09
N LYS B 22 8.24 -11.01 -0.79
CA LYS B 22 8.66 -11.93 -1.90
C LYS B 22 9.76 -11.28 -2.74
N TYR B 23 9.72 -9.99 -2.87
CA TYR B 23 10.73 -9.27 -3.69
C TYR B 23 11.77 -8.60 -2.78
N VAL B 24 11.51 -8.49 -1.50
CA VAL B 24 12.48 -7.84 -0.56
C VAL B 24 12.29 -8.46 0.84
N GLN B 25 12.31 -7.69 1.91
CA GLN B 25 12.14 -8.29 3.26
C GLN B 25 12.04 -7.17 4.31
N ILE B 26 10.87 -6.96 4.84
CA ILE B 26 10.67 -5.90 5.87
C ILE B 26 9.71 -6.42 6.94
N ASP B 27 9.61 -5.72 8.03
CA ASP B 27 8.68 -6.16 9.13
C ASP B 27 7.38 -5.37 9.02
N PRO B 28 6.34 -5.84 9.68
CA PRO B 28 5.00 -5.16 9.66
C PRO B 28 5.05 -3.91 10.53
N GLU B 29 5.88 -3.92 11.55
CA GLU B 29 6.03 -2.71 12.41
C GLU B 29 6.70 -1.59 11.60
N MET B 30 7.27 -1.91 10.45
CA MET B 30 7.93 -0.87 9.62
C MET B 30 6.90 -0.26 8.65
N VAL B 31 5.85 -0.99 8.34
CA VAL B 31 4.83 -0.46 7.41
C VAL B 31 3.66 0.13 8.22
N THR B 32 3.27 1.35 7.92
CA THR B 32 2.15 1.98 8.66
C THR B 32 0.85 1.84 7.86
N VAL B 33 -0.26 1.96 8.53
CA VAL B 33 -1.58 1.84 7.84
C VAL B 33 -2.54 2.87 8.42
N GLN B 34 -3.15 3.68 7.59
CA GLN B 34 -4.09 4.72 8.11
C GLN B 34 -5.25 4.90 7.12
N LEU B 35 -6.47 4.79 7.59
CA LEU B 35 -7.64 4.95 6.70
C LEU B 35 -8.25 6.34 6.86
N GLU B 36 -9.00 6.78 5.88
CA GLU B 36 -9.63 8.13 5.96
C GLU B 36 -10.95 8.12 5.20
N GLN B 37 -11.62 9.25 5.14
CA GLN B 37 -12.93 9.32 4.42
C GLN B 37 -13.13 10.73 3.87
N LYS B 38 -13.97 10.89 2.89
CA LYS B 38 -14.22 12.25 2.32
C LYS B 38 -15.70 12.61 2.47
N ASP B 39 -16.03 13.86 2.25
CA ASP B 39 -17.46 14.29 2.39
C ASP B 39 -18.29 13.82 1.19
N GLY B 40 -17.67 13.21 0.19
CA GLY B 40 -18.44 12.74 -1.00
C GLY B 40 -18.75 11.25 -0.86
N ASP B 41 -18.94 10.79 0.36
CA ASP B 41 -19.26 9.34 0.59
C ASP B 41 -18.12 8.49 0.03
N ILE B 42 -16.90 8.87 0.31
CA ILE B 42 -15.74 8.11 -0.21
C ILE B 42 -14.83 7.71 0.95
N SER B 43 -14.09 6.64 0.80
CA SER B 43 -13.18 6.19 1.89
C SER B 43 -11.75 6.20 1.37
N ILE B 44 -10.80 6.12 2.25
CA ILE B 44 -9.37 6.15 1.83
C ILE B 44 -8.56 5.20 2.72
N LEU B 45 -7.49 4.66 2.20
CA LEU B 45 -6.64 3.75 3.00
C LEU B 45 -5.18 3.94 2.60
N GLU B 46 -4.46 4.74 3.35
CA GLU B 46 -3.03 4.99 3.03
C GLU B 46 -2.16 4.08 3.89
N LEU B 47 -1.10 3.56 3.32
CA LEU B 47 -0.20 2.68 4.11
C LEU B 47 1.26 3.10 3.88
N ASN B 48 1.98 3.36 4.92
CA ASN B 48 3.40 3.78 4.77
C ASN B 48 4.28 2.55 4.75
N VAL B 49 5.30 2.56 3.92
CA VAL B 49 6.21 1.38 3.85
C VAL B 49 7.65 1.84 4.08
N THR B 50 8.11 1.77 5.30
CA THR B 50 9.50 2.20 5.61
C THR B 50 10.47 1.03 5.41
N LEU B 51 11.25 1.06 4.36
CA LEU B 51 12.21 -0.03 4.09
C LEU B 51 13.54 0.32 4.80
N PRO B 52 14.18 -0.67 5.41
CA PRO B 52 15.47 -0.48 6.15
C PRO B 52 16.67 -0.55 5.18
N GLU B 53 17.86 -0.40 5.70
CA GLU B 53 19.07 -0.45 4.83
C GLU B 53 19.18 -1.83 4.17
N ALA B 54 20.29 -2.11 3.56
CA ALA B 54 20.48 -3.43 2.88
C ALA B 54 21.90 -3.50 2.33
N GLU B 55 22.86 -3.02 3.07
CA GLU B 55 24.27 -3.05 2.61
C GLU B 55 24.76 -4.50 2.56
N GLU B 56 24.46 -5.20 1.48
CA GLU B 56 24.90 -6.63 1.37
C GLU B 56 24.45 -7.17 0.01
N LEU B 57 24.50 -6.37 -1.02
CA LEU B 57 24.08 -6.84 -2.38
C LEU B 57 25.28 -7.44 -3.11
N LYS B 58 25.05 -8.32 -4.04
CA LYS B 58 26.17 -8.94 -4.80
C LYS B 58 25.81 -9.00 -6.29
N ARG A 1 11.35 8.60 -13.13
CA ARG A 1 10.83 7.43 -12.39
C ARG A 1 11.80 7.05 -11.26
N SER A 2 11.72 7.73 -10.14
CA SER A 2 12.63 7.43 -9.01
C SER A 2 12.42 5.99 -8.53
N ASP A 3 11.26 5.43 -8.79
CA ASP A 3 11.00 4.03 -8.35
C ASP A 3 11.54 3.02 -9.38
N ALA A 4 12.32 3.48 -10.34
CA ALA A 4 12.88 2.53 -11.35
C ALA A 4 14.25 2.03 -10.89
N GLU A 5 14.72 2.45 -9.74
CA GLU A 5 16.05 1.98 -9.24
C GLU A 5 15.95 0.56 -8.66
N PRO A 6 14.93 0.27 -7.86
CA PRO A 6 14.74 -1.07 -7.24
C PRO A 6 14.04 -2.03 -8.22
N HIS A 7 13.05 -1.55 -8.93
CA HIS A 7 12.30 -2.40 -9.92
C HIS A 7 11.34 -3.37 -9.20
N TYR A 8 11.31 -3.35 -7.88
CA TYR A 8 10.39 -4.26 -7.15
C TYR A 8 9.42 -3.41 -6.31
N LEU A 9 9.88 -2.31 -5.79
CA LEU A 9 9.00 -1.42 -4.98
C LEU A 9 7.71 -1.07 -5.75
N PRO A 10 7.83 -0.62 -6.98
CA PRO A 10 6.64 -0.26 -7.83
C PRO A 10 5.90 -1.53 -8.29
N GLN A 11 6.54 -2.67 -8.22
CA GLN A 11 5.89 -3.94 -8.62
C GLN A 11 4.94 -4.36 -7.49
N LEU A 12 5.30 -4.07 -6.28
CA LEU A 12 4.45 -4.45 -5.12
C LEU A 12 3.26 -3.50 -5.02
N ARG A 13 3.49 -2.23 -5.20
CA ARG A 13 2.36 -1.25 -5.11
C ARG A 13 1.33 -1.59 -6.19
N LYS A 14 1.78 -1.91 -7.38
CA LYS A 14 0.81 -2.26 -8.45
C LYS A 14 0.10 -3.56 -8.04
N ASP A 15 0.81 -4.42 -7.34
CA ASP A 15 0.19 -5.70 -6.90
C ASP A 15 -0.95 -5.39 -5.94
N ILE A 16 -0.74 -4.50 -4.99
CA ILE A 16 -1.84 -4.16 -4.03
C ILE A 16 -3.02 -3.57 -4.82
N LEU A 17 -2.74 -2.91 -5.93
CA LEU A 17 -3.83 -2.33 -6.75
C LEU A 17 -4.63 -3.49 -7.36
N GLU A 18 -3.95 -4.43 -7.95
CA GLU A 18 -4.65 -5.61 -8.54
C GLU A 18 -5.27 -6.40 -7.42
N VAL A 19 -4.57 -6.50 -6.31
CA VAL A 19 -5.11 -7.26 -5.15
C VAL A 19 -6.43 -6.62 -4.72
N ILE A 20 -6.42 -5.34 -4.42
CA ILE A 20 -7.69 -4.64 -4.03
C ILE A 20 -8.74 -4.86 -5.14
N CYS A 21 -8.28 -5.12 -6.35
CA CYS A 21 -9.23 -5.37 -7.47
C CYS A 21 -9.84 -6.77 -7.30
N LYS A 22 -9.02 -7.75 -7.01
CA LYS A 22 -9.53 -9.14 -6.84
C LYS A 22 -10.60 -9.19 -5.75
N TYR A 23 -10.48 -8.35 -4.75
CA TYR A 23 -11.46 -8.33 -3.64
C TYR A 23 -12.41 -7.14 -3.79
N VAL A 24 -12.09 -6.19 -4.64
CA VAL A 24 -12.98 -4.99 -4.82
C VAL A 24 -12.82 -4.47 -6.26
N GLN A 25 -12.75 -3.18 -6.49
CA GLN A 25 -12.58 -2.67 -7.88
C GLN A 25 -12.34 -1.16 -7.87
N ILE A 26 -11.14 -0.75 -8.12
CA ILE A 26 -10.80 0.70 -8.14
C ILE A 26 -9.84 0.99 -9.28
N ASP A 27 -9.64 2.24 -9.60
CA ASP A 27 -8.71 2.60 -10.70
C ASP A 27 -7.32 2.88 -10.11
N PRO A 28 -6.30 2.84 -10.94
CA PRO A 28 -4.89 3.11 -10.50
C PRO A 28 -4.70 4.59 -10.24
N GLU A 29 -5.43 5.41 -10.95
CA GLU A 29 -5.33 6.89 -10.73
C GLU A 29 -6.01 7.25 -9.39
N MET A 30 -6.69 6.31 -8.77
CA MET A 30 -7.36 6.59 -7.47
C MET A 30 -6.39 6.31 -6.32
N VAL A 31 -5.36 5.52 -6.55
CA VAL A 31 -4.38 5.21 -5.48
C VAL A 31 -3.15 6.11 -5.64
N THR A 32 -2.70 6.72 -4.58
CA THR A 32 -1.51 7.61 -4.66
C THR A 32 -0.26 6.86 -4.20
N VAL A 33 0.89 7.32 -4.61
CA VAL A 33 2.16 6.65 -4.20
C VAL A 33 3.23 7.72 -3.98
N GLN A 34 3.70 7.86 -2.77
CA GLN A 34 4.74 8.89 -2.49
C GLN A 34 5.91 8.26 -1.75
N LEU A 35 7.08 8.29 -2.34
CA LEU A 35 8.27 7.69 -1.69
C LEU A 35 9.03 8.74 -0.87
N GLU A 36 9.36 8.41 0.35
CA GLU A 36 10.11 9.39 1.21
C GLU A 36 11.39 8.72 1.73
N GLN A 37 12.19 9.44 2.46
CA GLN A 37 13.45 8.84 3.00
C GLN A 37 13.83 9.51 4.32
N LYS A 38 14.52 8.81 5.18
CA LYS A 38 14.93 9.39 6.49
C LYS A 38 16.44 9.67 6.47
N ASP A 39 16.96 10.21 7.54
CA ASP A 39 18.41 10.50 7.60
C ASP A 39 19.21 9.24 7.92
N GLY A 40 18.55 8.17 8.34
CA GLY A 40 19.27 6.91 8.67
C GLY A 40 19.25 5.95 7.48
N ASP A 41 19.22 6.48 6.29
CA ASP A 41 19.19 5.61 5.07
C ASP A 41 17.95 4.72 5.10
N ILE A 42 16.82 5.30 5.36
CA ILE A 42 15.56 4.50 5.43
C ILE A 42 14.52 5.12 4.51
N SER A 43 13.87 4.33 3.69
CA SER A 43 12.84 4.87 2.75
C SER A 43 11.45 4.68 3.34
N ILE A 44 10.57 5.62 3.11
CA ILE A 44 9.18 5.52 3.64
C ILE A 44 8.20 5.62 2.48
N LEU A 45 8.00 4.57 1.75
CA LEU A 45 7.08 4.62 0.59
C LEU A 45 5.62 4.52 1.06
N GLU A 46 4.92 5.62 1.01
CA GLU A 46 3.50 5.63 1.44
C GLU A 46 2.60 5.64 0.20
N LEU A 47 1.49 4.96 0.24
CA LEU A 47 0.58 4.96 -0.93
C LEU A 47 -0.86 5.20 -0.45
N ASN A 48 -1.54 6.15 -1.04
CA ASN A 48 -2.93 6.44 -0.61
C ASN A 48 -3.90 5.58 -1.43
N VAL A 49 -4.95 5.11 -0.80
CA VAL A 49 -5.92 4.26 -1.54
C VAL A 49 -7.30 4.93 -1.47
N THR A 50 -7.64 5.69 -2.48
CA THR A 50 -8.96 6.38 -2.49
C THR A 50 -10.04 5.47 -3.09
N LEU A 51 -10.74 4.75 -2.25
CA LEU A 51 -11.81 3.84 -2.75
C LEU A 51 -13.10 4.67 -2.96
N PRO A 52 -13.83 4.41 -4.03
CA PRO A 52 -15.08 5.16 -4.35
C PRO A 52 -16.27 4.56 -3.60
N GLU A 53 -17.43 5.18 -3.73
CA GLU A 53 -18.64 4.68 -3.03
C GLU A 53 -18.96 3.27 -3.50
N ALA A 54 -19.98 2.66 -2.92
CA ALA A 54 -20.37 1.28 -3.33
C ALA A 54 -21.58 0.83 -2.51
N GLU A 55 -22.53 0.19 -3.14
CA GLU A 55 -23.74 -0.28 -2.40
C GLU A 55 -24.68 -1.02 -3.37
N GLU A 56 -24.86 -2.30 -3.15
CA GLU A 56 -25.76 -3.10 -4.04
C GLU A 56 -25.25 -3.03 -5.49
N LEU A 57 -24.09 -3.58 -5.74
CA LEU A 57 -23.54 -3.55 -7.13
C LEU A 57 -23.08 -4.97 -7.51
N LYS A 58 -22.70 -5.16 -8.75
CA LYS A 58 -22.24 -6.51 -9.20
C LYS A 58 -21.04 -6.36 -10.12
N ARG B 1 -11.11 -2.39 15.69
CA ARG B 1 -10.63 -2.74 14.32
C ARG B 1 -11.60 -2.14 13.29
N SER B 2 -11.44 -0.89 12.97
CA SER B 2 -12.34 -0.24 11.98
C SER B 2 -12.22 -0.92 10.62
N ASP B 3 -11.11 -1.59 10.38
CA ASP B 3 -10.93 -2.29 9.07
C ASP B 3 -11.57 -3.67 9.10
N ALA B 4 -12.34 -3.99 10.13
CA ALA B 4 -12.99 -5.33 10.20
C ALA B 4 -14.38 -5.27 9.55
N GLU B 5 -14.79 -4.12 9.04
CA GLU B 5 -16.13 -4.01 8.40
C GLU B 5 -16.11 -4.61 6.98
N PRO B 6 -15.09 -4.33 6.19
CA PRO B 6 -14.97 -4.86 4.79
C PRO B 6 -14.38 -6.27 4.79
N HIS B 7 -13.37 -6.49 5.61
CA HIS B 7 -12.71 -7.84 5.69
C HIS B 7 -11.80 -8.08 4.47
N TYR B 8 -11.73 -7.15 3.55
CA TYR B 8 -10.85 -7.33 2.36
C TYR B 8 -9.80 -6.21 2.33
N LEU B 9 -10.18 -5.03 2.75
CA LEU B 9 -9.22 -3.89 2.78
C LEU B 9 -7.92 -4.28 3.54
N PRO B 10 -8.04 -4.82 4.73
CA PRO B 10 -6.86 -5.25 5.56
C PRO B 10 -6.22 -6.52 4.97
N GLN B 11 -6.94 -7.22 4.14
CA GLN B 11 -6.39 -8.45 3.51
C GLN B 11 -5.43 -8.03 2.38
N LEU B 12 -5.75 -6.93 1.73
CA LEU B 12 -4.90 -6.45 0.62
C LEU B 12 -3.63 -5.79 1.19
N ARG B 13 -3.78 -4.99 2.23
CA ARG B 13 -2.58 -4.32 2.81
C ARG B 13 -1.61 -5.39 3.31
N LYS B 14 -2.11 -6.42 3.94
CA LYS B 14 -1.20 -7.49 4.42
C LYS B 14 -0.58 -8.17 3.20
N ASP B 15 -1.31 -8.25 2.11
CA ASP B 15 -0.77 -8.88 0.89
C ASP B 15 0.41 -8.06 0.38
N ILE B 16 0.29 -6.74 0.35
CA ILE B 16 1.43 -5.91 -0.12
C ILE B 16 2.63 -6.12 0.82
N LEU B 17 2.37 -6.43 2.07
CA LEU B 17 3.47 -6.68 3.04
C LEU B 17 4.17 -7.96 2.63
N GLU B 18 3.41 -9.00 2.40
CA GLU B 18 4.01 -10.30 1.98
C GLU B 18 4.61 -10.11 0.60
N VAL B 19 3.93 -9.35 -0.23
CA VAL B 19 4.45 -9.11 -1.60
C VAL B 19 5.82 -8.44 -1.49
N ILE B 20 5.91 -7.32 -0.80
CA ILE B 20 7.24 -6.66 -0.63
C ILE B 20 8.24 -7.66 -0.03
N CYS B 21 7.73 -8.65 0.66
CA CYS B 21 8.63 -9.69 1.25
C CYS B 21 9.14 -10.60 0.13
N LYS B 22 8.26 -11.03 -0.74
CA LYS B 22 8.69 -11.93 -1.86
C LYS B 22 9.79 -11.26 -2.69
N TYR B 23 9.74 -9.96 -2.81
CA TYR B 23 10.75 -9.23 -3.61
C TYR B 23 11.79 -8.57 -2.70
N VAL B 24 11.50 -8.47 -1.41
CA VAL B 24 12.47 -7.81 -0.46
C VAL B 24 12.30 -8.45 0.92
N GLN B 25 12.31 -7.69 2.01
CA GLN B 25 12.14 -8.31 3.36
C GLN B 25 12.01 -7.20 4.42
N ILE B 26 10.82 -7.02 4.92
CA ILE B 26 10.58 -5.97 5.96
C ILE B 26 9.62 -6.51 7.01
N ASP B 27 9.49 -5.83 8.11
CA ASP B 27 8.56 -6.30 9.18
C ASP B 27 7.21 -5.58 8.99
N PRO B 28 6.17 -6.13 9.58
CA PRO B 28 4.79 -5.53 9.49
C PRO B 28 4.71 -4.28 10.36
N GLU B 29 5.48 -4.26 11.42
CA GLU B 29 5.49 -3.06 12.30
C GLU B 29 6.22 -1.91 11.60
N MET B 30 6.86 -2.18 10.47
CA MET B 30 7.58 -1.10 9.73
C MET B 30 6.63 -0.43 8.75
N VAL B 31 5.54 -1.08 8.39
CA VAL B 31 4.57 -0.48 7.44
C VAL B 31 3.40 0.13 8.21
N THR B 32 3.03 1.34 7.91
CA THR B 32 1.89 1.99 8.62
C THR B 32 0.61 1.87 7.80
N VAL B 33 -0.51 1.98 8.44
CA VAL B 33 -1.82 1.89 7.72
C VAL B 33 -2.80 2.87 8.35
N GLN B 34 -3.23 3.85 7.60
CA GLN B 34 -4.19 4.85 8.16
C GLN B 34 -5.38 5.01 7.22
N LEU B 35 -6.56 4.69 7.70
CA LEU B 35 -7.77 4.80 6.85
C LEU B 35 -8.43 6.18 7.03
N GLU B 36 -8.76 6.84 5.95
CA GLU B 36 -9.41 8.17 6.04
C GLU B 36 -10.71 8.16 5.24
N GLN B 37 -11.44 9.24 5.25
CA GLN B 37 -12.72 9.27 4.48
C GLN B 37 -13.02 10.72 4.03
N LYS B 38 -13.73 10.86 2.94
CA LYS B 38 -14.06 12.23 2.44
C LYS B 38 -15.54 12.51 2.70
N ASP B 39 -16.00 13.68 2.33
CA ASP B 39 -17.42 14.04 2.53
C ASP B 39 -18.30 13.42 1.42
N GLY B 40 -17.69 12.92 0.37
CA GLY B 40 -18.50 12.32 -0.74
C GLY B 40 -18.57 10.79 -0.57
N ASP B 41 -18.54 10.32 0.66
CA ASP B 41 -18.62 8.84 0.90
C ASP B 41 -17.44 8.16 0.21
N ILE B 42 -16.25 8.67 0.41
CA ILE B 42 -15.05 8.07 -0.24
C ILE B 42 -14.00 7.78 0.83
N SER B 43 -13.43 6.61 0.82
CA SER B 43 -12.39 6.26 1.84
C SER B 43 -11.00 6.44 1.25
N ILE B 44 -10.07 6.88 2.06
CA ILE B 44 -8.68 7.09 1.56
C ILE B 44 -7.73 6.28 2.44
N LEU B 45 -7.62 5.00 2.19
CA LEU B 45 -6.73 4.16 3.03
C LEU B 45 -5.28 4.33 2.59
N GLU B 46 -4.50 5.01 3.38
CA GLU B 46 -3.06 5.23 3.04
C GLU B 46 -2.20 4.30 3.91
N LEU B 47 -1.14 3.78 3.36
CA LEU B 47 -0.26 2.89 4.17
C LEU B 47 1.21 3.29 3.95
N ASN B 48 1.92 3.50 5.02
CA ASN B 48 3.34 3.91 4.89
C ASN B 48 4.23 2.67 4.84
N VAL B 49 5.26 2.70 4.03
CA VAL B 49 6.16 1.52 3.93
C VAL B 49 7.58 1.94 4.31
N THR B 50 7.95 1.74 5.56
CA THR B 50 9.31 2.14 6.00
C THR B 50 10.29 0.99 5.75
N LEU B 51 10.97 1.02 4.63
CA LEU B 51 11.97 -0.03 4.33
C LEU B 51 13.29 0.32 5.03
N PRO B 52 13.97 -0.66 5.58
CA PRO B 52 15.27 -0.45 6.29
C PRO B 52 16.44 -0.43 5.31
N GLU B 53 17.63 -0.16 5.81
CA GLU B 53 18.82 -0.10 4.92
C GLU B 53 19.04 -1.46 4.24
N ALA B 54 20.02 -1.56 3.38
CA ALA B 54 20.31 -2.84 2.69
C ALA B 54 21.51 -2.66 1.76
N GLU B 55 22.40 -3.62 1.73
CA GLU B 55 23.59 -3.51 0.84
C GLU B 55 24.44 -4.78 0.98
N GLU B 56 24.55 -5.55 -0.08
CA GLU B 56 25.37 -6.80 -0.04
C GLU B 56 24.82 -7.74 1.05
N LEU B 57 23.62 -8.22 0.87
CA LEU B 57 23.02 -9.15 1.89
C LEU B 57 22.47 -10.38 1.17
N LYS B 58 22.04 -11.36 1.93
CA LYS B 58 21.48 -12.60 1.31
C LYS B 58 20.26 -13.06 2.11
N ARG A 1 11.76 8.56 -13.42
CA ARG A 1 11.33 7.27 -12.79
C ARG A 1 12.21 6.97 -11.58
N SER A 2 12.09 7.77 -10.55
CA SER A 2 12.93 7.54 -9.33
C SER A 2 12.63 6.16 -8.73
N ASP A 3 11.49 5.58 -9.05
CA ASP A 3 11.16 4.23 -8.51
C ASP A 3 11.74 3.13 -9.40
N ALA A 4 12.63 3.46 -10.30
CA ALA A 4 13.24 2.43 -11.18
C ALA A 4 14.53 1.90 -10.54
N GLU A 5 15.07 2.60 -9.57
CA GLU A 5 16.33 2.15 -8.91
C GLU A 5 16.17 0.73 -8.32
N PRO A 6 15.07 0.44 -7.66
CA PRO A 6 14.81 -0.91 -7.04
C PRO A 6 14.21 -1.87 -8.07
N HIS A 7 13.20 -1.42 -8.80
CA HIS A 7 12.51 -2.29 -9.82
C HIS A 7 11.52 -3.25 -9.16
N TYR A 8 11.50 -3.34 -7.85
CA TYR A 8 10.52 -4.25 -7.17
C TYR A 8 9.56 -3.41 -6.31
N LEU A 9 10.02 -2.28 -5.82
CA LEU A 9 9.14 -1.40 -4.99
C LEU A 9 7.84 -1.06 -5.75
N PRO A 10 7.94 -0.59 -6.98
CA PRO A 10 6.75 -0.22 -7.81
C PRO A 10 6.02 -1.48 -8.29
N GLN A 11 6.68 -2.61 -8.26
CA GLN A 11 6.03 -3.88 -8.69
C GLN A 11 5.05 -4.29 -7.59
N LEU A 12 5.42 -4.05 -6.36
CA LEU A 12 4.54 -4.43 -5.23
C LEU A 12 3.34 -3.49 -5.19
N ARG A 13 3.58 -2.19 -5.14
CA ARG A 13 2.44 -1.22 -5.09
C ARG A 13 1.41 -1.53 -6.18
N LYS A 14 1.86 -1.82 -7.38
CA LYS A 14 0.88 -2.15 -8.45
C LYS A 14 0.19 -3.46 -8.09
N ASP A 15 0.86 -4.33 -7.35
CA ASP A 15 0.22 -5.61 -6.96
C ASP A 15 -0.98 -5.32 -6.04
N ILE A 16 -0.80 -4.48 -5.02
CA ILE A 16 -1.94 -4.17 -4.11
C ILE A 16 -3.11 -3.61 -4.93
N LEU A 17 -2.81 -2.88 -5.99
CA LEU A 17 -3.90 -2.33 -6.84
C LEU A 17 -4.67 -3.50 -7.44
N GLU A 18 -3.95 -4.50 -7.90
CA GLU A 18 -4.61 -5.71 -8.47
C GLU A 18 -5.23 -6.49 -7.32
N VAL A 19 -4.57 -6.51 -6.19
CA VAL A 19 -5.11 -7.24 -5.01
C VAL A 19 -6.45 -6.61 -4.63
N ILE A 20 -6.45 -5.33 -4.32
CA ILE A 20 -7.74 -4.65 -3.97
C ILE A 20 -8.73 -4.87 -5.12
N CYS A 21 -8.23 -5.12 -6.31
CA CYS A 21 -9.13 -5.36 -7.47
C CYS A 21 -9.75 -6.76 -7.33
N LYS A 22 -8.95 -7.75 -7.03
CA LYS A 22 -9.49 -9.15 -6.88
C LYS A 22 -10.58 -9.18 -5.82
N TYR A 23 -10.46 -8.37 -4.81
CA TYR A 23 -11.47 -8.35 -3.72
C TYR A 23 -12.42 -7.16 -3.89
N VAL A 24 -12.09 -6.21 -4.75
CA VAL A 24 -12.98 -5.01 -4.95
C VAL A 24 -12.76 -4.50 -6.39
N GLN A 25 -12.68 -3.19 -6.61
CA GLN A 25 -12.48 -2.69 -8.00
C GLN A 25 -12.24 -1.17 -7.96
N ILE A 26 -11.03 -0.76 -8.20
CA ILE A 26 -10.70 0.69 -8.17
C ILE A 26 -9.72 1.01 -9.31
N ASP A 27 -9.50 2.28 -9.57
CA ASP A 27 -8.56 2.67 -10.65
C ASP A 27 -7.22 3.08 -10.02
N PRO A 28 -6.18 3.16 -10.82
CA PRO A 28 -4.81 3.55 -10.34
C PRO A 28 -4.78 5.06 -10.06
N GLU A 29 -5.57 5.81 -10.78
CA GLU A 29 -5.62 7.28 -10.53
C GLU A 29 -6.29 7.54 -9.18
N MET A 30 -6.91 6.54 -8.58
CA MET A 30 -7.56 6.73 -7.26
C MET A 30 -6.56 6.42 -6.14
N VAL A 31 -5.56 5.63 -6.42
CA VAL A 31 -4.55 5.28 -5.38
C VAL A 31 -3.31 6.17 -5.53
N THR A 32 -2.95 6.89 -4.50
CA THR A 32 -1.75 7.78 -4.57
C THR A 32 -0.51 7.00 -4.15
N VAL A 33 0.64 7.46 -4.57
CA VAL A 33 1.91 6.78 -4.21
C VAL A 33 2.98 7.84 -3.95
N GLN A 34 3.55 7.85 -2.78
CA GLN A 34 4.59 8.87 -2.47
C GLN A 34 5.70 8.24 -1.63
N LEU A 35 6.93 8.35 -2.09
CA LEU A 35 8.07 7.74 -1.34
C LEU A 35 8.74 8.80 -0.47
N GLU A 36 9.24 8.39 0.67
CA GLU A 36 9.94 9.33 1.58
C GLU A 36 11.24 8.68 2.05
N GLN A 37 12.01 9.36 2.86
CA GLN A 37 13.29 8.76 3.35
C GLN A 37 13.62 9.30 4.75
N LYS A 38 14.46 8.61 5.47
CA LYS A 38 14.84 9.06 6.83
C LYS A 38 16.35 9.35 6.86
N ASP A 39 16.81 10.02 7.89
CA ASP A 39 18.26 10.35 8.00
C ASP A 39 19.03 9.12 8.51
N GLY A 40 18.97 8.03 7.79
CA GLY A 40 19.70 6.80 8.23
C GLY A 40 19.73 5.78 7.09
N ASP A 41 19.77 6.25 5.87
CA ASP A 41 19.81 5.32 4.69
C ASP A 41 18.55 4.46 4.70
N ILE A 42 17.41 5.06 4.94
CA ILE A 42 16.14 4.30 4.99
C ILE A 42 15.13 4.96 4.05
N SER A 43 14.12 4.24 3.64
CA SER A 43 13.09 4.82 2.73
C SER A 43 11.70 4.63 3.33
N ILE A 44 10.72 5.28 2.77
CA ILE A 44 9.33 5.17 3.29
C ILE A 44 8.34 5.31 2.13
N LEU A 45 8.00 4.22 1.49
CA LEU A 45 7.05 4.27 0.35
C LEU A 45 5.62 4.30 0.87
N GLU A 46 4.99 5.45 0.83
CA GLU A 46 3.58 5.56 1.30
C GLU A 46 2.66 5.54 0.09
N LEU A 47 1.44 5.11 0.25
CA LEU A 47 0.49 5.09 -0.90
C LEU A 47 -0.94 5.27 -0.40
N ASN A 48 -1.65 6.21 -0.96
CA ASN A 48 -3.05 6.45 -0.53
C ASN A 48 -3.98 5.59 -1.37
N VAL A 49 -5.02 5.07 -0.78
CA VAL A 49 -5.96 4.21 -1.57
C VAL A 49 -7.37 4.79 -1.48
N THR A 50 -7.71 5.69 -2.38
CA THR A 50 -9.07 6.30 -2.37
C THR A 50 -10.08 5.34 -2.99
N LEU A 51 -10.78 4.59 -2.17
CA LEU A 51 -11.78 3.64 -2.71
C LEU A 51 -13.15 4.34 -2.82
N PRO A 52 -13.89 4.06 -3.87
CA PRO A 52 -15.24 4.68 -4.12
C PRO A 52 -16.32 3.88 -3.40
N GLU A 53 -17.56 4.27 -3.56
CA GLU A 53 -18.68 3.55 -2.89
C GLU A 53 -18.74 2.11 -3.40
N ALA A 54 -19.79 1.40 -3.09
CA ALA A 54 -19.90 -0.01 -3.56
C ALA A 54 -21.25 -0.58 -3.12
N GLU A 55 -22.00 -1.13 -4.04
CA GLU A 55 -23.33 -1.71 -3.70
C GLU A 55 -23.14 -2.88 -2.73
N GLU A 56 -24.04 -3.03 -1.79
CA GLU A 56 -23.93 -4.15 -0.81
C GLU A 56 -24.52 -5.42 -1.40
N LEU A 57 -24.03 -5.85 -2.53
CA LEU A 57 -24.56 -7.08 -3.18
C LEU A 57 -23.41 -8.07 -3.42
N LYS A 58 -22.53 -8.22 -2.46
CA LYS A 58 -21.39 -9.16 -2.62
C LYS A 58 -21.26 -10.04 -1.37
N ARG B 1 -11.52 -2.61 15.87
CA ARG B 1 -11.16 -3.11 14.52
C ARG B 1 -12.03 -2.40 13.46
N SER B 2 -11.83 -1.11 13.29
CA SER B 2 -12.63 -0.36 12.29
C SER B 2 -12.42 -0.93 10.89
N ASP B 3 -11.33 -1.65 10.68
CA ASP B 3 -11.08 -2.24 9.33
C ASP B 3 -11.75 -3.60 9.21
N ALA B 4 -12.65 -3.95 10.10
CA ALA B 4 -13.35 -5.26 10.01
C ALA B 4 -14.66 -5.09 9.23
N GLU B 5 -15.12 -3.87 9.04
CA GLU B 5 -16.38 -3.64 8.29
C GLU B 5 -16.31 -4.24 6.87
N PRO B 6 -15.21 -4.05 6.16
CA PRO B 6 -15.03 -4.59 4.78
C PRO B 6 -14.53 -6.04 4.80
N HIS B 7 -13.51 -6.30 5.61
CA HIS B 7 -12.92 -7.69 5.71
C HIS B 7 -11.96 -7.97 4.53
N TYR B 8 -11.92 -7.11 3.54
CA TYR B 8 -10.99 -7.33 2.39
C TYR B 8 -9.95 -6.20 2.35
N LEU B 9 -10.31 -5.02 2.81
CA LEU B 9 -9.35 -3.88 2.82
C LEU B 9 -8.05 -4.27 3.55
N PRO B 10 -8.16 -4.79 4.76
CA PRO B 10 -6.96 -5.20 5.58
C PRO B 10 -6.34 -6.48 5.01
N GLN B 11 -7.08 -7.22 4.21
CA GLN B 11 -6.52 -8.45 3.60
C GLN B 11 -5.54 -8.03 2.50
N LEU B 12 -5.86 -6.98 1.81
CA LEU B 12 -4.98 -6.51 0.72
C LEU B 12 -3.72 -5.89 1.32
N ARG B 13 -3.87 -4.92 2.20
CA ARG B 13 -2.67 -4.28 2.82
C ARG B 13 -1.68 -5.34 3.34
N LYS B 14 -2.18 -6.36 4.01
CA LYS B 14 -1.27 -7.41 4.51
C LYS B 14 -0.65 -8.13 3.30
N ASP B 15 -1.35 -8.18 2.18
CA ASP B 15 -0.79 -8.85 0.99
C ASP B 15 0.43 -8.07 0.51
N ILE B 16 0.34 -6.77 0.38
CA ILE B 16 1.53 -5.97 -0.07
C ILE B 16 2.71 -6.23 0.87
N LEU B 17 2.44 -6.44 2.14
CA LEU B 17 3.53 -6.73 3.10
C LEU B 17 4.20 -8.04 2.68
N GLU B 18 3.41 -9.01 2.32
CA GLU B 18 3.98 -10.32 1.86
C GLU B 18 4.57 -10.10 0.47
N VAL B 19 3.94 -9.28 -0.33
CA VAL B 19 4.46 -8.99 -1.69
C VAL B 19 5.84 -8.37 -1.56
N ILE B 20 5.94 -7.25 -0.88
CA ILE B 20 7.28 -6.61 -0.68
C ILE B 20 8.23 -7.65 -0.04
N CYS B 21 7.68 -8.63 0.64
CA CYS B 21 8.53 -9.67 1.26
C CYS B 21 9.05 -10.61 0.16
N LYS B 22 8.19 -11.04 -0.74
CA LYS B 22 8.63 -11.96 -1.83
C LYS B 22 9.76 -11.31 -2.64
N TYR B 23 9.72 -10.01 -2.78
CA TYR B 23 10.76 -9.30 -3.57
C TYR B 23 11.79 -8.65 -2.64
N VAL B 24 11.49 -8.55 -1.35
CA VAL B 24 12.46 -7.91 -0.39
C VAL B 24 12.25 -8.55 1.00
N GLN B 25 12.24 -7.78 2.08
CA GLN B 25 12.03 -8.39 3.43
C GLN B 25 11.90 -7.27 4.47
N ILE B 26 10.71 -7.07 4.97
CA ILE B 26 10.49 -6.00 5.98
C ILE B 26 9.50 -6.50 7.04
N ASP B 27 9.36 -5.78 8.12
CA ASP B 27 8.42 -6.21 9.19
C ASP B 27 7.13 -5.38 9.08
N PRO B 28 6.07 -5.82 9.72
CA PRO B 28 4.75 -5.11 9.70
C PRO B 28 4.84 -3.84 10.56
N GLU B 29 5.64 -3.87 11.58
CA GLU B 29 5.81 -2.67 12.44
C GLU B 29 6.53 -1.57 11.64
N MET B 30 7.09 -1.90 10.49
CA MET B 30 7.80 -0.88 9.68
C MET B 30 6.81 -0.24 8.69
N VAL B 31 5.75 -0.93 8.37
CA VAL B 31 4.75 -0.37 7.41
C VAL B 31 3.57 0.24 8.18
N THR B 32 3.29 1.49 7.96
CA THR B 32 2.16 2.15 8.68
C THR B 32 0.87 1.99 7.86
N VAL B 33 -0.26 2.09 8.52
CA VAL B 33 -1.56 1.96 7.81
C VAL B 33 -2.55 2.96 8.41
N GLN B 34 -3.09 3.84 7.60
CA GLN B 34 -4.04 4.85 8.13
C GLN B 34 -5.17 5.07 7.12
N LEU B 35 -6.39 4.90 7.55
CA LEU B 35 -7.55 5.08 6.63
C LEU B 35 -8.13 6.49 6.78
N GLU B 36 -8.62 7.02 5.70
CA GLU B 36 -9.23 8.38 5.74
C GLU B 36 -10.55 8.34 4.98
N GLN B 37 -11.25 9.45 4.90
CA GLN B 37 -12.55 9.46 4.18
C GLN B 37 -12.81 10.85 3.57
N LYS B 38 -13.68 10.92 2.60
CA LYS B 38 -13.99 12.23 1.96
C LYS B 38 -15.46 12.56 2.18
N ASP B 39 -15.85 13.79 1.94
CA ASP B 39 -17.27 14.19 2.14
C ASP B 39 -18.11 13.74 0.93
N GLY B 40 -18.15 12.46 0.66
CA GLY B 40 -18.94 11.95 -0.50
C GLY B 40 -19.08 10.43 -0.39
N ASP B 41 -19.13 9.90 0.81
CA ASP B 41 -19.26 8.42 0.99
C ASP B 41 -18.06 7.73 0.33
N ILE B 42 -16.88 8.25 0.55
CA ILE B 42 -15.67 7.66 -0.05
C ILE B 42 -14.63 7.39 1.05
N SER B 43 -13.68 6.52 0.80
CA SER B 43 -12.65 6.21 1.83
C SER B 43 -11.25 6.42 1.23
N ILE B 44 -10.25 6.41 2.06
CA ILE B 44 -8.86 6.61 1.58
C ILE B 44 -7.89 5.81 2.47
N LEU B 45 -7.65 4.58 2.14
CA LEU B 45 -6.73 3.75 2.97
C LEU B 45 -5.28 4.03 2.57
N GLU B 46 -4.58 4.77 3.39
CA GLU B 46 -3.16 5.09 3.10
C GLU B 46 -2.27 4.16 3.92
N LEU B 47 -1.08 3.89 3.46
CA LEU B 47 -0.17 2.99 4.23
C LEU B 47 1.29 3.38 3.97
N ASN B 48 2.04 3.59 5.01
CA ASN B 48 3.47 3.97 4.83
C ASN B 48 4.31 2.71 4.80
N VAL B 49 5.33 2.68 3.99
CA VAL B 49 6.19 1.46 3.91
C VAL B 49 7.64 1.84 4.22
N THR B 50 8.01 1.81 5.48
CA THR B 50 9.41 2.16 5.86
C THR B 50 10.33 0.97 5.60
N LEU B 51 11.00 0.98 4.47
CA LEU B 51 11.92 -0.14 4.15
C LEU B 51 13.33 0.18 4.68
N PRO B 52 14.02 -0.81 5.22
CA PRO B 52 15.39 -0.63 5.78
C PRO B 52 16.45 -0.77 4.68
N GLU B 53 17.70 -0.68 5.04
CA GLU B 53 18.79 -0.80 4.02
C GLU B 53 18.73 -2.19 3.38
N ALA B 54 19.73 -2.54 2.61
CA ALA B 54 19.75 -3.87 1.95
C ALA B 54 21.07 -4.07 1.20
N GLU B 55 21.75 -5.15 1.45
CA GLU B 55 23.04 -5.41 0.75
C GLU B 55 22.80 -5.54 -0.75
N GLU B 56 23.72 -5.05 -1.54
CA GLU B 56 23.56 -5.13 -3.02
C GLU B 56 24.04 -6.49 -3.52
N LEU B 57 23.49 -7.56 -3.00
CA LEU B 57 23.91 -8.92 -3.43
C LEU B 57 22.69 -9.71 -3.91
N LYS B 58 21.84 -9.08 -4.68
CA LYS B 58 20.62 -9.78 -5.20
C LYS B 58 20.48 -9.51 -6.70
N ARG A 1 12.35 7.73 -13.72
CA ARG A 1 11.65 6.81 -12.78
C ARG A 1 12.58 6.48 -11.60
N SER A 2 12.56 7.27 -10.57
CA SER A 2 13.45 7.00 -9.40
C SER A 2 13.10 5.65 -8.77
N ASP A 3 11.90 5.15 -9.02
CA ASP A 3 11.51 3.83 -8.44
C ASP A 3 11.95 2.69 -9.36
N ALA A 4 12.79 2.96 -10.33
CA ALA A 4 13.25 1.88 -11.25
C ALA A 4 14.55 1.26 -10.69
N GLU A 5 15.19 1.92 -9.77
CA GLU A 5 16.46 1.37 -9.18
C GLU A 5 16.23 -0.03 -8.56
N PRO A 6 15.15 -0.22 -7.82
CA PRO A 6 14.84 -1.53 -7.17
C PRO A 6 14.09 -2.46 -8.14
N HIS A 7 13.15 -1.93 -8.87
CA HIS A 7 12.35 -2.77 -9.84
C HIS A 7 11.37 -3.69 -9.10
N TYR A 8 11.29 -3.61 -7.80
CA TYR A 8 10.35 -4.47 -7.03
C TYR A 8 9.42 -3.57 -6.20
N LEU A 9 9.95 -2.48 -5.67
CA LEU A 9 9.11 -1.54 -4.86
C LEU A 9 7.83 -1.17 -5.62
N PRO A 10 7.95 -0.72 -6.87
CA PRO A 10 6.77 -0.32 -7.70
C PRO A 10 6.02 -1.57 -8.19
N GLN A 11 6.63 -2.73 -8.10
CA GLN A 11 5.95 -3.98 -8.51
C GLN A 11 4.97 -4.37 -7.40
N LEU A 12 5.32 -4.07 -6.18
CA LEU A 12 4.45 -4.44 -5.03
C LEU A 12 3.28 -3.46 -4.95
N ARG A 13 3.54 -2.18 -5.11
CA ARG A 13 2.44 -1.18 -5.05
C ARG A 13 1.41 -1.48 -6.15
N LYS A 14 1.88 -1.75 -7.35
CA LYS A 14 0.94 -2.07 -8.44
C LYS A 14 0.21 -3.38 -8.09
N ASP A 15 0.87 -4.26 -7.37
CA ASP A 15 0.24 -5.53 -6.98
C ASP A 15 -0.92 -5.23 -6.03
N ILE A 16 -0.70 -4.40 -5.03
CA ILE A 16 -1.81 -4.08 -4.08
C ILE A 16 -2.98 -3.47 -4.85
N LEU A 17 -2.71 -2.80 -5.95
CA LEU A 17 -3.80 -2.21 -6.77
C LEU A 17 -4.62 -3.36 -7.36
N GLU A 18 -3.95 -4.30 -7.96
CA GLU A 18 -4.67 -5.47 -8.56
C GLU A 18 -5.28 -6.26 -7.41
N VAL A 19 -4.57 -6.35 -6.32
CA VAL A 19 -5.09 -7.11 -5.16
C VAL A 19 -6.42 -6.50 -4.72
N ILE A 20 -6.45 -5.22 -4.43
CA ILE A 20 -7.74 -4.56 -4.06
C ILE A 20 -8.76 -4.79 -5.18
N CYS A 21 -8.31 -5.03 -6.38
CA CYS A 21 -9.23 -5.30 -7.51
C CYS A 21 -9.79 -6.71 -7.38
N LYS A 22 -8.94 -7.67 -7.10
CA LYS A 22 -9.41 -9.09 -6.97
C LYS A 22 -10.50 -9.18 -5.89
N TYR A 23 -10.42 -8.36 -4.90
CA TYR A 23 -11.41 -8.39 -3.80
C TYR A 23 -12.41 -7.22 -3.96
N VAL A 24 -12.09 -6.24 -4.76
CA VAL A 24 -13.02 -5.07 -4.93
C VAL A 24 -12.82 -4.48 -6.35
N GLN A 25 -12.80 -3.18 -6.53
CA GLN A 25 -12.59 -2.60 -7.89
C GLN A 25 -12.33 -1.11 -7.79
N ILE A 26 -11.12 -0.70 -8.04
CA ILE A 26 -10.76 0.75 -7.98
C ILE A 26 -9.82 1.08 -9.14
N ASP A 27 -9.59 2.34 -9.38
CA ASP A 27 -8.67 2.74 -10.48
C ASP A 27 -7.34 3.19 -9.87
N PRO A 28 -6.31 3.27 -10.69
CA PRO A 28 -4.94 3.70 -10.23
C PRO A 28 -4.94 5.20 -9.98
N GLU A 29 -5.76 5.93 -10.69
CA GLU A 29 -5.84 7.40 -10.47
C GLU A 29 -6.45 7.66 -9.08
N MET A 30 -7.04 6.66 -8.47
CA MET A 30 -7.65 6.83 -7.12
C MET A 30 -6.61 6.52 -6.05
N VAL A 31 -5.62 5.72 -6.38
CA VAL A 31 -4.57 5.37 -5.39
C VAL A 31 -3.35 6.27 -5.58
N THR A 32 -2.86 6.87 -4.52
CA THR A 32 -1.69 7.77 -4.62
C THR A 32 -0.42 7.02 -4.18
N VAL A 33 0.73 7.49 -4.59
CA VAL A 33 2.00 6.81 -4.20
C VAL A 33 3.07 7.87 -3.95
N GLN A 34 3.50 8.02 -2.72
CA GLN A 34 4.54 9.03 -2.41
C GLN A 34 5.71 8.37 -1.67
N LEU A 35 6.91 8.54 -2.19
CA LEU A 35 8.08 7.91 -1.53
C LEU A 35 8.84 8.95 -0.70
N GLU A 36 9.05 8.67 0.55
CA GLU A 36 9.78 9.62 1.44
C GLU A 36 11.09 8.97 1.88
N GLN A 37 11.92 9.70 2.59
CA GLN A 37 13.22 9.12 3.05
C GLN A 37 13.42 9.42 4.53
N LYS A 38 14.44 8.86 5.12
CA LYS A 38 14.69 9.10 6.58
C LYS A 38 16.17 9.45 6.78
N ASP A 39 16.51 10.03 7.90
CA ASP A 39 17.93 10.42 8.16
C ASP A 39 18.72 9.19 8.63
N GLY A 40 18.77 8.15 7.83
CA GLY A 40 19.53 6.93 8.23
C GLY A 40 19.55 5.92 7.07
N ASP A 41 19.57 6.40 5.86
CA ASP A 41 19.59 5.48 4.67
C ASP A 41 18.33 4.62 4.69
N ILE A 42 17.21 5.22 5.00
CA ILE A 42 15.93 4.46 5.05
C ILE A 42 14.89 5.17 4.18
N SER A 43 14.03 4.42 3.54
CA SER A 43 13.00 5.04 2.66
C SER A 43 11.62 4.87 3.28
N ILE A 44 10.63 5.54 2.73
CA ILE A 44 9.25 5.45 3.29
C ILE A 44 8.24 5.59 2.14
N LEU A 45 7.88 4.49 1.52
CA LEU A 45 6.91 4.56 0.39
C LEU A 45 5.48 4.53 0.94
N GLU A 46 4.80 5.65 0.90
CA GLU A 46 3.41 5.71 1.41
C GLU A 46 2.45 5.75 0.21
N LEU A 47 1.49 4.87 0.17
CA LEU A 47 0.53 4.88 -0.98
C LEU A 47 -0.89 5.09 -0.45
N ASN A 48 -1.59 6.05 -1.02
CA ASN A 48 -2.97 6.35 -0.57
C ASN A 48 -3.93 5.50 -1.38
N VAL A 49 -4.97 5.00 -0.76
CA VAL A 49 -5.94 4.16 -1.50
C VAL A 49 -7.35 4.75 -1.36
N THR A 50 -7.73 5.60 -2.29
CA THR A 50 -9.08 6.22 -2.23
C THR A 50 -10.12 5.24 -2.79
N LEU A 51 -10.86 4.60 -1.93
CA LEU A 51 -11.90 3.64 -2.41
C LEU A 51 -13.23 4.39 -2.61
N PRO A 52 -13.95 4.08 -3.66
CA PRO A 52 -15.26 4.74 -3.97
C PRO A 52 -16.40 4.05 -3.21
N GLU A 53 -17.61 4.55 -3.36
CA GLU A 53 -18.77 3.95 -2.65
C GLU A 53 -18.95 2.49 -3.09
N ALA A 54 -20.00 1.86 -2.62
CA ALA A 54 -20.25 0.44 -3.01
C ALA A 54 -21.55 -0.03 -2.35
N GLU A 55 -22.33 -0.81 -3.05
CA GLU A 55 -23.62 -1.31 -2.48
C GLU A 55 -24.29 -2.25 -3.48
N GLU A 56 -24.27 -1.90 -4.74
CA GLU A 56 -24.91 -2.76 -5.77
C GLU A 56 -24.69 -2.15 -7.16
N LEU A 57 -23.54 -1.57 -7.38
CA LEU A 57 -23.23 -0.95 -8.71
C LEU A 57 -21.77 -1.18 -9.06
N LYS A 58 -21.48 -1.33 -10.34
CA LYS A 58 -20.06 -1.56 -10.76
C LYS A 58 -19.71 -0.59 -11.90
N ARG B 1 -12.17 -3.35 15.52
CA ARG B 1 -11.51 -3.39 14.19
C ARG B 1 -12.43 -2.74 13.15
N SER B 2 -12.34 -1.45 12.98
CA SER B 2 -13.20 -0.75 11.98
C SER B 2 -12.92 -1.30 10.57
N ASP B 3 -11.78 -1.90 10.36
CA ASP B 3 -11.46 -2.44 9.01
C ASP B 3 -11.99 -3.88 8.87
N ALA B 4 -12.84 -4.31 9.77
CA ALA B 4 -13.40 -5.69 9.67
C ALA B 4 -14.71 -5.65 8.87
N GLU B 5 -15.30 -4.48 8.71
CA GLU B 5 -16.58 -4.37 7.95
C GLU B 5 -16.43 -4.94 6.52
N PRO B 6 -15.34 -4.63 5.82
CA PRO B 6 -15.10 -5.12 4.42
C PRO B 6 -14.45 -6.51 4.44
N HIS B 7 -13.49 -6.71 5.31
CA HIS B 7 -12.79 -8.04 5.38
C HIS B 7 -11.86 -8.24 4.17
N TYR B 8 -11.73 -7.26 3.31
CA TYR B 8 -10.83 -7.40 2.13
C TYR B 8 -9.82 -6.24 2.16
N LEU B 9 -10.25 -5.07 2.55
CA LEU B 9 -9.33 -3.90 2.62
C LEU B 9 -8.04 -4.25 3.39
N PRO B 10 -8.17 -4.80 4.58
CA PRO B 10 -7.00 -5.19 5.43
C PRO B 10 -6.34 -6.46 4.87
N GLN B 11 -7.03 -7.17 4.01
CA GLN B 11 -6.44 -8.40 3.40
C GLN B 11 -5.47 -7.96 2.31
N LEU B 12 -5.77 -6.87 1.65
CA LEU B 12 -4.88 -6.37 0.57
C LEU B 12 -3.64 -5.70 1.17
N ARG B 13 -3.82 -4.91 2.20
CA ARG B 13 -2.65 -4.22 2.82
C ARG B 13 -1.68 -5.28 3.36
N LYS B 14 -2.20 -6.28 4.02
CA LYS B 14 -1.31 -7.34 4.56
C LYS B 14 -0.67 -8.07 3.36
N ASP B 15 -1.38 -8.14 2.26
CA ASP B 15 -0.82 -8.82 1.06
C ASP B 15 0.39 -8.01 0.56
N ILE B 16 0.25 -6.71 0.44
CA ILE B 16 1.41 -5.88 -0.03
C ILE B 16 2.60 -6.07 0.91
N LEU B 17 2.34 -6.35 2.17
CA LEU B 17 3.45 -6.59 3.13
C LEU B 17 4.17 -7.87 2.73
N GLU B 18 3.42 -8.92 2.50
CA GLU B 18 4.04 -10.20 2.08
C GLU B 18 4.63 -10.01 0.70
N VAL B 19 3.94 -9.25 -0.12
CA VAL B 19 4.43 -8.99 -1.49
C VAL B 19 5.83 -8.36 -1.40
N ILE B 20 5.95 -7.25 -0.72
CA ILE B 20 7.30 -6.61 -0.56
C ILE B 20 8.27 -7.64 0.04
N CYS B 21 7.75 -8.62 0.74
CA CYS B 21 8.63 -9.66 1.33
C CYS B 21 9.09 -10.61 0.22
N LYS B 22 8.19 -11.04 -0.62
CA LYS B 22 8.56 -11.97 -1.73
C LYS B 22 9.67 -11.36 -2.59
N TYR B 23 9.67 -10.06 -2.71
CA TYR B 23 10.70 -9.38 -3.54
C TYR B 23 11.77 -8.74 -2.64
N VAL B 24 11.50 -8.58 -1.36
CA VAL B 24 12.50 -7.94 -0.44
C VAL B 24 12.30 -8.52 0.98
N GLN B 25 12.36 -7.72 2.03
CA GLN B 25 12.16 -8.26 3.40
C GLN B 25 12.01 -7.11 4.40
N ILE B 26 10.81 -6.93 4.90
CA ILE B 26 10.56 -5.82 5.88
C ILE B 26 9.60 -6.33 6.96
N ASP B 27 9.47 -5.61 8.03
CA ASP B 27 8.54 -6.04 9.13
C ASP B 27 7.25 -5.20 9.05
N PRO B 28 6.21 -5.66 9.71
CA PRO B 28 4.89 -4.94 9.72
C PRO B 28 5.01 -3.69 10.60
N GLU B 29 5.84 -3.74 11.60
CA GLU B 29 6.04 -2.55 12.47
C GLU B 29 6.69 -1.42 11.65
N MET B 30 7.24 -1.75 10.49
CA MET B 30 7.89 -0.72 9.65
C MET B 30 6.85 -0.10 8.70
N VAL B 31 5.82 -0.84 8.39
CA VAL B 31 4.77 -0.31 7.47
C VAL B 31 3.61 0.28 8.28
N THR B 32 3.20 1.48 7.96
CA THR B 32 2.07 2.12 8.71
C THR B 32 0.79 1.98 7.90
N VAL B 33 -0.34 2.10 8.55
CA VAL B 33 -1.64 2.00 7.84
C VAL B 33 -2.64 2.99 8.43
N GLN B 34 -3.02 3.99 7.68
CA GLN B 34 -3.98 5.00 8.21
C GLN B 34 -5.17 5.13 7.25
N LEU B 35 -6.37 4.97 7.75
CA LEU B 35 -7.56 5.07 6.89
C LEU B 35 -8.22 6.44 7.05
N GLU B 36 -8.42 7.13 5.96
CA GLU B 36 -9.05 8.48 6.03
C GLU B 36 -10.39 8.42 5.29
N GLN B 37 -11.15 9.48 5.33
CA GLN B 37 -12.47 9.49 4.64
C GLN B 37 -12.60 10.76 3.80
N LYS B 38 -13.65 10.86 3.02
CA LYS B 38 -13.85 12.06 2.16
C LYS B 38 -15.29 12.56 2.30
N ASP B 39 -15.56 13.78 1.93
CA ASP B 39 -16.93 14.33 2.05
C ASP B 39 -17.79 13.85 0.88
N GLY B 40 -17.94 12.56 0.72
CA GLY B 40 -18.77 12.03 -0.41
C GLY B 40 -18.89 10.51 -0.29
N ASP B 41 -18.92 9.98 0.91
CA ASP B 41 -19.03 8.50 1.10
C ASP B 41 -17.84 7.82 0.45
N ILE B 42 -16.67 8.38 0.62
CA ILE B 42 -15.44 7.80 0.01
C ILE B 42 -14.38 7.62 1.10
N SER B 43 -13.59 6.58 1.01
CA SER B 43 -12.54 6.33 2.04
C SER B 43 -11.15 6.55 1.43
N ILE B 44 -10.14 6.56 2.27
CA ILE B 44 -8.76 6.80 1.76
C ILE B 44 -7.77 6.02 2.64
N LEU B 45 -7.52 4.77 2.31
CA LEU B 45 -6.56 3.96 3.13
C LEU B 45 -5.12 4.23 2.68
N GLU B 46 -4.38 4.95 3.49
CA GLU B 46 -2.96 5.26 3.13
C GLU B 46 -2.04 4.38 3.97
N LEU B 47 -1.14 3.66 3.35
CA LEU B 47 -0.21 2.79 4.14
C LEU B 47 1.23 3.22 3.89
N ASN B 48 1.97 3.45 4.93
CA ASN B 48 3.38 3.88 4.79
C ASN B 48 4.26 2.64 4.74
N VAL B 49 5.28 2.65 3.92
CA VAL B 49 6.17 1.47 3.83
C VAL B 49 7.61 1.89 4.11
N THR B 50 8.03 1.81 5.35
CA THR B 50 9.41 2.20 5.71
C THR B 50 10.37 1.04 5.40
N LEU B 51 11.09 1.15 4.30
CA LEU B 51 12.05 0.06 3.94
C LEU B 51 13.42 0.37 4.57
N PRO B 52 14.09 -0.65 5.08
CA PRO B 52 15.44 -0.50 5.72
C PRO B 52 16.54 -0.53 4.67
N GLU B 53 17.77 -0.36 5.09
CA GLU B 53 18.91 -0.36 4.12
C GLU B 53 18.99 -1.71 3.41
N ALA B 54 19.99 -1.90 2.60
CA ALA B 54 20.14 -3.19 1.87
C ALA B 54 21.43 -3.15 1.03
N GLU B 55 22.13 -4.25 0.95
CA GLU B 55 23.39 -4.29 0.16
C GLU B 55 23.97 -5.70 0.19
N GLU B 56 23.94 -6.34 1.34
CA GLU B 56 24.48 -7.72 1.45
C GLU B 56 24.27 -8.25 2.86
N LEU B 57 23.15 -7.92 3.47
CA LEU B 57 22.86 -8.40 4.85
C LEU B 57 21.37 -8.71 4.98
N LYS B 58 21.03 -9.68 5.78
CA LYS B 58 19.60 -10.05 5.96
C LYS B 58 19.29 -10.15 7.46
N ARG A 1 11.59 8.62 -12.84
CA ARG A 1 11.13 7.37 -12.17
C ARG A 1 12.12 7.00 -11.06
N SER A 2 12.10 7.74 -9.97
CA SER A 2 13.03 7.44 -8.85
C SER A 2 12.76 6.04 -8.30
N ASP A 3 11.58 5.50 -8.52
CA ASP A 3 11.27 4.14 -8.01
C ASP A 3 11.71 3.07 -9.03
N ALA A 4 12.51 3.43 -10.00
CA ALA A 4 12.97 2.42 -11.00
C ALA A 4 14.31 1.83 -10.53
N GLU A 5 14.98 2.48 -9.61
CA GLU A 5 16.29 1.96 -9.11
C GLU A 5 16.16 0.51 -8.57
N PRO A 6 15.12 0.21 -7.82
CA PRO A 6 14.89 -1.15 -7.23
C PRO A 6 14.20 -2.08 -8.23
N HIS A 7 13.21 -1.59 -8.93
CA HIS A 7 12.45 -2.42 -9.92
C HIS A 7 11.51 -3.40 -9.22
N TYR A 8 11.47 -3.41 -7.90
CA TYR A 8 10.55 -4.34 -7.18
C TYR A 8 9.58 -3.51 -6.33
N LEU A 9 10.04 -2.40 -5.79
CA LEU A 9 9.16 -1.52 -4.96
C LEU A 9 7.86 -1.17 -5.73
N PRO A 10 7.97 -0.72 -6.97
CA PRO A 10 6.79 -0.35 -7.81
C PRO A 10 6.05 -1.60 -8.29
N GLN A 11 6.71 -2.74 -8.25
CA GLN A 11 6.04 -4.00 -8.67
C GLN A 11 5.05 -4.40 -7.57
N LEU A 12 5.42 -4.13 -6.33
CA LEU A 12 4.54 -4.48 -5.20
C LEU A 12 3.35 -3.52 -5.17
N ARG A 13 3.60 -2.23 -5.12
CA ARG A 13 2.47 -1.24 -5.08
C ARG A 13 1.43 -1.55 -6.17
N LYS A 14 1.87 -1.85 -7.36
CA LYS A 14 0.89 -2.16 -8.43
C LYS A 14 0.19 -3.48 -8.06
N ASP A 15 0.86 -4.37 -7.34
CA ASP A 15 0.21 -5.64 -6.94
C ASP A 15 -0.99 -5.33 -6.03
N ILE A 16 -0.81 -4.50 -5.02
CA ILE A 16 -1.96 -4.16 -4.12
C ILE A 16 -3.12 -3.60 -4.95
N LEU A 17 -2.82 -2.85 -5.99
CA LEU A 17 -3.91 -2.30 -6.84
C LEU A 17 -4.71 -3.46 -7.44
N GLU A 18 -4.02 -4.44 -7.98
CA GLU A 18 -4.73 -5.62 -8.55
C GLU A 18 -5.33 -6.41 -7.40
N VAL A 19 -4.63 -6.47 -6.29
CA VAL A 19 -5.15 -7.22 -5.12
C VAL A 19 -6.49 -6.60 -4.70
N ILE A 20 -6.50 -5.32 -4.41
CA ILE A 20 -7.79 -4.65 -4.04
C ILE A 20 -8.82 -4.91 -5.14
N CYS A 21 -8.36 -5.15 -6.35
CA CYS A 21 -9.29 -5.43 -7.48
C CYS A 21 -9.86 -6.85 -7.31
N LYS A 22 -9.02 -7.81 -7.03
CA LYS A 22 -9.49 -9.23 -6.86
C LYS A 22 -10.58 -9.29 -5.78
N TYR A 23 -10.48 -8.45 -4.78
CA TYR A 23 -11.46 -8.47 -3.67
C TYR A 23 -12.46 -7.31 -3.83
N VAL A 24 -12.15 -6.33 -4.65
CA VAL A 24 -13.08 -5.17 -4.82
C VAL A 24 -12.87 -4.58 -6.24
N GLN A 25 -12.85 -3.27 -6.42
CA GLN A 25 -12.62 -2.71 -7.78
C GLN A 25 -12.35 -1.21 -7.68
N ILE A 26 -11.15 -0.81 -7.98
CA ILE A 26 -10.79 0.64 -7.90
C ILE A 26 -9.89 0.99 -9.09
N ASP A 27 -9.66 2.26 -9.30
CA ASP A 27 -8.77 2.67 -10.43
C ASP A 27 -7.41 3.10 -9.86
N PRO A 28 -6.41 3.17 -10.70
CA PRO A 28 -5.03 3.57 -10.29
C PRO A 28 -4.98 5.07 -10.00
N GLU A 29 -5.80 5.82 -10.71
CA GLU A 29 -5.85 7.29 -10.45
C GLU A 29 -6.46 7.54 -9.06
N MET A 30 -7.06 6.53 -8.45
CA MET A 30 -7.66 6.71 -7.11
C MET A 30 -6.61 6.40 -6.03
N VAL A 31 -5.64 5.59 -6.36
CA VAL A 31 -4.59 5.23 -5.37
C VAL A 31 -3.36 6.12 -5.57
N THR A 32 -2.95 6.83 -4.54
CA THR A 32 -1.77 7.72 -4.67
C THR A 32 -0.51 6.98 -4.23
N VAL A 33 0.64 7.43 -4.65
CA VAL A 33 1.91 6.77 -4.25
C VAL A 33 2.97 7.84 -3.99
N GLN A 34 3.62 7.79 -2.86
CA GLN A 34 4.64 8.81 -2.54
C GLN A 34 5.79 8.15 -1.76
N LEU A 35 7.01 8.47 -2.12
CA LEU A 35 8.17 7.85 -1.43
C LEU A 35 8.89 8.88 -0.55
N GLU A 36 9.43 8.45 0.55
CA GLU A 36 10.15 9.38 1.46
C GLU A 36 11.42 8.68 1.97
N GLN A 37 12.24 9.38 2.71
CA GLN A 37 13.50 8.76 3.22
C GLN A 37 13.84 9.34 4.59
N LYS A 38 14.60 8.62 5.38
CA LYS A 38 14.98 9.12 6.74
C LYS A 38 16.47 9.46 6.75
N ASP A 39 16.95 10.02 7.83
CA ASP A 39 18.38 10.38 7.92
C ASP A 39 19.23 9.15 8.26
N GLY A 40 18.62 8.03 8.57
CA GLY A 40 19.40 6.79 8.91
C GLY A 40 19.52 5.90 7.68
N ASP A 41 19.56 6.48 6.50
CA ASP A 41 19.67 5.67 5.24
C ASP A 41 18.49 4.71 5.15
N ILE A 42 17.31 5.23 5.32
CA ILE A 42 16.09 4.37 5.25
C ILE A 42 15.08 4.99 4.27
N SER A 43 14.14 4.22 3.80
CA SER A 43 13.14 4.75 2.84
C SER A 43 11.74 4.66 3.45
N ILE A 44 10.79 5.35 2.88
CA ILE A 44 9.41 5.32 3.42
C ILE A 44 8.42 5.48 2.24
N LEU A 45 8.03 4.40 1.64
CA LEU A 45 7.08 4.47 0.49
C LEU A 45 5.64 4.43 0.99
N GLU A 46 4.96 5.54 0.94
CA GLU A 46 3.54 5.59 1.40
C GLU A 46 2.64 5.61 0.16
N LEU A 47 1.48 5.01 0.25
CA LEU A 47 0.55 5.01 -0.91
C LEU A 47 -0.88 5.23 -0.42
N ASN A 48 -1.58 6.16 -1.01
CA ASN A 48 -2.98 6.43 -0.59
C ASN A 48 -3.91 5.53 -1.39
N VAL A 49 -4.96 5.04 -0.79
CA VAL A 49 -5.90 4.16 -1.54
C VAL A 49 -7.32 4.73 -1.43
N THR A 50 -7.72 5.51 -2.39
CA THR A 50 -9.08 6.12 -2.35
C THR A 50 -10.12 5.09 -2.82
N LEU A 51 -10.85 4.52 -1.90
CA LEU A 51 -11.89 3.52 -2.27
C LEU A 51 -13.22 4.25 -2.53
N PRO A 52 -13.93 3.88 -3.57
CA PRO A 52 -15.24 4.52 -3.93
C PRO A 52 -16.38 3.90 -3.11
N GLU A 53 -17.59 4.34 -3.35
CA GLU A 53 -18.75 3.80 -2.60
C GLU A 53 -18.88 2.29 -2.84
N ALA A 54 -19.94 1.70 -2.36
CA ALA A 54 -20.14 0.23 -2.55
C ALA A 54 -21.47 -0.18 -1.92
N GLU A 55 -22.13 -1.16 -2.49
CA GLU A 55 -23.44 -1.62 -1.94
C GLU A 55 -23.95 -2.82 -2.76
N GLU A 56 -23.12 -3.81 -2.94
CA GLU A 56 -23.54 -5.02 -3.72
C GLU A 56 -22.40 -6.05 -3.72
N LEU A 57 -21.72 -6.19 -2.61
CA LEU A 57 -20.61 -7.18 -2.54
C LEU A 57 -21.09 -8.46 -1.87
N LYS A 58 -21.31 -9.49 -2.64
CA LYS A 58 -21.80 -10.78 -2.06
C LYS A 58 -20.71 -11.85 -2.22
N ARG B 1 -11.33 -2.16 15.51
CA ARG B 1 -10.94 -2.60 14.14
C ARG B 1 -11.92 -2.01 13.12
N SER B 2 -11.82 -0.73 12.86
CA SER B 2 -12.74 -0.08 11.89
C SER B 2 -12.55 -0.71 10.50
N ASP B 3 -11.41 -1.32 10.25
CA ASP B 3 -11.18 -1.96 8.92
C ASP B 3 -11.73 -3.38 8.89
N ALA B 4 -12.52 -3.77 9.86
CA ALA B 4 -13.08 -5.15 9.88
C ALA B 4 -14.44 -5.15 9.16
N GLU B 5 -15.04 -3.99 8.97
CA GLU B 5 -16.37 -3.92 8.30
C GLU B 5 -16.33 -4.57 6.89
N PRO B 6 -15.27 -4.32 6.11
CA PRO B 6 -15.14 -4.88 4.74
C PRO B 6 -14.54 -6.30 4.77
N HIS B 7 -13.53 -6.51 5.58
CA HIS B 7 -12.87 -7.85 5.69
C HIS B 7 -11.97 -8.12 4.46
N TYR B 8 -11.89 -7.19 3.53
CA TYR B 8 -11.02 -7.40 2.33
C TYR B 8 -9.97 -6.28 2.29
N LEU B 9 -10.34 -5.09 2.70
CA LEU B 9 -9.39 -3.94 2.71
C LEU B 9 -8.08 -4.33 3.46
N PRO B 10 -8.20 -4.87 4.66
CA PRO B 10 -7.02 -5.28 5.48
C PRO B 10 -6.38 -6.56 4.91
N GLN B 11 -7.11 -7.30 4.12
CA GLN B 11 -6.54 -8.52 3.50
C GLN B 11 -5.56 -8.09 2.40
N LEU B 12 -5.86 -7.02 1.74
CA LEU B 12 -4.98 -6.52 0.66
C LEU B 12 -3.73 -5.91 1.28
N ARG B 13 -3.89 -4.94 2.16
CA ARG B 13 -2.69 -4.29 2.80
C ARG B 13 -1.71 -5.33 3.32
N LYS B 14 -2.20 -6.37 3.97
CA LYS B 14 -1.27 -7.41 4.47
C LYS B 14 -0.65 -8.12 3.27
N ASP B 15 -1.36 -8.19 2.16
CA ASP B 15 -0.78 -8.86 0.96
C ASP B 15 0.45 -8.08 0.50
N ILE B 16 0.36 -6.77 0.37
CA ILE B 16 1.55 -5.97 -0.06
C ILE B 16 2.73 -6.24 0.88
N LEU B 17 2.45 -6.43 2.16
CA LEU B 17 3.55 -6.72 3.13
C LEU B 17 4.25 -8.01 2.70
N GLU B 18 3.49 -9.04 2.41
CA GLU B 18 4.10 -10.32 1.96
C GLU B 18 4.67 -10.11 0.58
N VAL B 19 3.99 -9.32 -0.22
CA VAL B 19 4.49 -9.06 -1.60
C VAL B 19 5.88 -8.42 -1.50
N ILE B 20 5.99 -7.31 -0.81
CA ILE B 20 7.33 -6.67 -0.63
C ILE B 20 8.32 -7.69 -0.06
N CYS B 21 7.81 -8.68 0.64
CA CYS B 21 8.68 -9.74 1.21
C CYS B 21 9.16 -10.66 0.07
N LYS B 22 8.26 -11.09 -0.77
CA LYS B 22 8.65 -11.99 -1.90
C LYS B 22 9.74 -11.36 -2.75
N TYR B 23 9.74 -10.06 -2.86
CA TYR B 23 10.75 -9.36 -3.68
C TYR B 23 11.83 -8.72 -2.78
N VAL B 24 11.56 -8.57 -1.51
CA VAL B 24 12.56 -7.94 -0.58
C VAL B 24 12.35 -8.52 0.84
N GLN B 25 12.40 -7.72 1.88
CA GLN B 25 12.19 -8.27 3.26
C GLN B 25 12.02 -7.11 4.24
N ILE B 26 10.83 -6.95 4.78
CA ILE B 26 10.58 -5.85 5.75
C ILE B 26 9.67 -6.38 6.86
N ASP B 27 9.52 -5.62 7.92
CA ASP B 27 8.64 -6.06 9.04
C ASP B 27 7.32 -5.27 8.96
N PRO B 28 6.30 -5.74 9.65
CA PRO B 28 4.96 -5.07 9.68
C PRO B 28 5.04 -3.81 10.53
N GLU B 29 5.87 -3.82 11.53
CA GLU B 29 6.04 -2.61 12.38
C GLU B 29 6.70 -1.50 11.55
N MET B 30 7.25 -1.83 10.40
CA MET B 30 7.90 -0.79 9.55
C MET B 30 6.87 -0.19 8.60
N VAL B 31 5.83 -0.92 8.29
CA VAL B 31 4.78 -0.40 7.36
C VAL B 31 3.61 0.17 8.17
N THR B 32 3.28 1.42 7.95
CA THR B 32 2.16 2.04 8.70
C THR B 32 0.87 1.91 7.90
N VAL B 33 -0.25 2.01 8.55
CA VAL B 33 -1.56 1.91 7.83
C VAL B 33 -2.54 2.92 8.44
N GLN B 34 -3.16 3.73 7.61
CA GLN B 34 -4.10 4.75 8.13
C GLN B 34 -5.27 4.91 7.16
N LEU B 35 -6.48 4.97 7.66
CA LEU B 35 -7.66 5.10 6.77
C LEU B 35 -8.26 6.49 6.90
N GLU B 36 -8.81 7.00 5.83
CA GLU B 36 -9.44 8.36 5.85
C GLU B 36 -10.74 8.30 5.04
N GLN B 37 -11.49 9.37 5.03
CA GLN B 37 -12.77 9.38 4.26
C GLN B 37 -13.03 10.78 3.71
N LYS B 38 -13.82 10.87 2.67
CA LYS B 38 -14.12 12.21 2.07
C LYS B 38 -15.59 12.56 2.34
N ASP B 39 -15.99 13.76 1.98
CA ASP B 39 -17.40 14.17 2.21
C ASP B 39 -18.33 13.59 1.13
N GLY B 40 -17.78 12.99 0.10
CA GLY B 40 -18.64 12.41 -0.98
C GLY B 40 -18.86 10.91 -0.73
N ASP B 41 -18.88 10.50 0.51
CA ASP B 41 -19.08 9.05 0.83
C ASP B 41 -17.97 8.23 0.20
N ILE B 42 -16.74 8.63 0.40
CA ILE B 42 -15.59 7.89 -0.19
C ILE B 42 -14.58 7.57 0.91
N SER B 43 -13.71 6.63 0.67
CA SER B 43 -12.70 6.26 1.70
C SER B 43 -11.29 6.53 1.17
N ILE B 44 -10.32 6.54 2.03
CA ILE B 44 -8.92 6.81 1.60
C ILE B 44 -7.97 6.04 2.51
N LEU B 45 -7.66 4.81 2.16
CA LEU B 45 -6.74 3.99 3.01
C LEU B 45 -5.30 4.20 2.58
N GLU B 46 -4.54 4.92 3.38
CA GLU B 46 -3.11 5.17 3.04
C GLU B 46 -2.24 4.26 3.91
N LEU B 47 -1.13 3.82 3.39
CA LEU B 47 -0.24 2.93 4.20
C LEU B 47 1.22 3.33 3.96
N ASN B 48 1.97 3.53 5.01
CA ASN B 48 3.39 3.93 4.86
C ASN B 48 4.24 2.65 4.78
N VAL B 49 5.26 2.66 3.97
CA VAL B 49 6.13 1.46 3.85
C VAL B 49 7.58 1.83 4.13
N THR B 50 8.01 1.68 5.36
CA THR B 50 9.41 2.04 5.72
C THR B 50 10.36 0.91 5.30
N LEU B 51 11.08 1.11 4.22
CA LEU B 51 12.03 0.07 3.75
C LEU B 51 13.40 0.32 4.40
N PRO B 52 14.06 -0.73 4.88
CA PRO B 52 15.40 -0.62 5.54
C PRO B 52 16.51 -0.55 4.49
N GLU B 53 17.75 -0.50 4.94
CA GLU B 53 18.89 -0.42 3.98
C GLU B 53 18.91 -1.67 3.10
N ALA B 54 19.94 -1.82 2.30
CA ALA B 54 20.03 -3.01 1.40
C ALA B 54 21.35 -2.96 0.63
N GLU B 55 21.92 -4.09 0.33
CA GLU B 55 23.21 -4.12 -0.43
C GLU B 55 23.61 -5.57 -0.70
N GLU B 56 22.71 -6.35 -1.26
CA GLU B 56 23.02 -7.78 -1.57
C GLU B 56 21.82 -8.42 -2.25
N LEU B 57 21.17 -7.70 -3.13
CA LEU B 57 19.98 -8.27 -3.84
C LEU B 57 20.40 -8.74 -5.23
N LYS B 58 20.53 -10.03 -5.41
CA LYS B 58 20.94 -10.56 -6.75
C LYS B 58 19.78 -11.35 -7.36
N ARG A 1 11.99 8.43 -13.06
CA ARG A 1 11.56 7.11 -12.51
C ARG A 1 12.50 6.70 -11.37
N SER A 2 12.48 7.44 -10.29
CA SER A 2 13.36 7.11 -9.13
C SER A 2 13.04 5.71 -8.60
N ASP A 3 11.85 5.21 -8.86
CA ASP A 3 11.48 3.85 -8.38
C ASP A 3 11.95 2.78 -9.37
N ALA A 4 12.76 3.13 -10.33
CA ALA A 4 13.26 2.12 -11.31
C ALA A 4 14.58 1.50 -10.82
N GLU A 5 15.18 2.07 -9.79
CA GLU A 5 16.46 1.53 -9.27
C GLU A 5 16.30 0.11 -8.70
N PRO A 6 15.24 -0.14 -7.93
CA PRO A 6 14.99 -1.48 -7.31
C PRO A 6 14.24 -2.40 -8.28
N HIS A 7 13.27 -1.88 -8.99
CA HIS A 7 12.48 -2.70 -9.96
C HIS A 7 11.51 -3.66 -9.23
N TYR A 8 11.47 -3.61 -7.91
CA TYR A 8 10.54 -4.51 -7.15
C TYR A 8 9.60 -3.63 -6.31
N LEU A 9 10.11 -2.55 -5.78
CA LEU A 9 9.27 -1.62 -4.96
C LEU A 9 7.97 -1.25 -5.71
N PRO A 10 8.09 -0.82 -6.96
CA PRO A 10 6.90 -0.43 -7.79
C PRO A 10 6.14 -1.68 -8.25
N GLN A 11 6.78 -2.82 -8.23
CA GLN A 11 6.09 -4.08 -8.62
C GLN A 11 5.11 -4.44 -7.50
N LEU A 12 5.49 -4.17 -6.28
CA LEU A 12 4.60 -4.48 -5.14
C LEU A 12 3.43 -3.51 -5.12
N ARG A 13 3.68 -2.23 -5.09
CA ARG A 13 2.57 -1.21 -5.05
C ARG A 13 1.52 -1.53 -6.14
N LYS A 14 1.95 -1.87 -7.33
CA LYS A 14 0.97 -2.19 -8.38
C LYS A 14 0.24 -3.49 -7.99
N ASP A 15 0.90 -4.37 -7.26
CA ASP A 15 0.24 -5.62 -6.84
C ASP A 15 -0.95 -5.28 -5.94
N ILE A 16 -0.78 -4.42 -4.96
CA ILE A 16 -1.93 -4.06 -4.06
C ILE A 16 -3.07 -3.48 -4.92
N LEU A 17 -2.74 -2.75 -5.96
CA LEU A 17 -3.80 -2.18 -6.84
C LEU A 17 -4.62 -3.34 -7.44
N GLU A 18 -3.94 -4.32 -7.97
CA GLU A 18 -4.65 -5.50 -8.55
C GLU A 18 -5.29 -6.27 -7.41
N VAL A 19 -4.60 -6.37 -6.30
CA VAL A 19 -5.15 -7.10 -5.13
C VAL A 19 -6.48 -6.47 -4.73
N ILE A 20 -6.48 -5.18 -4.44
CA ILE A 20 -7.76 -4.50 -4.07
C ILE A 20 -8.78 -4.73 -5.21
N CYS A 21 -8.29 -4.97 -6.41
CA CYS A 21 -9.20 -5.23 -7.55
C CYS A 21 -9.78 -6.64 -7.43
N LYS A 22 -8.94 -7.62 -7.16
CA LYS A 22 -9.43 -9.03 -7.02
C LYS A 22 -10.53 -9.12 -5.96
N TYR A 23 -10.43 -8.31 -4.93
CA TYR A 23 -11.43 -8.34 -3.85
C TYR A 23 -12.41 -7.17 -3.99
N VAL A 24 -12.08 -6.18 -4.80
CA VAL A 24 -12.99 -4.99 -4.95
C VAL A 24 -12.78 -4.41 -6.37
N GLN A 25 -12.73 -3.10 -6.53
CA GLN A 25 -12.52 -2.53 -7.90
C GLN A 25 -12.24 -1.02 -7.80
N ILE A 26 -11.02 -0.64 -8.06
CA ILE A 26 -10.65 0.81 -8.00
C ILE A 26 -9.72 1.14 -9.15
N ASP A 27 -9.48 2.41 -9.39
CA ASP A 27 -8.57 2.80 -10.51
C ASP A 27 -7.22 3.24 -9.91
N PRO A 28 -6.19 3.30 -10.73
CA PRO A 28 -4.83 3.71 -10.29
C PRO A 28 -4.80 5.22 -10.02
N GLU A 29 -5.61 5.96 -10.73
CA GLU A 29 -5.67 7.42 -10.49
C GLU A 29 -6.28 7.69 -9.10
N MET A 30 -6.89 6.69 -8.49
CA MET A 30 -7.50 6.87 -7.15
C MET A 30 -6.46 6.55 -6.07
N VAL A 31 -5.47 5.75 -6.40
CA VAL A 31 -4.43 5.39 -5.40
C VAL A 31 -3.19 6.28 -5.57
N THR A 32 -2.80 7.00 -4.54
CA THR A 32 -1.62 7.88 -4.64
C THR A 32 -0.36 7.11 -4.19
N VAL A 33 0.79 7.57 -4.57
CA VAL A 33 2.05 6.87 -4.17
C VAL A 33 3.14 7.90 -3.92
N GLN A 34 3.54 8.08 -2.68
CA GLN A 34 4.61 9.06 -2.37
C GLN A 34 5.76 8.35 -1.67
N LEU A 35 6.98 8.60 -2.09
CA LEU A 35 8.15 7.93 -1.45
C LEU A 35 8.96 8.94 -0.65
N GLU A 36 9.33 8.57 0.55
CA GLU A 36 10.14 9.48 1.41
C GLU A 36 11.40 8.74 1.84
N GLN A 37 12.29 9.40 2.54
CA GLN A 37 13.55 8.74 2.99
C GLN A 37 14.02 9.38 4.30
N LYS A 38 14.67 8.60 5.14
CA LYS A 38 15.16 9.15 6.44
C LYS A 38 16.67 9.42 6.34
N ASP A 39 17.21 10.11 7.30
CA ASP A 39 18.68 10.40 7.28
C ASP A 39 19.49 9.15 7.62
N GLY A 40 18.85 8.06 8.00
CA GLY A 40 19.60 6.82 8.34
C GLY A 40 19.64 5.87 7.15
N ASP A 41 19.64 6.42 5.95
CA ASP A 41 19.66 5.56 4.72
C ASP A 41 18.43 4.65 4.72
N ILE A 42 17.27 5.21 4.95
CA ILE A 42 16.04 4.39 4.98
C ILE A 42 15.00 5.01 4.02
N SER A 43 14.04 4.22 3.58
CA SER A 43 13.01 4.76 2.64
C SER A 43 11.63 4.70 3.31
N ILE A 44 10.68 5.38 2.74
CA ILE A 44 9.30 5.40 3.32
C ILE A 44 8.29 5.57 2.17
N LEU A 45 7.84 4.50 1.58
CA LEU A 45 6.86 4.59 0.47
C LEU A 45 5.43 4.60 1.02
N GLU A 46 4.79 5.73 1.00
CA GLU A 46 3.39 5.83 1.52
C GLU A 46 2.43 5.89 0.33
N LEU A 47 1.57 4.91 0.18
CA LEU A 47 0.61 4.93 -0.96
C LEU A 47 -0.81 5.17 -0.44
N ASN A 48 -1.50 6.12 -1.02
CA ASN A 48 -2.88 6.43 -0.58
C ASN A 48 -3.84 5.57 -1.38
N VAL A 49 -4.89 5.09 -0.76
CA VAL A 49 -5.87 4.23 -1.51
C VAL A 49 -7.26 4.83 -1.39
N THR A 50 -7.63 5.69 -2.30
CA THR A 50 -8.99 6.32 -2.25
C THR A 50 -10.01 5.32 -2.80
N LEU A 51 -10.68 4.61 -1.94
CA LEU A 51 -11.70 3.64 -2.39
C LEU A 51 -13.04 4.37 -2.56
N PRO A 52 -13.78 4.06 -3.61
CA PRO A 52 -15.10 4.70 -3.90
C PRO A 52 -16.21 4.07 -3.05
N GLU A 53 -17.43 4.46 -3.27
CA GLU A 53 -18.57 3.91 -2.48
C GLU A 53 -18.62 2.39 -2.61
N ALA A 54 -19.06 1.71 -1.59
CA ALA A 54 -19.14 0.23 -1.64
C ALA A 54 -19.73 -0.29 -0.32
N GLU A 55 -20.76 -1.09 -0.38
CA GLU A 55 -21.37 -1.64 0.87
C GLU A 55 -22.52 -2.59 0.50
N GLU A 56 -22.24 -3.57 -0.33
CA GLU A 56 -23.29 -4.55 -0.74
C GLU A 56 -24.43 -3.81 -1.43
N LEU A 57 -24.12 -2.77 -2.16
CA LEU A 57 -25.19 -2.00 -2.87
C LEU A 57 -24.70 -1.61 -4.26
N LYS A 58 -25.51 -1.81 -5.27
CA LYS A 58 -25.10 -1.45 -6.66
C LYS A 58 -26.14 -0.51 -7.27
N ARG B 1 -11.75 -2.43 15.54
CA ARG B 1 -11.40 -3.00 14.21
C ARG B 1 -12.33 -2.42 13.14
N SER B 2 -12.23 -1.14 12.88
CA SER B 2 -13.10 -0.49 11.86
C SER B 2 -12.86 -1.14 10.49
N ASP B 3 -11.72 -1.74 10.29
CA ASP B 3 -11.43 -2.40 8.98
C ASP B 3 -11.99 -3.82 8.94
N ALA B 4 -12.81 -4.20 9.89
CA ALA B 4 -13.39 -5.57 9.89
C ALA B 4 -14.74 -5.56 9.14
N GLU B 5 -15.27 -4.40 8.83
CA GLU B 5 -16.58 -4.32 8.11
C GLU B 5 -16.49 -4.93 6.70
N PRO B 6 -15.43 -4.64 5.95
CA PRO B 6 -15.25 -5.17 4.56
C PRO B 6 -14.60 -6.56 4.59
N HIS B 7 -13.61 -6.76 5.42
CA HIS B 7 -12.91 -8.08 5.51
C HIS B 7 -11.99 -8.29 4.29
N TYR B 8 -11.92 -7.34 3.39
CA TYR B 8 -11.02 -7.50 2.20
C TYR B 8 -10.00 -6.35 2.19
N LEU B 9 -10.42 -5.18 2.60
CA LEU B 9 -9.50 -4.01 2.64
C LEU B 9 -8.19 -4.37 3.40
N PRO B 10 -8.32 -4.93 4.58
CA PRO B 10 -7.14 -5.33 5.42
C PRO B 10 -6.47 -6.58 4.84
N GLN B 11 -7.19 -7.32 4.03
CA GLN B 11 -6.59 -8.54 3.41
C GLN B 11 -5.61 -8.07 2.33
N LEU B 12 -5.93 -6.99 1.68
CA LEU B 12 -5.04 -6.47 0.62
C LEU B 12 -3.80 -5.85 1.26
N ARG B 13 -3.97 -4.90 2.15
CA ARG B 13 -2.79 -4.24 2.81
C ARG B 13 -1.79 -5.30 3.31
N LYS B 14 -2.28 -6.34 3.94
CA LYS B 14 -1.36 -7.39 4.42
C LYS B 14 -0.71 -8.07 3.21
N ASP B 15 -1.41 -8.13 2.10
CA ASP B 15 -0.82 -8.77 0.89
C ASP B 15 0.42 -7.98 0.46
N ILE B 16 0.33 -6.67 0.38
CA ILE B 16 1.53 -5.86 -0.02
C ILE B 16 2.69 -6.14 0.95
N LEU B 17 2.38 -6.33 2.21
CA LEU B 17 3.45 -6.62 3.21
C LEU B 17 4.17 -7.92 2.79
N GLU B 18 3.41 -8.94 2.49
CA GLU B 18 4.02 -10.22 2.06
C GLU B 18 4.64 -10.01 0.70
N VAL B 19 3.97 -9.25 -0.14
CA VAL B 19 4.50 -8.99 -1.51
C VAL B 19 5.88 -8.35 -1.38
N ILE B 20 5.98 -7.23 -0.69
CA ILE B 20 7.31 -6.58 -0.50
C ILE B 20 8.28 -7.61 0.12
N CYS B 21 7.75 -8.59 0.80
CA CYS B 21 8.61 -9.64 1.41
C CYS B 21 9.08 -10.60 0.32
N LYS B 22 8.19 -11.03 -0.54
CA LYS B 22 8.59 -11.97 -1.65
C LYS B 22 9.70 -11.37 -2.49
N TYR B 23 9.69 -10.07 -2.64
CA TYR B 23 10.72 -9.39 -3.48
C TYR B 23 11.77 -8.72 -2.57
N VAL B 24 11.49 -8.56 -1.29
CA VAL B 24 12.48 -7.90 -0.37
C VAL B 24 12.26 -8.47 1.05
N GLN B 25 12.30 -7.66 2.09
CA GLN B 25 12.09 -8.20 3.47
C GLN B 25 11.92 -7.05 4.46
N ILE B 26 10.72 -6.89 4.96
CA ILE B 26 10.45 -5.79 5.94
C ILE B 26 9.50 -6.30 7.02
N ASP B 27 9.35 -5.57 8.08
CA ASP B 27 8.44 -6.01 9.18
C ASP B 27 7.14 -5.19 9.10
N PRO B 28 6.10 -5.65 9.75
CA PRO B 28 4.78 -4.95 9.77
C PRO B 28 4.86 -3.71 10.65
N GLU B 29 5.70 -3.73 11.65
CA GLU B 29 5.86 -2.53 12.52
C GLU B 29 6.53 -1.40 11.69
N MET B 30 7.09 -1.73 10.54
CA MET B 30 7.74 -0.70 9.70
C MET B 30 6.71 -0.09 8.74
N VAL B 31 5.66 -0.82 8.44
CA VAL B 31 4.63 -0.30 7.50
C VAL B 31 3.45 0.30 8.29
N THR B 32 3.14 1.55 8.07
CA THR B 32 2.01 2.18 8.79
C THR B 32 0.74 2.05 7.97
N VAL B 33 -0.40 2.18 8.59
CA VAL B 33 -1.69 2.06 7.86
C VAL B 33 -2.70 3.04 8.43
N GLN B 34 -3.05 4.05 7.69
CA GLN B 34 -4.04 5.05 8.19
C GLN B 34 -5.23 5.12 7.23
N LEU B 35 -6.43 5.09 7.74
CA LEU B 35 -7.61 5.13 6.85
C LEU B 35 -8.34 6.47 7.01
N GLU B 36 -8.70 7.08 5.91
CA GLU B 36 -9.42 8.38 5.96
C GLU B 36 -10.72 8.26 5.17
N GLN B 37 -11.54 9.27 5.17
CA GLN B 37 -12.82 9.21 4.41
C GLN B 37 -13.21 10.61 3.95
N LYS B 38 -13.89 10.71 2.83
CA LYS B 38 -14.31 12.04 2.31
C LYS B 38 -15.80 12.26 2.60
N ASP B 39 -16.27 13.46 2.43
CA ASP B 39 -17.71 13.76 2.69
C ASP B 39 -18.60 13.16 1.59
N GLY B 40 -18.02 12.63 0.54
CA GLY B 40 -18.85 12.04 -0.56
C GLY B 40 -18.97 10.53 -0.37
N ASP B 41 -18.97 10.07 0.86
CA ASP B 41 -19.09 8.60 1.13
C ASP B 41 -17.93 7.87 0.45
N ILE B 42 -16.73 8.35 0.65
CA ILE B 42 -15.55 7.71 0.02
C ILE B 42 -14.50 7.40 1.10
N SER B 43 -13.61 6.47 0.83
CA SER B 43 -12.58 6.12 1.85
C SER B 43 -11.19 6.44 1.30
N ILE B 44 -10.20 6.46 2.15
CA ILE B 44 -8.81 6.78 1.72
C ILE B 44 -7.82 6.04 2.62
N LEU B 45 -7.46 4.82 2.26
CA LEU B 45 -6.51 4.05 3.10
C LEU B 45 -5.07 4.34 2.66
N GLU B 46 -4.35 5.08 3.46
CA GLU B 46 -2.93 5.41 3.13
C GLU B 46 -2.01 4.55 3.99
N LEU B 47 -1.22 3.71 3.38
CA LEU B 47 -0.30 2.85 4.18
C LEU B 47 1.15 3.29 3.93
N ASN B 48 1.89 3.50 5.00
CA ASN B 48 3.30 3.93 4.86
C ASN B 48 4.18 2.69 4.79
N VAL B 49 5.20 2.72 3.99
CA VAL B 49 6.09 1.53 3.89
C VAL B 49 7.54 1.94 4.18
N THR B 50 7.93 1.88 5.43
CA THR B 50 9.33 2.26 5.79
C THR B 50 10.27 1.10 5.45
N LEU B 51 10.90 1.16 4.31
CA LEU B 51 11.85 0.08 3.93
C LEU B 51 13.23 0.40 4.53
N PRO B 52 13.92 -0.61 5.03
CA PRO B 52 15.28 -0.45 5.65
C PRO B 52 16.36 -0.38 4.57
N GLU B 53 17.60 -0.35 4.97
CA GLU B 53 18.72 -0.26 3.99
C GLU B 53 18.65 -1.43 3.01
N ALA B 54 19.09 -1.21 1.79
CA ALA B 54 19.06 -2.30 0.78
C ALA B 54 19.64 -1.77 -0.54
N GLU B 55 20.62 -2.46 -1.09
CA GLU B 55 21.23 -2.01 -2.36
C GLU B 55 22.29 -3.02 -2.82
N GLU B 56 21.92 -4.27 -2.91
CA GLU B 56 22.89 -5.32 -3.34
C GLU B 56 24.07 -5.37 -2.36
N LEU B 57 23.81 -5.13 -1.11
CA LEU B 57 24.90 -5.16 -0.09
C LEU B 57 24.40 -5.83 1.19
N LYS B 58 25.17 -6.73 1.74
CA LYS B 58 24.75 -7.43 2.99
C LYS B 58 25.83 -7.27 4.06
N ARG A 1 11.23 8.31 -12.95
CA ARG A 1 10.57 7.67 -11.76
C ARG A 1 11.63 7.21 -10.77
N SER A 2 11.67 7.82 -9.61
CA SER A 2 12.67 7.43 -8.58
C SER A 2 12.48 5.96 -8.18
N ASP A 3 11.33 5.39 -8.46
CA ASP A 3 11.09 3.97 -8.10
C ASP A 3 11.62 3.03 -9.20
N ALA A 4 12.38 3.54 -10.14
CA ALA A 4 12.92 2.66 -11.22
C ALA A 4 14.30 2.11 -10.81
N GLU A 5 14.79 2.46 -9.64
CA GLU A 5 16.12 1.96 -9.19
C GLU A 5 16.02 0.52 -8.64
N PRO A 6 15.01 0.23 -7.83
CA PRO A 6 14.83 -1.13 -7.22
C PRO A 6 14.11 -2.08 -8.20
N HIS A 7 13.12 -1.57 -8.90
CA HIS A 7 12.34 -2.41 -9.87
C HIS A 7 11.42 -3.39 -9.14
N TYR A 8 11.39 -3.36 -7.83
CA TYR A 8 10.47 -4.27 -7.07
C TYR A 8 9.50 -3.43 -6.23
N LEU A 9 9.95 -2.31 -5.74
CA LEU A 9 9.07 -1.43 -4.91
C LEU A 9 7.78 -1.09 -5.69
N PRO A 10 7.90 -0.64 -6.92
CA PRO A 10 6.71 -0.28 -7.78
C PRO A 10 5.97 -1.55 -8.23
N GLN A 11 6.62 -2.69 -8.13
CA GLN A 11 5.95 -3.97 -8.53
C GLN A 11 4.99 -4.37 -7.42
N LEU A 12 5.33 -4.06 -6.19
CA LEU A 12 4.46 -4.42 -5.05
C LEU A 12 3.27 -3.46 -4.98
N ARG A 13 3.51 -2.18 -5.17
CA ARG A 13 2.39 -1.20 -5.10
C ARG A 13 1.37 -1.53 -6.20
N LYS A 14 1.82 -1.84 -7.39
CA LYS A 14 0.87 -2.19 -8.46
C LYS A 14 0.17 -3.50 -8.07
N ASP A 15 0.86 -4.36 -7.36
CA ASP A 15 0.24 -5.64 -6.93
C ASP A 15 -0.92 -5.34 -5.98
N ILE A 16 -0.71 -4.47 -5.02
CA ILE A 16 -1.81 -4.13 -4.06
C ILE A 16 -2.99 -3.52 -4.85
N LEU A 17 -2.71 -2.88 -5.95
CA LEU A 17 -3.81 -2.29 -6.78
C LEU A 17 -4.61 -3.44 -7.37
N GLU A 18 -3.94 -4.41 -7.95
CA GLU A 18 -4.66 -5.59 -8.52
C GLU A 18 -5.28 -6.36 -7.38
N VAL A 19 -4.57 -6.44 -6.29
CA VAL A 19 -5.10 -7.19 -5.11
C VAL A 19 -6.42 -6.54 -4.69
N ILE A 20 -6.42 -5.25 -4.43
CA ILE A 20 -7.70 -4.55 -4.06
C ILE A 20 -8.73 -4.78 -5.18
N CYS A 21 -8.27 -5.07 -6.38
CA CYS A 21 -9.21 -5.32 -7.50
C CYS A 21 -9.83 -6.71 -7.34
N LYS A 22 -9.01 -7.70 -7.05
CA LYS A 22 -9.53 -9.10 -6.88
C LYS A 22 -10.60 -9.13 -5.80
N TYR A 23 -10.47 -8.29 -4.80
CA TYR A 23 -11.46 -8.27 -3.70
C TYR A 23 -12.41 -7.08 -3.85
N VAL A 24 -12.08 -6.11 -4.69
CA VAL A 24 -12.97 -4.92 -4.87
C VAL A 24 -12.78 -4.38 -6.31
N GLN A 25 -12.71 -3.08 -6.52
CA GLN A 25 -12.53 -2.57 -7.91
C GLN A 25 -12.27 -1.06 -7.88
N ILE A 26 -11.06 -0.66 -8.13
CA ILE A 26 -10.70 0.78 -8.13
C ILE A 26 -9.73 1.07 -9.26
N ASP A 27 -9.50 2.32 -9.57
CA ASP A 27 -8.55 2.66 -10.67
C ASP A 27 -7.20 3.05 -10.06
N PRO A 28 -6.16 3.07 -10.87
CA PRO A 28 -4.78 3.44 -10.41
C PRO A 28 -4.70 4.93 -10.17
N GLU A 29 -5.47 5.71 -10.89
CA GLU A 29 -5.48 7.18 -10.68
C GLU A 29 -6.12 7.49 -9.31
N MET A 30 -6.76 6.52 -8.70
CA MET A 30 -7.39 6.75 -7.36
C MET A 30 -6.39 6.43 -6.25
N VAL A 31 -5.34 5.69 -6.56
CA VAL A 31 -4.33 5.34 -5.52
C VAL A 31 -3.10 6.24 -5.66
N THR A 32 -2.70 6.88 -4.59
CA THR A 32 -1.49 7.77 -4.66
C THR A 32 -0.26 6.99 -4.21
N VAL A 33 0.91 7.48 -4.55
CA VAL A 33 2.17 6.78 -4.13
C VAL A 33 3.26 7.82 -3.86
N GLN A 34 3.61 8.00 -2.61
CA GLN A 34 4.67 9.00 -2.28
C GLN A 34 5.80 8.30 -1.52
N LEU A 35 7.03 8.61 -1.85
CA LEU A 35 8.18 7.97 -1.16
C LEU A 35 8.92 8.99 -0.29
N GLU A 36 9.68 8.51 0.66
CA GLU A 36 10.45 9.41 1.56
C GLU A 36 11.72 8.69 2.01
N GLN A 37 12.63 9.36 2.68
CA GLN A 37 13.88 8.68 3.12
C GLN A 37 14.43 9.33 4.40
N LYS A 38 15.15 8.57 5.19
CA LYS A 38 15.71 9.12 6.47
C LYS A 38 17.21 9.33 6.32
N ASP A 39 17.84 9.91 7.31
CA ASP A 39 19.30 10.15 7.24
C ASP A 39 20.06 8.86 7.62
N GLY A 40 19.36 7.83 8.05
CA GLY A 40 20.06 6.56 8.43
C GLY A 40 20.02 5.56 7.28
N ASP A 41 20.04 6.05 6.06
CA ASP A 41 20.01 5.15 4.87
C ASP A 41 18.72 4.32 4.89
N ILE A 42 17.61 4.96 5.06
CA ILE A 42 16.31 4.24 5.10
C ILE A 42 15.33 4.89 4.12
N SER A 43 14.39 4.15 3.60
CA SER A 43 13.43 4.73 2.63
C SER A 43 11.99 4.50 3.11
N ILE A 44 11.05 5.17 2.51
CA ILE A 44 9.63 5.01 2.91
C ILE A 44 8.76 5.06 1.65
N LEU A 45 7.54 4.59 1.74
CA LEU A 45 6.63 4.63 0.57
C LEU A 45 5.18 4.62 1.05
N GLU A 46 4.57 5.77 1.12
CA GLU A 46 3.15 5.86 1.59
C GLU A 46 2.22 5.89 0.39
N LEU A 47 1.52 4.83 0.11
CA LEU A 47 0.58 4.83 -1.04
C LEU A 47 -0.84 5.08 -0.53
N ASN A 48 -1.51 6.05 -1.10
CA ASN A 48 -2.89 6.36 -0.65
C ASN A 48 -3.86 5.52 -1.48
N VAL A 49 -4.90 5.03 -0.86
CA VAL A 49 -5.88 4.20 -1.62
C VAL A 49 -7.29 4.77 -1.45
N THR A 50 -7.70 5.63 -2.35
CA THR A 50 -9.07 6.23 -2.25
C THR A 50 -10.09 5.30 -2.90
N LEU A 51 -10.87 4.62 -2.10
CA LEU A 51 -11.91 3.71 -2.65
C LEU A 51 -13.22 4.49 -2.85
N PRO A 52 -13.92 4.23 -3.95
CA PRO A 52 -15.21 4.92 -4.26
C PRO A 52 -16.38 4.22 -3.57
N GLU A 53 -17.58 4.66 -3.83
CA GLU A 53 -18.78 4.03 -3.18
C GLU A 53 -18.84 2.55 -3.56
N ALA A 54 -19.74 1.82 -2.94
CA ALA A 54 -19.88 0.37 -3.26
C ALA A 54 -21.03 -0.22 -2.43
N GLU A 55 -21.89 -0.97 -3.06
CA GLU A 55 -23.04 -1.58 -2.33
C GLU A 55 -23.50 -2.85 -3.07
N GLU A 56 -22.57 -3.54 -3.69
CA GLU A 56 -22.93 -4.79 -4.42
C GLU A 56 -23.95 -4.46 -5.52
N LEU A 57 -23.52 -3.79 -6.56
CA LEU A 57 -24.46 -3.44 -7.67
C LEU A 57 -24.30 -4.44 -8.82
N LYS A 58 -25.34 -4.67 -9.55
CA LYS A 58 -25.26 -5.63 -10.70
C LYS A 58 -25.93 -5.02 -11.94
N ARG B 1 -10.99 -2.49 15.34
CA ARG B 1 -10.34 -2.15 14.05
C ARG B 1 -11.41 -1.69 13.05
N SER B 2 -11.37 -0.45 12.65
CA SER B 2 -12.37 0.07 11.67
C SER B 2 -12.27 -0.70 10.35
N ASP B 3 -11.17 -1.38 10.12
CA ASP B 3 -11.01 -2.15 8.85
C ASP B 3 -11.64 -3.55 8.98
N ALA B 4 -12.39 -3.80 10.03
CA ALA B 4 -13.02 -5.14 10.19
C ALA B 4 -14.42 -5.15 9.55
N GLU B 5 -14.85 -4.05 8.98
CA GLU B 5 -16.20 -3.99 8.35
C GLU B 5 -16.19 -4.62 6.94
N PRO B 6 -15.18 -4.33 6.14
CA PRO B 6 -15.07 -4.88 4.74
C PRO B 6 -14.45 -6.27 4.75
N HIS B 7 -13.45 -6.48 5.58
CA HIS B 7 -12.75 -7.81 5.65
C HIS B 7 -11.87 -8.04 4.42
N TYR B 8 -11.80 -7.10 3.50
CA TYR B 8 -10.94 -7.29 2.30
C TYR B 8 -9.89 -6.17 2.26
N LEU B 9 -10.25 -4.99 2.72
CA LEU B 9 -9.28 -3.85 2.73
C LEU B 9 -7.99 -4.24 3.49
N PRO B 10 -8.11 -4.79 4.68
CA PRO B 10 -6.93 -5.22 5.51
C PRO B 10 -6.30 -6.49 4.92
N GLN B 11 -7.01 -7.17 4.06
CA GLN B 11 -6.45 -8.40 3.42
C GLN B 11 -5.48 -7.97 2.32
N LEU B 12 -5.77 -6.86 1.69
CA LEU B 12 -4.89 -6.38 0.59
C LEU B 12 -3.64 -5.73 1.19
N ARG B 13 -3.80 -4.95 2.23
CA ARG B 13 -2.61 -4.28 2.85
C ARG B 13 -1.64 -5.36 3.35
N LYS B 14 -2.15 -6.38 3.99
CA LYS B 14 -1.26 -7.45 4.48
C LYS B 14 -0.64 -8.15 3.27
N ASP B 15 -1.36 -8.21 2.17
CA ASP B 15 -0.82 -8.86 0.95
C ASP B 15 0.39 -8.04 0.46
N ILE B 16 0.26 -6.74 0.39
CA ILE B 16 1.41 -5.89 -0.08
C ILE B 16 2.61 -6.11 0.87
N LEU B 17 2.34 -6.42 2.12
CA LEU B 17 3.45 -6.66 3.08
C LEU B 17 4.16 -7.94 2.67
N GLU B 18 3.41 -8.98 2.42
CA GLU B 18 4.02 -10.27 1.98
C GLU B 18 4.61 -10.06 0.60
N VAL B 19 3.94 -9.29 -0.21
CA VAL B 19 4.45 -9.03 -1.58
C VAL B 19 5.83 -8.36 -1.46
N ILE B 20 5.92 -7.27 -0.74
CA ILE B 20 7.25 -6.61 -0.54
C ILE B 20 8.24 -7.63 0.06
N CYS B 21 7.73 -8.64 0.72
CA CYS B 21 8.61 -9.67 1.31
C CYS B 21 9.13 -10.59 0.20
N LYS B 22 8.26 -11.03 -0.68
CA LYS B 22 8.69 -11.93 -1.80
C LYS B 22 9.79 -11.26 -2.62
N TYR B 23 9.74 -9.95 -2.73
CA TYR B 23 10.75 -9.23 -3.53
C TYR B 23 11.78 -8.56 -2.60
N VAL B 24 11.49 -8.45 -1.32
CA VAL B 24 12.45 -7.79 -0.38
C VAL B 24 12.26 -8.42 1.02
N GLN B 25 12.28 -7.64 2.10
CA GLN B 25 12.09 -8.24 3.45
C GLN B 25 11.94 -7.14 4.50
N ILE B 26 10.74 -6.96 4.99
CA ILE B 26 10.49 -5.90 6.01
C ILE B 26 9.51 -6.44 7.05
N ASP B 27 9.35 -5.76 8.15
CA ASP B 27 8.41 -6.22 9.20
C ASP B 27 7.11 -5.43 9.08
N PRO B 28 6.05 -5.92 9.71
CA PRO B 28 4.71 -5.24 9.67
C PRO B 28 4.74 -3.99 10.56
N GLU B 29 5.54 -4.03 11.59
CA GLU B 29 5.65 -2.83 12.48
C GLU B 29 6.34 -1.69 11.71
N MET B 30 6.95 -1.99 10.57
CA MET B 30 7.62 -0.93 9.77
C MET B 30 6.63 -0.30 8.78
N VAL B 31 5.53 -0.96 8.51
CA VAL B 31 4.54 -0.41 7.55
C VAL B 31 3.36 0.21 8.32
N THR B 32 3.02 1.44 8.03
CA THR B 32 1.89 2.11 8.73
C THR B 32 0.61 1.96 7.90
N VAL B 33 -0.52 2.14 8.51
CA VAL B 33 -1.82 2.02 7.78
C VAL B 33 -2.82 3.03 8.33
N GLN B 34 -3.12 4.05 7.59
CA GLN B 34 -4.10 5.07 8.08
C GLN B 34 -5.26 5.19 7.09
N LEU B 35 -6.47 5.26 7.58
CA LEU B 35 -7.64 5.37 6.66
C LEU B 35 -8.29 6.76 6.79
N GLU B 36 -9.05 7.14 5.79
CA GLU B 36 -9.73 8.47 5.82
C GLU B 36 -11.03 8.36 5.03
N GLN B 37 -11.88 9.37 5.06
CA GLN B 37 -13.17 9.29 4.30
C GLN B 37 -13.62 10.68 3.85
N LYS B 38 -14.37 10.75 2.78
CA LYS B 38 -14.85 12.08 2.27
C LYS B 38 -16.34 12.22 2.58
N ASP B 39 -16.90 13.37 2.30
CA ASP B 39 -18.35 13.59 2.55
C ASP B 39 -19.18 13.00 1.41
N GLY B 40 -18.55 12.52 0.35
CA GLY B 40 -19.31 11.95 -0.79
C GLY B 40 -19.37 10.43 -0.68
N ASP B 41 -19.39 9.91 0.53
CA ASP B 41 -19.46 8.44 0.74
C ASP B 41 -18.24 7.77 0.10
N ILE B 42 -17.07 8.28 0.40
CA ILE B 42 -15.83 7.70 -0.17
C ILE B 42 -14.84 7.41 0.96
N SER B 43 -13.97 6.45 0.78
CA SER B 43 -12.99 6.11 1.85
C SER B 43 -11.56 6.19 1.30
N ILE B 44 -10.60 6.18 2.17
CA ILE B 44 -9.18 6.24 1.74
C ILE B 44 -8.34 5.33 2.64
N LEU B 45 -7.16 4.98 2.21
CA LEU B 45 -6.28 4.12 3.05
C LEU B 45 -4.82 4.36 2.66
N GLU B 46 -4.13 5.19 3.40
CA GLU B 46 -2.70 5.47 3.08
C GLU B 46 -1.79 4.60 3.94
N LEU B 47 -1.18 3.60 3.35
CA LEU B 47 -0.28 2.72 4.15
C LEU B 47 1.17 3.16 3.93
N ASN B 48 1.89 3.40 5.00
CA ASN B 48 3.30 3.83 4.87
C ASN B 48 4.18 2.59 4.83
N VAL B 49 5.20 2.61 4.03
CA VAL B 49 6.11 1.42 3.94
C VAL B 49 7.55 1.85 4.18
N THR B 50 8.00 1.78 5.41
CA THR B 50 9.40 2.20 5.73
C THR B 50 10.35 1.01 5.51
N LEU B 51 11.11 1.04 4.45
CA LEU B 51 12.05 -0.07 4.17
C LEU B 51 13.41 0.26 4.81
N PRO B 52 14.06 -0.74 5.39
CA PRO B 52 15.38 -0.57 6.07
C PRO B 52 16.52 -0.65 5.04
N GLU B 53 17.75 -0.61 5.50
CA GLU B 53 18.91 -0.68 4.57
C GLU B 53 18.86 -1.99 3.79
N ALA B 54 19.73 -2.14 2.82
CA ALA B 54 19.76 -3.39 2.01
C ALA B 54 20.89 -3.31 0.98
N GLU B 55 21.69 -4.34 0.87
CA GLU B 55 22.81 -4.34 -0.11
C GLU B 55 23.15 -5.78 -0.49
N GLU B 56 22.16 -6.65 -0.52
CA GLU B 56 22.42 -8.07 -0.88
C GLU B 56 23.42 -8.69 0.10
N LEU B 57 23.02 -8.91 1.32
CA LEU B 57 23.94 -9.50 2.33
C LEU B 57 23.67 -11.00 2.44
N LYS B 58 24.68 -11.77 2.78
CA LYS B 58 24.50 -13.25 2.91
C LYS B 58 25.18 -13.73 4.20
N ARG A 1 11.92 8.72 -13.06
CA ARG A 1 11.52 7.36 -12.59
C ARG A 1 12.38 6.98 -11.37
N SER A 2 12.21 7.68 -10.29
CA SER A 2 13.01 7.38 -9.07
C SER A 2 12.68 5.97 -8.57
N ASP A 3 11.52 5.45 -8.89
CA ASP A 3 11.15 4.08 -8.44
C ASP A 3 11.68 3.02 -9.42
N ALA A 4 12.53 3.41 -10.34
CA ALA A 4 13.09 2.41 -11.30
C ALA A 4 14.41 1.84 -10.75
N GLU A 5 14.96 2.45 -9.74
CA GLU A 5 16.25 1.96 -9.16
C GLU A 5 16.10 0.53 -8.59
N PRO A 6 15.02 0.24 -7.87
CA PRO A 6 14.78 -1.11 -7.27
C PRO A 6 14.09 -2.04 -8.27
N HIS A 7 13.11 -1.54 -8.99
CA HIS A 7 12.36 -2.39 -9.99
C HIS A 7 11.41 -3.36 -9.28
N TYR A 8 11.34 -3.33 -7.97
CA TYR A 8 10.42 -4.24 -7.24
C TYR A 8 9.44 -3.41 -6.40
N LEU A 9 9.91 -2.30 -5.87
CA LEU A 9 9.03 -1.41 -5.04
C LEU A 9 7.74 -1.07 -5.81
N PRO A 10 7.85 -0.62 -7.05
CA PRO A 10 6.66 -0.26 -7.89
C PRO A 10 5.93 -1.53 -8.37
N GLN A 11 6.61 -2.65 -8.35
CA GLN A 11 5.94 -3.93 -8.77
C GLN A 11 4.97 -4.33 -7.66
N LEU A 12 5.35 -4.07 -6.42
CA LEU A 12 4.48 -4.44 -5.29
C LEU A 12 3.28 -3.50 -5.25
N ARG A 13 3.50 -2.20 -5.21
CA ARG A 13 2.36 -1.23 -5.16
C ARG A 13 1.33 -1.57 -6.24
N LYS A 14 1.77 -1.87 -7.44
CA LYS A 14 0.79 -2.22 -8.49
C LYS A 14 0.10 -3.53 -8.12
N ASP A 15 0.78 -4.38 -7.37
CA ASP A 15 0.15 -5.67 -6.96
C ASP A 15 -1.03 -5.37 -6.03
N ILE A 16 -0.84 -4.53 -5.03
CA ILE A 16 -1.98 -4.21 -4.10
C ILE A 16 -3.16 -3.65 -4.92
N LEU A 17 -2.87 -2.94 -5.99
CA LEU A 17 -3.97 -2.40 -6.84
C LEU A 17 -4.74 -3.59 -7.42
N GLU A 18 -4.03 -4.58 -7.87
CA GLU A 18 -4.70 -5.79 -8.43
C GLU A 18 -5.31 -6.56 -7.26
N VAL A 19 -4.63 -6.59 -6.16
CA VAL A 19 -5.15 -7.30 -4.95
C VAL A 19 -6.47 -6.67 -4.56
N ILE A 20 -6.48 -5.39 -4.24
CA ILE A 20 -7.76 -4.70 -3.88
C ILE A 20 -8.77 -4.92 -5.01
N CYS A 21 -8.30 -5.17 -6.21
CA CYS A 21 -9.20 -5.43 -7.35
C CYS A 21 -9.82 -6.83 -7.20
N LYS A 22 -9.01 -7.82 -6.91
CA LYS A 22 -9.54 -9.22 -6.76
C LYS A 22 -10.62 -9.26 -5.67
N TYR A 23 -10.48 -8.43 -4.67
CA TYR A 23 -11.47 -8.42 -3.55
C TYR A 23 -12.44 -7.24 -3.71
N VAL A 24 -12.12 -6.28 -4.55
CA VAL A 24 -13.01 -5.08 -4.72
C VAL A 24 -12.80 -4.52 -6.15
N GLN A 25 -12.73 -3.23 -6.34
CA GLN A 25 -12.51 -2.69 -7.72
C GLN A 25 -12.25 -1.19 -7.64
N ILE A 26 -11.05 -0.78 -7.94
CA ILE A 26 -10.69 0.67 -7.90
C ILE A 26 -9.79 1.00 -9.08
N ASP A 27 -9.57 2.27 -9.35
CA ASP A 27 -8.69 2.66 -10.47
C ASP A 27 -7.32 3.06 -9.91
N PRO A 28 -6.32 3.11 -10.75
CA PRO A 28 -4.93 3.49 -10.34
C PRO A 28 -4.86 4.99 -10.08
N GLU A 29 -5.66 5.75 -10.78
CA GLU A 29 -5.69 7.22 -10.56
C GLU A 29 -6.30 7.52 -9.18
N MET A 30 -6.91 6.52 -8.55
CA MET A 30 -7.51 6.75 -7.21
C MET A 30 -6.49 6.40 -6.12
N VAL A 31 -5.52 5.59 -6.43
CA VAL A 31 -4.50 5.21 -5.41
C VAL A 31 -3.24 6.07 -5.60
N THR A 32 -2.87 6.84 -4.61
CA THR A 32 -1.67 7.70 -4.72
C THR A 32 -0.42 6.94 -4.24
N VAL A 33 0.73 7.39 -4.65
CA VAL A 33 1.99 6.73 -4.21
C VAL A 33 3.05 7.79 -3.93
N GLN A 34 3.72 7.71 -2.81
CA GLN A 34 4.74 8.74 -2.47
C GLN A 34 5.88 8.10 -1.67
N LEU A 35 7.10 8.25 -2.13
CA LEU A 35 8.25 7.65 -1.42
C LEU A 35 9.00 8.70 -0.61
N GLU A 36 9.22 8.44 0.65
CA GLU A 36 9.96 9.39 1.52
C GLU A 36 11.24 8.72 1.99
N GLN A 37 12.06 9.43 2.74
CA GLN A 37 13.34 8.82 3.23
C GLN A 37 13.62 9.25 4.66
N LYS A 38 14.63 8.69 5.27
CA LYS A 38 14.97 9.03 6.68
C LYS A 38 16.43 9.44 6.77
N ASP A 39 16.83 10.03 7.87
CA ASP A 39 18.25 10.44 8.04
C ASP A 39 19.12 9.22 8.38
N GLY A 40 18.51 8.09 8.71
CA GLY A 40 19.31 6.88 9.06
C GLY A 40 19.44 5.97 7.84
N ASP A 41 19.47 6.54 6.66
CA ASP A 41 19.59 5.73 5.41
C ASP A 41 18.41 4.78 5.31
N ILE A 42 17.22 5.29 5.50
CA ILE A 42 16.01 4.43 5.42
C ILE A 42 15.01 5.05 4.45
N SER A 43 14.09 4.27 3.94
CA SER A 43 13.09 4.80 2.97
C SER A 43 11.70 4.72 3.59
N ILE A 44 10.74 5.38 2.99
CA ILE A 44 9.35 5.35 3.53
C ILE A 44 8.37 5.44 2.36
N LEU A 45 8.07 4.34 1.74
CA LEU A 45 7.13 4.36 0.58
C LEU A 45 5.68 4.34 1.06
N GLU A 46 5.02 5.46 1.00
CA GLU A 46 3.59 5.52 1.43
C GLU A 46 2.71 5.54 0.19
N LEU A 47 1.50 5.05 0.29
CA LEU A 47 0.59 5.06 -0.89
C LEU A 47 -0.85 5.27 -0.42
N ASN A 48 -1.54 6.20 -1.02
CA ASN A 48 -2.94 6.47 -0.63
C ASN A 48 -3.86 5.58 -1.47
N VAL A 49 -4.93 5.10 -0.89
CA VAL A 49 -5.86 4.23 -1.64
C VAL A 49 -7.28 4.79 -1.55
N THR A 50 -7.67 5.60 -2.51
CA THR A 50 -9.03 6.21 -2.49
C THR A 50 -10.07 5.15 -2.91
N LEU A 51 -10.79 4.61 -1.97
CA LEU A 51 -11.83 3.61 -2.32
C LEU A 51 -13.16 4.35 -2.56
N PRO A 52 -13.89 3.96 -3.60
CA PRO A 52 -15.20 4.60 -3.96
C PRO A 52 -16.33 4.01 -3.13
N GLU A 53 -17.54 4.44 -3.36
CA GLU A 53 -18.70 3.93 -2.58
C GLU A 53 -18.84 2.42 -2.81
N ALA A 54 -19.58 1.75 -1.96
CA ALA A 54 -19.77 0.29 -2.11
C ALA A 54 -20.69 -0.22 -1.00
N GLU A 55 -21.73 -0.94 -1.36
CA GLU A 55 -22.68 -1.47 -0.35
C GLU A 55 -23.57 -2.55 -0.98
N GLU A 56 -23.01 -3.35 -1.86
CA GLU A 56 -23.80 -4.41 -2.53
C GLU A 56 -24.96 -3.79 -3.32
N LEU A 57 -24.78 -2.59 -3.80
CA LEU A 57 -25.87 -1.92 -4.57
C LEU A 57 -25.58 -2.06 -6.07
N LYS A 58 -26.57 -1.81 -6.90
CA LYS A 58 -26.37 -1.93 -8.36
C LYS A 58 -26.92 -0.68 -9.05
N ARG B 1 -11.66 -2.24 15.74
CA ARG B 1 -11.34 -2.89 14.44
C ARG B 1 -12.19 -2.24 13.33
N SER B 2 -11.94 -0.98 13.05
CA SER B 2 -12.72 -0.28 11.99
C SER B 2 -12.48 -0.96 10.64
N ASP B 3 -11.36 -1.62 10.47
CA ASP B 3 -11.07 -2.30 9.17
C ASP B 3 -11.70 -3.70 9.13
N ALA B 4 -12.56 -4.02 10.08
CA ALA B 4 -13.21 -5.36 10.08
C ALA B 4 -14.54 -5.29 9.33
N GLU B 5 -15.04 -4.10 9.05
CA GLU B 5 -16.33 -3.96 8.34
C GLU B 5 -16.26 -4.58 6.92
N PRO B 6 -15.19 -4.34 6.18
CA PRO B 6 -15.02 -4.89 4.80
C PRO B 6 -14.42 -6.31 4.82
N HIS B 7 -13.43 -6.53 5.67
CA HIS B 7 -12.77 -7.88 5.76
C HIS B 7 -11.87 -8.13 4.54
N TYR B 8 -11.77 -7.19 3.62
CA TYR B 8 -10.88 -7.39 2.44
C TYR B 8 -9.83 -6.27 2.42
N LEU B 9 -10.21 -5.07 2.82
CA LEU B 9 -9.25 -3.93 2.85
C LEU B 9 -7.95 -4.32 3.59
N PRO B 10 -8.08 -4.87 4.78
CA PRO B 10 -6.89 -5.29 5.61
C PRO B 10 -6.26 -6.57 5.03
N GLN B 11 -7.00 -7.30 4.24
CA GLN B 11 -6.43 -8.54 3.62
C GLN B 11 -5.48 -8.12 2.51
N LEU B 12 -5.80 -7.03 1.84
CA LEU B 12 -4.92 -6.56 0.75
C LEU B 12 -3.66 -5.94 1.34
N ARG B 13 -3.80 -4.99 2.24
CA ARG B 13 -2.58 -4.34 2.86
C ARG B 13 -1.61 -5.42 3.36
N LYS B 14 -2.10 -6.44 4.00
CA LYS B 14 -1.18 -7.50 4.48
C LYS B 14 -0.57 -8.20 3.27
N ASP B 15 -1.28 -8.25 2.16
CA ASP B 15 -0.74 -8.90 0.95
C ASP B 15 0.49 -8.12 0.47
N ILE B 16 0.39 -6.81 0.36
CA ILE B 16 1.56 -6.00 -0.11
C ILE B 16 2.76 -6.26 0.82
N LEU B 17 2.49 -6.49 2.09
CA LEU B 17 3.59 -6.78 3.05
C LEU B 17 4.28 -8.08 2.61
N GLU B 18 3.49 -9.06 2.24
CA GLU B 18 4.05 -10.35 1.77
C GLU B 18 4.64 -10.12 0.38
N VAL B 19 3.99 -9.31 -0.41
CA VAL B 19 4.49 -9.00 -1.77
C VAL B 19 5.87 -8.37 -1.65
N ILE B 20 5.97 -7.24 -0.98
CA ILE B 20 7.30 -6.59 -0.78
C ILE B 20 8.27 -7.62 -0.16
N CYS B 21 7.74 -8.60 0.53
CA CYS B 21 8.60 -9.64 1.12
C CYS B 21 9.12 -10.57 0.02
N LYS B 22 8.25 -11.02 -0.86
CA LYS B 22 8.70 -11.92 -1.97
C LYS B 22 9.80 -11.26 -2.80
N TYR B 23 9.74 -9.97 -2.92
CA TYR B 23 10.76 -9.24 -3.74
C TYR B 23 11.80 -8.58 -2.82
N VAL B 24 11.52 -8.47 -1.54
CA VAL B 24 12.50 -7.80 -0.60
C VAL B 24 12.28 -8.41 0.81
N GLN B 25 12.29 -7.62 1.86
CA GLN B 25 12.08 -8.19 3.22
C GLN B 25 11.92 -7.06 4.24
N ILE B 26 10.73 -6.90 4.77
CA ILE B 26 10.48 -5.82 5.78
C ILE B 26 9.57 -6.37 6.87
N ASP B 27 9.44 -5.64 7.95
CA ASP B 27 8.56 -6.09 9.06
C ASP B 27 7.23 -5.32 8.98
N PRO B 28 6.21 -5.81 9.65
CA PRO B 28 4.86 -5.16 9.66
C PRO B 28 4.90 -3.91 10.53
N GLU B 29 5.73 -3.92 11.54
CA GLU B 29 5.86 -2.73 12.42
C GLU B 29 6.54 -1.60 11.62
N MET B 30 7.10 -1.88 10.46
CA MET B 30 7.75 -0.83 9.66
C MET B 30 6.74 -0.23 8.67
N VAL B 31 5.70 -0.96 8.34
CA VAL B 31 4.69 -0.44 7.39
C VAL B 31 3.49 0.12 8.16
N THR B 32 3.20 1.39 8.00
CA THR B 32 2.05 2.00 8.72
C THR B 32 0.78 1.89 7.88
N VAL B 33 -0.36 2.01 8.52
CA VAL B 33 -1.66 1.92 7.78
C VAL B 33 -2.61 2.95 8.37
N GLN B 34 -3.25 3.73 7.53
CA GLN B 34 -4.20 4.76 8.04
C GLN B 34 -5.35 4.93 7.06
N LEU B 35 -6.58 4.82 7.53
CA LEU B 35 -7.74 4.97 6.63
C LEU B 35 -8.40 6.34 6.82
N GLU B 36 -8.59 7.05 5.73
CA GLU B 36 -9.24 8.39 5.82
C GLU B 36 -10.56 8.34 5.05
N GLN B 37 -11.30 9.42 5.03
CA GLN B 37 -12.60 9.42 4.31
C GLN B 37 -12.81 10.76 3.60
N LYS B 38 -13.84 10.85 2.79
CA LYS B 38 -14.12 12.12 2.05
C LYS B 38 -15.56 12.56 2.31
N ASP B 39 -15.87 13.78 1.97
CA ASP B 39 -17.26 14.29 2.17
C ASP B 39 -18.19 13.73 1.09
N GLY B 40 -17.66 13.12 0.05
CA GLY B 40 -18.53 12.57 -1.03
C GLY B 40 -18.76 11.07 -0.80
N ASP B 41 -18.78 10.65 0.44
CA ASP B 41 -18.99 9.21 0.75
C ASP B 41 -17.88 8.37 0.13
N ILE B 42 -16.66 8.79 0.32
CA ILE B 42 -15.51 8.05 -0.27
C ILE B 42 -14.49 7.73 0.83
N SER B 43 -13.66 6.76 0.62
CA SER B 43 -12.65 6.39 1.65
C SER B 43 -11.24 6.67 1.10
N ILE B 44 -10.26 6.64 1.96
CA ILE B 44 -8.86 6.91 1.53
C ILE B 44 -7.91 6.08 2.40
N LEU B 45 -7.70 4.83 2.06
CA LEU B 45 -6.79 3.98 2.86
C LEU B 45 -5.34 4.20 2.46
N GLU B 46 -4.60 4.90 3.28
CA GLU B 46 -3.16 5.16 2.97
C GLU B 46 -2.32 4.23 3.84
N LEU B 47 -1.14 3.88 3.40
CA LEU B 47 -0.27 2.99 4.21
C LEU B 47 1.19 3.37 3.99
N ASN B 48 1.92 3.55 5.05
CA ASN B 48 3.36 3.92 4.93
C ASN B 48 4.19 2.65 4.86
N VAL B 49 5.24 2.64 4.08
CA VAL B 49 6.09 1.43 3.98
C VAL B 49 7.54 1.80 4.27
N THR B 50 7.96 1.67 5.50
CA THR B 50 9.37 2.01 5.88
C THR B 50 10.31 0.90 5.42
N LEU B 51 11.02 1.13 4.34
CA LEU B 51 11.99 0.11 3.85
C LEU B 51 13.35 0.36 4.51
N PRO B 52 14.03 -0.69 4.96
CA PRO B 52 15.36 -0.58 5.62
C PRO B 52 16.47 -0.49 4.58
N GLU B 53 17.71 -0.42 5.01
CA GLU B 53 18.85 -0.33 4.07
C GLU B 53 18.88 -1.56 3.16
N ALA B 54 19.59 -1.48 2.07
CA ALA B 54 19.67 -2.64 1.14
C ALA B 54 20.59 -2.28 -0.04
N GLU B 55 21.57 -3.12 -0.31
CA GLU B 55 22.51 -2.84 -1.43
C GLU B 55 23.30 -4.10 -1.76
N GLU B 56 22.66 -5.25 -1.69
CA GLU B 56 23.37 -6.53 -1.99
C GLU B 56 24.54 -6.72 -1.03
N LEU B 57 24.43 -6.20 0.17
CA LEU B 57 25.53 -6.34 1.16
C LEU B 57 25.20 -7.48 2.13
N LYS B 58 26.18 -7.95 2.86
CA LYS B 58 25.93 -9.07 3.83
C LYS B 58 26.55 -8.70 5.18
N ARG A 1 11.45 7.87 -13.73
CA ARG A 1 10.77 7.45 -12.47
C ARG A 1 11.82 7.03 -11.43
N SER A 2 11.89 7.73 -10.33
CA SER A 2 12.88 7.37 -9.27
C SER A 2 12.60 5.97 -8.73
N ASP A 3 11.43 5.42 -8.98
CA ASP A 3 11.11 4.07 -8.47
C ASP A 3 11.60 2.98 -9.45
N ALA A 4 12.44 3.34 -10.40
CA ALA A 4 12.95 2.33 -11.36
C ALA A 4 14.27 1.72 -10.83
N GLU A 5 14.88 2.37 -9.86
CA GLU A 5 16.17 1.85 -9.30
C GLU A 5 16.00 0.42 -8.73
N PRO A 6 14.93 0.16 -7.99
CA PRO A 6 14.67 -1.19 -7.39
C PRO A 6 13.96 -2.11 -8.39
N HIS A 7 12.97 -1.62 -9.09
CA HIS A 7 12.21 -2.45 -10.08
C HIS A 7 11.20 -3.39 -9.36
N TYR A 8 11.21 -3.43 -8.05
CA TYR A 8 10.26 -4.32 -7.32
C TYR A 8 9.32 -3.44 -6.48
N LEU A 9 9.82 -2.35 -5.94
CA LEU A 9 8.98 -1.44 -5.11
C LEU A 9 7.66 -1.08 -5.85
N PRO A 10 7.76 -0.63 -7.08
CA PRO A 10 6.57 -0.25 -7.91
C PRO A 10 5.84 -1.52 -8.39
N GLN A 11 6.49 -2.65 -8.33
CA GLN A 11 5.84 -3.93 -8.75
C GLN A 11 4.89 -4.36 -7.63
N LEU A 12 5.26 -4.11 -6.40
CA LEU A 12 4.40 -4.51 -5.26
C LEU A 12 3.21 -3.56 -5.15
N ARG A 13 3.44 -2.27 -5.29
CA ARG A 13 2.30 -1.30 -5.19
C ARG A 13 1.26 -1.62 -6.27
N LYS A 14 1.71 -1.91 -7.48
CA LYS A 14 0.75 -2.25 -8.54
C LYS A 14 0.06 -3.56 -8.18
N ASP A 15 0.76 -4.42 -7.46
CA ASP A 15 0.15 -5.72 -7.06
C ASP A 15 -0.97 -5.45 -6.07
N ILE A 16 -0.75 -4.60 -5.08
CA ILE A 16 -1.83 -4.30 -4.09
C ILE A 16 -3.05 -3.72 -4.84
N LEU A 17 -2.81 -3.04 -5.94
CA LEU A 17 -3.93 -2.48 -6.74
C LEU A 17 -4.70 -3.64 -7.34
N GLU A 18 -4.01 -4.62 -7.85
CA GLU A 18 -4.69 -5.81 -8.44
C GLU A 18 -5.30 -6.61 -7.29
N VAL A 19 -4.60 -6.65 -6.17
CA VAL A 19 -5.12 -7.38 -4.99
C VAL A 19 -6.44 -6.74 -4.57
N ILE A 20 -6.42 -5.45 -4.29
CA ILE A 20 -7.69 -4.75 -3.91
C ILE A 20 -8.72 -4.94 -5.03
N CYS A 21 -8.26 -5.22 -6.23
CA CYS A 21 -9.19 -5.44 -7.36
C CYS A 21 -9.84 -6.83 -7.24
N LYS A 22 -9.05 -7.84 -6.94
CA LYS A 22 -9.61 -9.22 -6.79
C LYS A 22 -10.68 -9.23 -5.69
N TYR A 23 -10.52 -8.41 -4.69
CA TYR A 23 -11.48 -8.38 -3.57
C TYR A 23 -12.43 -7.17 -3.73
N VAL A 24 -12.09 -6.22 -4.57
CA VAL A 24 -12.95 -5.00 -4.74
C VAL A 24 -12.78 -4.49 -6.19
N GLN A 25 -12.69 -3.19 -6.41
CA GLN A 25 -12.52 -2.69 -7.81
C GLN A 25 -12.29 -1.18 -7.79
N ILE A 26 -11.07 -0.77 -8.04
CA ILE A 26 -10.75 0.69 -8.04
C ILE A 26 -9.77 0.98 -9.18
N ASP A 27 -9.55 2.23 -9.48
CA ASP A 27 -8.61 2.58 -10.58
C ASP A 27 -7.26 2.97 -9.98
N PRO A 28 -6.22 3.00 -10.79
CA PRO A 28 -4.85 3.37 -10.34
C PRO A 28 -4.78 4.88 -10.09
N GLU A 29 -5.55 5.63 -10.82
CA GLU A 29 -5.57 7.11 -10.61
C GLU A 29 -6.22 7.42 -9.26
N MET A 30 -6.86 6.44 -8.64
CA MET A 30 -7.50 6.68 -7.32
C MET A 30 -6.50 6.39 -6.20
N VAL A 31 -5.50 5.58 -6.47
CA VAL A 31 -4.49 5.25 -5.43
C VAL A 31 -3.25 6.13 -5.62
N THR A 32 -2.81 6.80 -4.58
CA THR A 32 -1.62 7.67 -4.70
C THR A 32 -0.38 6.92 -4.23
N VAL A 33 0.78 7.35 -4.67
CA VAL A 33 2.04 6.66 -4.26
C VAL A 33 3.12 7.72 -4.02
N GLN A 34 3.62 7.82 -2.82
CA GLN A 34 4.67 8.83 -2.53
C GLN A 34 5.85 8.16 -1.80
N LEU A 35 7.05 8.43 -2.22
CA LEU A 35 8.23 7.82 -1.58
C LEU A 35 8.91 8.83 -0.66
N GLU A 36 9.32 8.39 0.50
CA GLU A 36 10.00 9.31 1.45
C GLU A 36 11.28 8.64 1.97
N GLN A 37 12.08 9.36 2.73
CA GLN A 37 13.35 8.76 3.25
C GLN A 37 13.70 9.40 4.60
N LYS A 38 14.52 8.75 5.38
CA LYS A 38 14.92 9.33 6.70
C LYS A 38 16.41 9.65 6.68
N ASP A 39 16.90 10.27 7.72
CA ASP A 39 18.35 10.62 7.79
C ASP A 39 19.17 9.39 8.20
N GLY A 40 18.53 8.30 8.58
CA GLY A 40 19.30 7.09 9.01
C GLY A 40 19.40 6.11 7.84
N ASP A 41 19.44 6.61 6.63
CA ASP A 41 19.54 5.71 5.43
C ASP A 41 18.33 4.78 5.39
N ILE A 42 17.16 5.32 5.56
CA ILE A 42 15.92 4.49 5.55
C ILE A 42 14.93 5.08 4.54
N SER A 43 14.03 4.26 4.04
CA SER A 43 13.03 4.76 3.04
C SER A 43 11.63 4.70 3.65
N ILE A 44 10.70 5.42 3.10
CA ILE A 44 9.31 5.43 3.62
C ILE A 44 8.34 5.63 2.45
N LEU A 45 7.98 4.57 1.78
CA LEU A 45 7.05 4.69 0.62
C LEU A 45 5.60 4.58 1.09
N GLU A 46 4.89 5.67 1.03
CA GLU A 46 3.47 5.67 1.46
C GLU A 46 2.56 5.69 0.23
N LEU A 47 1.49 4.95 0.24
CA LEU A 47 0.56 4.95 -0.94
C LEU A 47 -0.86 5.20 -0.45
N ASN A 48 -1.54 6.15 -1.03
CA ASN A 48 -2.93 6.46 -0.61
C ASN A 48 -3.90 5.61 -1.42
N VAL A 49 -4.95 5.13 -0.80
CA VAL A 49 -5.93 4.30 -1.54
C VAL A 49 -7.31 4.97 -1.49
N THR A 50 -7.64 5.72 -2.51
CA THR A 50 -8.97 6.42 -2.52
C THR A 50 -10.04 5.47 -3.08
N LEU A 51 -10.75 4.80 -2.22
CA LEU A 51 -11.81 3.87 -2.69
C LEU A 51 -13.11 4.69 -2.90
N PRO A 52 -13.85 4.38 -3.96
CA PRO A 52 -15.13 5.10 -4.29
C PRO A 52 -16.30 4.49 -3.52
N GLU A 53 -17.49 4.99 -3.74
CA GLU A 53 -18.69 4.47 -3.04
C GLU A 53 -18.89 2.99 -3.39
N ALA A 54 -20.01 2.44 -3.01
CA ALA A 54 -20.30 1.01 -3.32
C ALA A 54 -21.70 0.65 -2.82
N GLU A 55 -22.08 -0.59 -2.96
CA GLU A 55 -23.44 -1.02 -2.49
C GLU A 55 -23.61 -2.52 -2.72
N GLU A 56 -23.34 -2.98 -3.90
CA GLU A 56 -23.48 -4.43 -4.20
C GLU A 56 -22.21 -5.18 -3.78
N LEU A 57 -21.84 -5.07 -2.53
CA LEU A 57 -20.62 -5.76 -2.03
C LEU A 57 -21.03 -6.87 -1.06
N LYS A 58 -20.28 -7.95 -1.03
CA LYS A 58 -20.61 -9.07 -0.11
C LYS A 58 -19.48 -9.24 0.91
N ARG B 1 -11.27 -3.32 15.60
CA ARG B 1 -10.59 -2.78 14.39
C ARG B 1 -11.63 -2.29 13.39
N SER B 2 -11.62 -1.01 13.10
CA SER B 2 -12.61 -0.44 12.13
C SER B 2 -12.41 -1.07 10.75
N ASP B 3 -11.29 -1.71 10.51
CA ASP B 3 -11.05 -2.34 9.18
C ASP B 3 -11.64 -3.76 9.13
N ALA B 4 -12.47 -4.12 10.08
CA ALA B 4 -13.09 -5.47 10.05
C ALA B 4 -14.42 -5.43 9.29
N GLU B 5 -14.95 -4.25 9.07
CA GLU B 5 -16.25 -4.14 8.35
C GLU B 5 -16.17 -4.76 6.93
N PRO B 6 -15.10 -4.50 6.20
CA PRO B 6 -14.92 -5.03 4.82
C PRO B 6 -14.31 -6.44 4.85
N HIS B 7 -13.30 -6.65 5.66
CA HIS B 7 -12.63 -8.00 5.76
C HIS B 7 -11.67 -8.22 4.56
N TYR B 8 -11.65 -7.33 3.60
CA TYR B 8 -10.73 -7.50 2.43
C TYR B 8 -9.71 -6.35 2.43
N LEU B 9 -10.12 -5.17 2.83
CA LEU B 9 -9.19 -4.00 2.86
C LEU B 9 -7.88 -4.37 3.59
N PRO B 10 -7.98 -4.90 4.80
CA PRO B 10 -6.79 -5.30 5.61
C PRO B 10 -6.17 -6.58 5.04
N GLN B 11 -6.89 -7.29 4.21
CA GLN B 11 -6.34 -8.53 3.60
C GLN B 11 -5.39 -8.13 2.47
N LEU B 12 -5.70 -7.05 1.79
CA LEU B 12 -4.84 -6.59 0.68
C LEU B 12 -3.59 -5.93 1.24
N ARG B 13 -3.72 -5.10 2.25
CA ARG B 13 -2.53 -4.42 2.82
C ARG B 13 -1.55 -5.48 3.34
N LYS B 14 -2.05 -6.49 4.01
CA LYS B 14 -1.14 -7.56 4.50
C LYS B 14 -0.53 -8.27 3.29
N ASP B 15 -1.27 -8.33 2.20
CA ASP B 15 -0.75 -9.00 0.99
C ASP B 15 0.43 -8.18 0.43
N ILE B 16 0.29 -6.87 0.35
CA ILE B 16 1.42 -6.05 -0.18
C ILE B 16 2.64 -6.25 0.73
N LEU B 17 2.42 -6.53 2.00
CA LEU B 17 3.55 -6.76 2.92
C LEU B 17 4.24 -8.06 2.50
N GLU B 18 3.45 -9.07 2.20
CA GLU B 18 4.04 -10.37 1.76
C GLU B 18 4.62 -10.17 0.37
N VAL B 19 3.96 -9.36 -0.43
CA VAL B 19 4.47 -9.08 -1.80
C VAL B 19 5.83 -8.42 -1.69
N ILE B 20 5.91 -7.31 -0.98
CA ILE B 20 7.24 -6.64 -0.79
C ILE B 20 8.21 -7.63 -0.15
N CYS B 21 7.71 -8.65 0.52
CA CYS B 21 8.58 -9.67 1.14
C CYS B 21 9.14 -10.58 0.04
N LYS B 22 8.29 -11.04 -0.84
CA LYS B 22 8.77 -11.95 -1.95
C LYS B 22 9.86 -11.26 -2.76
N TYR B 23 9.78 -9.96 -2.89
CA TYR B 23 10.79 -9.22 -3.69
C TYR B 23 11.80 -8.53 -2.75
N VAL B 24 11.50 -8.44 -1.48
CA VAL B 24 12.44 -7.76 -0.52
C VAL B 24 12.27 -8.40 0.87
N GLN B 25 12.26 -7.64 1.95
CA GLN B 25 12.08 -8.26 3.30
C GLN B 25 11.95 -7.16 4.36
N ILE B 26 10.76 -6.96 4.85
CA ILE B 26 10.54 -5.91 5.89
C ILE B 26 9.55 -6.45 6.93
N ASP B 27 9.41 -5.76 8.03
CA ASP B 27 8.46 -6.22 9.09
C ASP B 27 7.15 -5.42 8.97
N PRO B 28 6.10 -5.91 9.59
CA PRO B 28 4.77 -5.23 9.57
C PRO B 28 4.81 -4.00 10.46
N GLU B 29 5.60 -4.03 11.49
CA GLU B 29 5.73 -2.84 12.38
C GLU B 29 6.44 -1.71 11.62
N MET B 30 7.03 -2.01 10.48
CA MET B 30 7.74 -0.96 9.69
C MET B 30 6.74 -0.30 8.72
N VAL B 31 5.69 -1.00 8.37
CA VAL B 31 4.68 -0.42 7.43
C VAL B 31 3.51 0.15 8.22
N THR B 32 3.15 1.38 7.96
CA THR B 32 2.00 2.00 8.70
C THR B 32 0.72 1.88 7.87
N VAL B 33 -0.41 1.96 8.51
CA VAL B 33 -1.70 1.85 7.77
C VAL B 33 -2.70 2.82 8.38
N GLN B 34 -3.16 3.78 7.61
CA GLN B 34 -4.13 4.78 8.14
C GLN B 34 -5.32 4.90 7.20
N LEU B 35 -6.52 4.87 7.72
CA LEU B 35 -7.73 4.97 6.86
C LEU B 35 -8.31 6.38 6.93
N GLU B 36 -8.71 6.92 5.81
CA GLU B 36 -9.30 8.29 5.80
C GLU B 36 -10.60 8.26 5.00
N GLN B 37 -11.33 9.35 4.99
CA GLN B 37 -12.62 9.39 4.24
C GLN B 37 -12.88 10.82 3.75
N LYS B 38 -13.72 10.97 2.76
CA LYS B 38 -14.05 12.33 2.24
C LYS B 38 -15.51 12.65 2.52
N ASP B 39 -15.93 13.86 2.24
CA ASP B 39 -17.35 14.24 2.48
C ASP B 39 -18.24 13.73 1.33
N GLY B 40 -17.66 13.18 0.29
CA GLY B 40 -18.49 12.68 -0.85
C GLY B 40 -18.70 11.16 -0.72
N ASP B 41 -18.74 10.67 0.49
CA ASP B 41 -18.93 9.20 0.72
C ASP B 41 -17.79 8.43 0.05
N ILE B 42 -16.58 8.86 0.29
CA ILE B 42 -15.41 8.17 -0.33
C ILE B 42 -14.41 7.81 0.77
N SER B 43 -13.59 6.82 0.53
CA SER B 43 -12.58 6.41 1.56
C SER B 43 -11.18 6.70 1.04
N ILE B 44 -10.22 6.74 1.93
CA ILE B 44 -8.81 7.02 1.52
C ILE B 44 -7.86 6.28 2.45
N LEU B 45 -7.60 5.02 2.18
CA LEU B 45 -6.70 4.23 3.06
C LEU B 45 -5.24 4.39 2.61
N GLU B 46 -4.46 5.07 3.41
CA GLU B 46 -3.03 5.27 3.06
C GLU B 46 -2.16 4.36 3.92
N LEU B 47 -1.13 3.78 3.36
CA LEU B 47 -0.25 2.88 4.17
C LEU B 47 1.20 3.30 3.96
N ASN B 48 1.93 3.52 5.02
CA ASN B 48 3.35 3.94 4.90
C ASN B 48 4.23 2.70 4.85
N VAL B 49 5.26 2.72 4.05
CA VAL B 49 6.17 1.55 3.97
C VAL B 49 7.58 1.95 4.36
N THR B 50 7.94 1.76 5.60
CA THR B 50 9.31 2.14 6.06
C THR B 50 10.30 1.01 5.78
N LEU B 51 10.98 1.09 4.66
CA LEU B 51 11.97 0.03 4.32
C LEU B 51 13.31 0.36 5.01
N PRO B 52 14.00 -0.65 5.52
CA PRO B 52 15.31 -0.46 6.22
C PRO B 52 16.46 -0.43 5.21
N GLU B 53 17.68 -0.31 5.70
CA GLU B 53 18.86 -0.26 4.79
C GLU B 53 18.95 -1.57 4.00
N ALA B 54 20.04 -1.77 3.31
CA ALA B 54 20.22 -3.02 2.51
C ALA B 54 21.61 -3.02 1.86
N GLU B 55 21.90 -4.02 1.07
CA GLU B 55 23.24 -4.08 0.40
C GLU B 55 23.29 -5.31 -0.50
N GLU B 56 22.97 -6.46 0.03
CA GLU B 56 23.00 -7.71 -0.79
C GLU B 56 21.70 -7.84 -1.58
N LEU B 57 21.38 -6.85 -2.38
CA LEU B 57 20.12 -6.92 -3.18
C LEU B 57 20.48 -7.03 -4.67
N LYS B 58 19.66 -7.73 -5.43
CA LYS B 58 19.94 -7.89 -6.88
C LYS B 58 18.83 -7.22 -7.70
N ARG A 1 11.25 9.25 -12.61
CA ARG A 1 10.90 7.83 -12.34
C ARG A 1 11.26 7.48 -10.89
N SER A 2 12.53 7.37 -10.58
CA SER A 2 12.96 7.04 -9.18
C SER A 2 12.59 5.59 -8.80
N ASP A 3 11.37 5.16 -9.07
CA ASP A 3 10.97 3.77 -8.69
C ASP A 3 11.58 2.74 -9.67
N ALA A 4 12.36 3.16 -10.63
CA ALA A 4 12.96 2.18 -11.58
C ALA A 4 14.34 1.72 -11.05
N GLU A 5 14.74 2.19 -9.88
CA GLU A 5 16.06 1.77 -9.32
C GLU A 5 15.95 0.37 -8.67
N PRO A 6 14.90 0.12 -7.89
CA PRO A 6 14.70 -1.21 -7.22
C PRO A 6 14.03 -2.19 -8.18
N HIS A 7 13.06 -1.73 -8.93
CA HIS A 7 12.32 -2.61 -9.91
C HIS A 7 11.33 -3.53 -9.18
N TYR A 8 11.26 -3.47 -7.87
CA TYR A 8 10.30 -4.34 -7.12
C TYR A 8 9.34 -3.45 -6.33
N LEU A 9 9.82 -2.33 -5.85
CA LEU A 9 8.96 -1.39 -5.05
C LEU A 9 7.66 -1.07 -5.83
N PRO A 10 7.78 -0.65 -7.07
CA PRO A 10 6.59 -0.31 -7.93
C PRO A 10 5.85 -1.59 -8.37
N GLN A 11 6.50 -2.72 -8.27
CA GLN A 11 5.84 -4.00 -8.66
C GLN A 11 4.89 -4.42 -7.52
N LEU A 12 5.25 -4.10 -6.31
CA LEU A 12 4.40 -4.47 -5.15
C LEU A 12 3.22 -3.51 -5.06
N ARG A 13 3.45 -2.24 -5.25
CA ARG A 13 2.33 -1.25 -5.17
C ARG A 13 1.29 -1.58 -6.24
N LYS A 14 1.74 -1.87 -7.43
CA LYS A 14 0.78 -2.22 -8.51
C LYS A 14 0.08 -3.53 -8.13
N ASP A 15 0.77 -4.40 -7.43
CA ASP A 15 0.15 -5.67 -7.00
C ASP A 15 -0.99 -5.37 -6.04
N ILE A 16 -0.76 -4.54 -5.05
CA ILE A 16 -1.85 -4.20 -4.08
C ILE A 16 -3.04 -3.60 -4.84
N LEU A 17 -2.79 -2.95 -5.95
CA LEU A 17 -3.90 -2.36 -6.75
C LEU A 17 -4.72 -3.52 -7.34
N GLU A 18 -4.05 -4.48 -7.94
CA GLU A 18 -4.78 -5.65 -8.51
C GLU A 18 -5.37 -6.44 -7.37
N VAL A 19 -4.65 -6.52 -6.28
CA VAL A 19 -5.16 -7.28 -5.10
C VAL A 19 -6.48 -6.64 -4.66
N ILE A 20 -6.47 -5.36 -4.37
CA ILE A 20 -7.75 -4.68 -3.96
C ILE A 20 -8.79 -4.89 -5.07
N CYS A 21 -8.35 -5.14 -6.28
CA CYS A 21 -9.32 -5.37 -7.40
C CYS A 21 -9.92 -6.77 -7.25
N LYS A 22 -9.10 -7.76 -6.99
CA LYS A 22 -9.62 -9.16 -6.83
C LYS A 22 -10.68 -9.20 -5.72
N TYR A 23 -10.53 -8.37 -4.73
CA TYR A 23 -11.49 -8.36 -3.60
C TYR A 23 -12.47 -7.17 -3.74
N VAL A 24 -12.15 -6.20 -4.58
CA VAL A 24 -13.06 -5.01 -4.74
C VAL A 24 -12.88 -4.47 -6.18
N GLN A 25 -12.82 -3.15 -6.37
CA GLN A 25 -12.65 -2.62 -7.76
C GLN A 25 -12.37 -1.12 -7.70
N ILE A 26 -11.16 -0.73 -7.99
CA ILE A 26 -10.79 0.71 -7.96
C ILE A 26 -9.84 1.01 -9.13
N ASP A 27 -9.61 2.26 -9.41
CA ASP A 27 -8.70 2.62 -10.53
C ASP A 27 -7.33 3.02 -9.95
N PRO A 28 -6.32 3.04 -10.79
CA PRO A 28 -4.93 3.41 -10.36
C PRO A 28 -4.85 4.91 -10.11
N GLU A 29 -5.64 5.67 -10.83
CA GLU A 29 -5.65 7.14 -10.61
C GLU A 29 -6.26 7.45 -9.23
N MET A 30 -6.88 6.47 -8.60
CA MET A 30 -7.48 6.71 -7.25
C MET A 30 -6.44 6.39 -6.17
N VAL A 31 -5.46 5.57 -6.49
CA VAL A 31 -4.42 5.23 -5.49
C VAL A 31 -3.20 6.13 -5.67
N THR A 32 -2.74 6.74 -4.61
CA THR A 32 -1.55 7.64 -4.71
C THR A 32 -0.30 6.90 -4.24
N VAL A 33 0.86 7.36 -4.63
CA VAL A 33 2.13 6.69 -4.21
C VAL A 33 3.19 7.75 -3.94
N GLN A 34 3.57 7.92 -2.71
CA GLN A 34 4.61 8.94 -2.39
C GLN A 34 5.78 8.26 -1.66
N LEU A 35 6.99 8.60 -2.01
CA LEU A 35 8.16 7.97 -1.35
C LEU A 35 8.89 9.00 -0.49
N GLU A 36 9.38 8.56 0.65
CA GLU A 36 10.13 9.49 1.55
C GLU A 36 11.38 8.78 2.05
N GLN A 37 12.24 9.47 2.76
CA GLN A 37 13.47 8.83 3.28
C GLN A 37 13.90 9.49 4.58
N LYS A 38 14.50 8.75 5.48
CA LYS A 38 14.94 9.33 6.78
C LYS A 38 16.44 9.58 6.74
N ASP A 39 16.96 10.30 7.71
CA ASP A 39 18.42 10.59 7.75
C ASP A 39 19.22 9.34 8.15
N GLY A 40 18.56 8.27 8.53
CA GLY A 40 19.29 7.04 8.94
C GLY A 40 19.38 6.07 7.76
N ASP A 41 19.44 6.58 6.56
CA ASP A 41 19.52 5.70 5.35
C ASP A 41 18.30 4.78 5.30
N ILE A 42 17.14 5.34 5.51
CA ILE A 42 15.90 4.51 5.50
C ILE A 42 14.90 5.12 4.50
N SER A 43 14.00 4.33 4.00
CA SER A 43 13.00 4.85 3.01
C SER A 43 11.60 4.78 3.61
N ILE A 44 10.66 5.45 2.99
CA ILE A 44 9.27 5.45 3.51
C ILE A 44 8.30 5.61 2.33
N LEU A 45 7.87 4.52 1.74
CA LEU A 45 6.94 4.61 0.59
C LEU A 45 5.49 4.55 1.08
N GLU A 46 4.80 5.66 1.02
CA GLU A 46 3.38 5.70 1.48
C GLU A 46 2.45 5.71 0.26
N LEU A 47 1.52 4.81 0.18
CA LEU A 47 0.60 4.79 -0.98
C LEU A 47 -0.84 5.04 -0.50
N ASN A 48 -1.51 5.98 -1.09
CA ASN A 48 -2.91 6.28 -0.68
C ASN A 48 -3.86 5.42 -1.48
N VAL A 49 -4.92 4.96 -0.89
CA VAL A 49 -5.90 4.11 -1.63
C VAL A 49 -7.29 4.73 -1.53
N THR A 50 -7.59 5.66 -2.39
CA THR A 50 -8.92 6.31 -2.36
C THR A 50 -9.98 5.37 -2.92
N LEU A 51 -10.77 4.77 -2.05
CA LEU A 51 -11.84 3.85 -2.53
C LEU A 51 -13.12 4.66 -2.78
N PRO A 52 -13.83 4.35 -3.84
CA PRO A 52 -15.09 5.06 -4.21
C PRO A 52 -16.30 4.49 -3.45
N GLU A 53 -17.47 5.02 -3.68
CA GLU A 53 -18.68 4.52 -2.98
C GLU A 53 -18.90 3.04 -3.31
N ALA A 54 -20.04 2.51 -2.92
CA ALA A 54 -20.33 1.08 -3.21
C ALA A 54 -21.74 0.74 -2.70
N GLU A 55 -22.75 1.13 -3.43
CA GLU A 55 -24.15 0.84 -3.00
C GLU A 55 -24.37 -0.67 -2.91
N GLU A 56 -25.09 -1.12 -1.92
CA GLU A 56 -25.35 -2.59 -1.76
C GLU A 56 -24.03 -3.33 -1.60
N LEU A 57 -23.11 -2.76 -0.86
CA LEU A 57 -21.79 -3.44 -0.65
C LEU A 57 -21.39 -3.32 0.81
N LYS A 58 -21.45 -4.41 1.53
CA LYS A 58 -21.07 -4.38 2.98
C LYS A 58 -20.49 -5.74 3.39
N ARG B 1 -10.95 -1.58 15.79
CA ARG B 1 -10.68 -2.42 14.57
C ARG B 1 -11.02 -1.61 13.32
N SER B 2 -12.29 -1.38 13.05
CA SER B 2 -12.70 -0.61 11.84
C SER B 2 -12.42 -1.39 10.54
N ASP B 3 -11.24 -1.96 10.39
CA ASP B 3 -10.93 -2.71 9.13
C ASP B 3 -11.62 -4.08 9.11
N ALA B 4 -12.41 -4.41 10.12
CA ALA B 4 -13.10 -5.73 10.12
C ALA B 4 -14.49 -5.58 9.46
N GLU B 5 -14.83 -4.41 8.96
CA GLU B 5 -16.15 -4.21 8.31
C GLU B 5 -16.12 -4.75 6.85
N PRO B 6 -15.08 -4.45 6.10
CA PRO B 6 -14.95 -4.93 4.68
C PRO B 6 -14.38 -6.36 4.65
N HIS B 7 -13.40 -6.62 5.48
CA HIS B 7 -12.75 -7.97 5.53
C HIS B 7 -11.80 -8.19 4.35
N TYR B 8 -11.69 -7.23 3.45
CA TYR B 8 -10.76 -7.38 2.29
C TYR B 8 -9.73 -6.25 2.33
N LEU B 9 -10.12 -5.09 2.78
CA LEU B 9 -9.17 -3.93 2.86
C LEU B 9 -7.87 -4.34 3.60
N PRO B 10 -8.00 -4.91 4.78
CA PRO B 10 -6.81 -5.35 5.59
C PRO B 10 -6.19 -6.62 4.98
N GLN B 11 -6.90 -7.31 4.13
CA GLN B 11 -6.34 -8.53 3.48
C GLN B 11 -5.40 -8.09 2.37
N LEU B 12 -5.70 -6.98 1.74
CA LEU B 12 -4.84 -6.48 0.63
C LEU B 12 -3.59 -5.83 1.20
N ARG B 13 -3.73 -5.04 2.24
CA ARG B 13 -2.56 -4.37 2.85
C ARG B 13 -1.57 -5.43 3.35
N LYS B 14 -2.07 -6.45 4.00
CA LYS B 14 -1.17 -7.51 4.49
C LYS B 14 -0.55 -8.21 3.28
N ASP B 15 -1.28 -8.29 2.19
CA ASP B 15 -0.74 -8.93 0.97
C ASP B 15 0.45 -8.12 0.47
N ILE B 16 0.30 -6.81 0.37
CA ILE B 16 1.44 -5.97 -0.11
C ILE B 16 2.66 -6.16 0.81
N LEU B 17 2.41 -6.47 2.06
CA LEU B 17 3.54 -6.70 3.01
C LEU B 17 4.25 -7.98 2.60
N GLU B 18 3.51 -9.03 2.36
CA GLU B 18 4.14 -10.31 1.93
C GLU B 18 4.71 -10.11 0.54
N VAL B 19 4.02 -9.35 -0.28
CA VAL B 19 4.50 -9.09 -1.65
C VAL B 19 5.88 -8.41 -1.56
N ILE B 20 5.97 -7.30 -0.86
CA ILE B 20 7.30 -6.63 -0.71
C ILE B 20 8.29 -7.62 -0.09
N CYS B 21 7.81 -8.63 0.59
CA CYS B 21 8.71 -9.64 1.19
C CYS B 21 9.22 -10.57 0.10
N LYS B 22 8.35 -11.02 -0.77
CA LYS B 22 8.78 -11.93 -1.88
C LYS B 22 9.86 -11.26 -2.73
N TYR B 23 9.80 -9.95 -2.84
CA TYR B 23 10.78 -9.22 -3.66
C TYR B 23 11.84 -8.56 -2.75
N VAL B 24 11.57 -8.43 -1.47
CA VAL B 24 12.54 -7.77 -0.54
C VAL B 24 12.36 -8.38 0.87
N GLN B 25 12.39 -7.60 1.94
CA GLN B 25 12.22 -8.18 3.30
C GLN B 25 12.04 -7.06 4.33
N ILE B 26 10.85 -6.90 4.83
CA ILE B 26 10.58 -5.83 5.84
C ILE B 26 9.64 -6.39 6.90
N ASP B 27 9.48 -5.69 7.99
CA ASP B 27 8.56 -6.16 9.07
C ASP B 27 7.24 -5.38 8.97
N PRO B 28 6.20 -5.87 9.61
CA PRO B 28 4.86 -5.23 9.61
C PRO B 28 4.89 -3.98 10.50
N GLU B 29 5.71 -4.00 11.52
CA GLU B 29 5.82 -2.81 12.40
C GLU B 29 6.48 -1.66 11.62
N MET B 30 7.06 -1.95 10.46
CA MET B 30 7.71 -0.89 9.66
C MET B 30 6.68 -0.28 8.70
N VAL B 31 5.64 -1.01 8.37
CA VAL B 31 4.61 -0.48 7.44
C VAL B 31 3.45 0.12 8.25
N THR B 32 3.06 1.33 7.94
CA THR B 32 1.93 1.97 8.68
C THR B 32 0.65 1.87 7.86
N VAL B 33 -0.48 1.99 8.50
CA VAL B 33 -1.78 1.90 7.76
C VAL B 33 -2.77 2.91 8.34
N GLN B 34 -3.09 3.93 7.60
CA GLN B 34 -4.05 4.95 8.12
C GLN B 34 -5.24 5.06 7.15
N LEU B 35 -6.44 5.14 7.68
CA LEU B 35 -7.63 5.24 6.80
C LEU B 35 -8.27 6.62 6.93
N GLU B 36 -8.76 7.15 5.85
CA GLU B 36 -9.41 8.49 5.87
C GLU B 36 -10.69 8.43 5.05
N GLN B 37 -11.47 9.47 5.06
CA GLN B 37 -12.75 9.47 4.27
C GLN B 37 -13.08 10.89 3.83
N LYS B 38 -13.70 11.03 2.69
CA LYS B 38 -14.07 12.39 2.19
C LYS B 38 -15.55 12.65 2.45
N ASP B 39 -15.99 13.87 2.26
CA ASP B 39 -17.43 14.20 2.49
C ASP B 39 -18.29 13.66 1.35
N GLY B 40 -17.70 13.13 0.30
CA GLY B 40 -18.50 12.59 -0.84
C GLY B 40 -18.69 11.08 -0.68
N ASP B 41 -18.75 10.60 0.53
CA ASP B 41 -18.92 9.13 0.77
C ASP B 41 -17.77 8.37 0.12
N ILE B 42 -16.57 8.83 0.34
CA ILE B 42 -15.39 8.16 -0.26
C ILE B 42 -14.39 7.81 0.85
N SER B 43 -13.55 6.83 0.61
CA SER B 43 -12.55 6.44 1.65
C SER B 43 -11.14 6.72 1.14
N ILE B 44 -10.17 6.69 2.01
CA ILE B 44 -8.77 6.97 1.61
C ILE B 44 -7.82 6.18 2.54
N LEU B 45 -7.49 4.96 2.18
CA LEU B 45 -6.59 4.14 3.02
C LEU B 45 -5.13 4.35 2.60
N GLU B 46 -4.38 5.05 3.39
CA GLU B 46 -2.94 5.30 3.06
C GLU B 46 -2.05 4.39 3.92
N LEU B 47 -1.18 3.63 3.30
CA LEU B 47 -0.29 2.74 4.10
C LEU B 47 1.16 3.15 3.87
N ASN B 48 1.90 3.35 4.94
CA ASN B 48 3.31 3.76 4.81
C ASN B 48 4.18 2.52 4.76
N VAL B 49 5.22 2.54 3.98
CA VAL B 49 6.11 1.35 3.88
C VAL B 49 7.55 1.76 4.21
N THR B 50 7.89 1.79 5.47
CA THR B 50 9.27 2.19 5.88
C THR B 50 10.25 1.06 5.57
N LEU B 51 11.01 1.18 4.52
CA LEU B 51 12.00 0.13 4.16
C LEU B 51 13.32 0.43 4.88
N PRO B 52 13.99 -0.58 5.40
CA PRO B 52 15.29 -0.42 6.13
C PRO B 52 16.46 -0.37 5.14
N GLU B 53 17.66 -0.24 5.66
CA GLU B 53 18.86 -0.18 4.77
C GLU B 53 18.97 -1.47 3.96
N ALA B 54 20.07 -1.65 3.27
CA ALA B 54 20.27 -2.88 2.46
C ALA B 54 21.65 -2.86 1.82
N GLU B 55 22.67 -3.17 2.59
CA GLU B 55 24.06 -3.17 2.04
C GLU B 55 24.17 -4.20 0.90
N GLU B 56 24.89 -3.86 -0.14
CA GLU B 56 25.06 -4.80 -1.29
C GLU B 56 23.68 -5.12 -1.89
N LEU B 57 22.82 -4.14 -1.99
CA LEU B 57 21.48 -4.38 -2.57
C LEU B 57 21.12 -3.24 -3.53
N LYS B 58 21.14 -3.50 -4.81
CA LYS B 58 20.80 -2.44 -5.80
C LYS B 58 20.14 -3.07 -7.03
N ARG A 1 11.62 8.08 -13.22
CA ARG A 1 10.94 7.56 -12.01
C ARG A 1 11.98 7.11 -10.98
N SER A 2 12.03 7.77 -9.86
CA SER A 2 13.02 7.39 -8.80
C SER A 2 12.76 5.97 -8.32
N ASP A 3 11.59 5.42 -8.58
CA ASP A 3 11.29 4.04 -8.13
C ASP A 3 11.78 3.01 -9.16
N ALA A 4 12.59 3.41 -10.11
CA ALA A 4 13.10 2.45 -11.13
C ALA A 4 14.43 1.84 -10.64
N GLU A 5 15.04 2.42 -9.64
CA GLU A 5 16.34 1.88 -9.12
C GLU A 5 16.18 0.44 -8.59
N PRO A 6 15.13 0.16 -7.84
CA PRO A 6 14.89 -1.21 -7.27
C PRO A 6 14.17 -2.12 -8.26
N HIS A 7 13.17 -1.61 -8.94
CA HIS A 7 12.39 -2.42 -9.93
C HIS A 7 11.42 -3.38 -9.23
N TYR A 8 11.42 -3.41 -7.92
CA TYR A 8 10.47 -4.32 -7.19
C TYR A 8 9.54 -3.48 -6.32
N LEU A 9 10.02 -2.37 -5.81
CA LEU A 9 9.16 -1.48 -4.96
C LEU A 9 7.86 -1.12 -5.71
N PRO A 10 7.97 -0.65 -6.95
CA PRO A 10 6.78 -0.26 -7.77
C PRO A 10 6.04 -1.52 -8.27
N GLN A 11 6.70 -2.66 -8.25
CA GLN A 11 6.04 -3.92 -8.67
C GLN A 11 5.06 -4.33 -7.57
N LEU A 12 5.43 -4.09 -6.34
CA LEU A 12 4.55 -4.46 -5.22
C LEU A 12 3.35 -3.51 -5.18
N ARG A 13 3.60 -2.21 -5.13
CA ARG A 13 2.47 -1.23 -5.07
C ARG A 13 1.44 -1.55 -6.17
N LYS A 14 1.88 -1.83 -7.37
CA LYS A 14 0.93 -2.16 -8.45
C LYS A 14 0.21 -3.47 -8.09
N ASP A 15 0.86 -4.34 -7.35
CA ASP A 15 0.22 -5.61 -6.96
C ASP A 15 -0.97 -5.31 -6.04
N ILE A 16 -0.79 -4.49 -5.04
CA ILE A 16 -1.94 -4.15 -4.12
C ILE A 16 -3.10 -3.58 -4.95
N LEU A 17 -2.79 -2.86 -6.00
CA LEU A 17 -3.87 -2.31 -6.86
C LEU A 17 -4.65 -3.48 -7.47
N GLU A 18 -3.94 -4.48 -7.93
CA GLU A 18 -4.61 -5.68 -8.51
C GLU A 18 -5.24 -6.46 -7.37
N VAL A 19 -4.57 -6.50 -6.24
CA VAL A 19 -5.12 -7.22 -5.06
C VAL A 19 -6.45 -6.58 -4.66
N ILE A 20 -6.44 -5.30 -4.34
CA ILE A 20 -7.72 -4.60 -4.01
C ILE A 20 -8.72 -4.81 -5.15
N CYS A 21 -8.23 -5.06 -6.34
CA CYS A 21 -9.12 -5.30 -7.49
C CYS A 21 -9.76 -6.69 -7.37
N LYS A 22 -8.96 -7.69 -7.07
CA LYS A 22 -9.50 -9.08 -6.94
C LYS A 22 -10.59 -9.13 -5.87
N TYR A 23 -10.46 -8.32 -4.84
CA TYR A 23 -11.45 -8.32 -3.74
C TYR A 23 -12.40 -7.11 -3.90
N VAL A 24 -12.07 -6.16 -4.73
CA VAL A 24 -12.95 -4.94 -4.90
C VAL A 24 -12.73 -4.40 -6.33
N GLN A 25 -12.63 -3.10 -6.54
CA GLN A 25 -12.43 -2.58 -7.92
C GLN A 25 -12.16 -1.06 -7.87
N ILE A 26 -10.95 -0.67 -8.14
CA ILE A 26 -10.59 0.77 -8.10
C ILE A 26 -9.64 1.08 -9.27
N ASP A 27 -9.42 2.34 -9.55
CA ASP A 27 -8.49 2.70 -10.66
C ASP A 27 -7.14 3.10 -10.06
N PRO A 28 -6.11 3.13 -10.88
CA PRO A 28 -4.73 3.50 -10.43
C PRO A 28 -4.65 5.01 -10.20
N GLU A 29 -5.43 5.76 -10.94
CA GLU A 29 -5.45 7.24 -10.74
C GLU A 29 -6.10 7.56 -9.38
N MET A 30 -6.73 6.59 -8.75
CA MET A 30 -7.39 6.85 -7.44
C MET A 30 -6.42 6.49 -6.30
N VAL A 31 -5.41 5.69 -6.57
CA VAL A 31 -4.44 5.32 -5.51
C VAL A 31 -3.19 6.18 -5.64
N THR A 32 -2.80 6.88 -4.60
CA THR A 32 -1.60 7.75 -4.66
C THR A 32 -0.36 6.95 -4.24
N VAL A 33 0.80 7.42 -4.61
CA VAL A 33 2.06 6.72 -4.25
C VAL A 33 3.15 7.77 -4.00
N GLN A 34 3.48 8.01 -2.76
CA GLN A 34 4.53 9.03 -2.45
C GLN A 34 5.71 8.37 -1.73
N LEU A 35 6.87 8.43 -2.33
CA LEU A 35 8.07 7.82 -1.70
C LEU A 35 8.85 8.86 -0.90
N GLU A 36 9.29 8.49 0.29
CA GLU A 36 10.06 9.45 1.13
C GLU A 36 11.34 8.76 1.59
N GLN A 37 12.16 9.46 2.34
CA GLN A 37 13.43 8.84 2.83
C GLN A 37 13.83 9.46 4.17
N LYS A 38 14.54 8.74 4.99
CA LYS A 38 14.97 9.27 6.31
C LYS A 38 16.48 9.57 6.27
N ASP A 39 17.00 10.10 7.35
CA ASP A 39 18.47 10.40 7.39
C ASP A 39 19.27 9.13 7.70
N GLY A 40 18.61 8.06 8.09
CA GLY A 40 19.35 6.79 8.40
C GLY A 40 19.33 5.86 7.20
N ASP A 41 19.31 6.41 6.01
CA ASP A 41 19.29 5.56 4.78
C ASP A 41 18.06 4.65 4.79
N ILE A 42 16.92 5.24 5.04
CA ILE A 42 15.65 4.44 5.09
C ILE A 42 14.61 5.09 4.17
N SER A 43 13.84 4.29 3.47
CA SER A 43 12.81 4.85 2.55
C SER A 43 11.42 4.68 3.17
N ILE A 44 10.55 5.62 2.95
CA ILE A 44 9.17 5.53 3.52
C ILE A 44 8.16 5.66 2.38
N LEU A 45 7.91 4.60 1.65
CA LEU A 45 6.95 4.68 0.52
C LEU A 45 5.52 4.61 1.03
N GLU A 46 4.78 5.68 0.89
CA GLU A 46 3.37 5.71 1.36
C GLU A 46 2.44 5.69 0.14
N LEU A 47 1.44 4.83 0.14
CA LEU A 47 0.51 4.79 -1.02
C LEU A 47 -0.92 5.02 -0.52
N ASN A 48 -1.59 6.00 -1.05
CA ASN A 48 -2.97 6.30 -0.61
C ASN A 48 -3.95 5.51 -1.47
N VAL A 49 -5.00 5.02 -0.89
CA VAL A 49 -5.99 4.24 -1.68
C VAL A 49 -7.36 4.87 -1.54
N THR A 50 -7.77 5.64 -2.51
CA THR A 50 -9.09 6.32 -2.45
C THR A 50 -10.17 5.37 -2.98
N LEU A 51 -10.75 4.57 -2.12
CA LEU A 51 -11.81 3.62 -2.55
C LEU A 51 -13.12 4.40 -2.75
N PRO A 52 -13.83 4.14 -3.84
CA PRO A 52 -15.13 4.81 -4.15
C PRO A 52 -16.29 4.09 -3.47
N GLU A 53 -17.47 4.67 -3.52
CA GLU A 53 -18.65 4.04 -2.89
C GLU A 53 -18.93 2.69 -3.55
N ALA A 54 -20.07 2.11 -3.28
CA ALA A 54 -20.41 0.80 -3.90
C ALA A 54 -21.82 0.38 -3.47
N GLU A 55 -22.61 -0.09 -4.39
CA GLU A 55 -24.01 -0.51 -4.06
C GLU A 55 -24.69 -1.06 -5.31
N GLU A 56 -24.72 -2.37 -5.44
CA GLU A 56 -25.37 -2.99 -6.64
C GLU A 56 -24.68 -2.50 -7.92
N LEU A 57 -23.39 -2.25 -7.85
CA LEU A 57 -22.64 -1.79 -9.05
C LEU A 57 -21.59 -2.82 -9.43
N LYS A 58 -21.61 -3.27 -10.66
CA LYS A 58 -20.61 -4.29 -11.12
C LYS A 58 -20.06 -3.88 -12.48
N ARG B 1 -11.41 -2.81 15.40
CA ARG B 1 -10.73 -2.37 14.16
C ARG B 1 -11.77 -1.90 13.14
N SER B 2 -11.75 -0.63 12.80
CA SER B 2 -12.72 -0.09 11.82
C SER B 2 -12.55 -0.78 10.47
N ASP B 3 -11.43 -1.42 10.24
CA ASP B 3 -11.21 -2.11 8.93
C ASP B 3 -11.80 -3.52 8.95
N ALA B 4 -12.60 -3.86 9.93
CA ALA B 4 -13.20 -5.21 9.99
C ALA B 4 -14.57 -5.21 9.26
N GLU B 5 -15.10 -4.06 8.97
CA GLU B 5 -16.42 -3.98 8.26
C GLU B 5 -16.35 -4.63 6.86
N PRO B 6 -15.30 -4.38 6.09
CA PRO B 6 -15.14 -4.95 4.72
C PRO B 6 -14.51 -6.35 4.77
N HIS B 7 -13.50 -6.53 5.58
CA HIS B 7 -12.80 -7.86 5.69
C HIS B 7 -11.88 -8.11 4.49
N TYR B 8 -11.84 -7.21 3.53
CA TYR B 8 -10.95 -7.40 2.35
C TYR B 8 -9.92 -6.26 2.31
N LEU B 9 -10.32 -5.08 2.73
CA LEU B 9 -9.38 -3.92 2.74
C LEU B 9 -8.08 -4.28 3.48
N PRO B 10 -8.19 -4.80 4.69
CA PRO B 10 -7.00 -5.20 5.52
C PRO B 10 -6.37 -6.49 4.97
N GLN B 11 -7.10 -7.23 4.16
CA GLN B 11 -6.53 -8.47 3.57
C GLN B 11 -5.55 -8.05 2.46
N LEU B 12 -5.87 -6.99 1.77
CA LEU B 12 -4.99 -6.52 0.68
C LEU B 12 -3.73 -5.91 1.29
N ARG B 13 -3.88 -4.93 2.18
CA ARG B 13 -2.69 -4.28 2.80
C ARG B 13 -1.71 -5.34 3.33
N LYS B 14 -2.22 -6.36 3.99
CA LYS B 14 -1.30 -7.41 4.50
C LYS B 14 -0.67 -8.13 3.30
N ASP B 15 -1.37 -8.18 2.18
CA ASP B 15 -0.80 -8.85 0.99
C ASP B 15 0.43 -8.08 0.52
N ILE B 16 0.33 -6.76 0.39
CA ILE B 16 1.53 -5.97 -0.06
C ILE B 16 2.70 -6.23 0.90
N LEU B 17 2.42 -6.44 2.16
CA LEU B 17 3.51 -6.73 3.13
C LEU B 17 4.18 -8.05 2.72
N GLU B 18 3.40 -9.02 2.35
CA GLU B 18 3.97 -10.32 1.91
C GLU B 18 4.58 -10.10 0.52
N VAL B 19 3.94 -9.30 -0.29
CA VAL B 19 4.47 -9.02 -1.65
C VAL B 19 5.85 -8.37 -1.50
N ILE B 20 5.94 -7.25 -0.84
CA ILE B 20 7.27 -6.60 -0.62
C ILE B 20 8.22 -7.62 0.01
N CYS B 21 7.68 -8.60 0.70
CA CYS B 21 8.53 -9.65 1.32
C CYS B 21 9.06 -10.58 0.23
N LYS B 22 8.21 -11.03 -0.65
CA LYS B 22 8.66 -11.96 -1.75
C LYS B 22 9.77 -11.30 -2.57
N TYR B 23 9.72 -10.00 -2.73
CA TYR B 23 10.74 -9.29 -3.53
C TYR B 23 11.77 -8.61 -2.60
N VAL B 24 11.48 -8.50 -1.33
CA VAL B 24 12.43 -7.83 -0.37
C VAL B 24 12.21 -8.44 1.03
N GLN B 25 12.20 -7.66 2.10
CA GLN B 25 11.99 -8.25 3.45
C GLN B 25 11.83 -7.12 4.48
N ILE B 26 10.64 -6.96 4.98
CA ILE B 26 10.38 -5.89 6.00
C ILE B 26 9.42 -6.43 7.05
N ASP B 27 9.28 -5.72 8.14
CA ASP B 27 8.35 -6.19 9.22
C ASP B 27 7.04 -5.39 9.12
N PRO B 28 5.99 -5.87 9.74
CA PRO B 28 4.66 -5.19 9.73
C PRO B 28 4.69 -3.97 10.62
N GLU B 29 5.50 -4.00 11.66
CA GLU B 29 5.63 -2.82 12.55
C GLU B 29 6.34 -1.68 11.80
N MET B 30 6.92 -1.97 10.66
CA MET B 30 7.63 -0.91 9.88
C MET B 30 6.67 -0.30 8.86
N VAL B 31 5.61 -0.98 8.52
CA VAL B 31 4.64 -0.43 7.53
C VAL B 31 3.43 0.17 8.27
N THR B 32 3.14 1.43 8.02
CA THR B 32 1.99 2.08 8.71
C THR B 32 0.72 1.90 7.89
N VAL B 33 -0.42 2.05 8.52
CA VAL B 33 -1.72 1.90 7.80
C VAL B 33 -2.72 2.89 8.40
N GLN B 34 -3.00 3.95 7.69
CA GLN B 34 -3.96 4.96 8.22
C GLN B 34 -5.17 5.08 7.29
N LEU B 35 -6.35 4.79 7.79
CA LEU B 35 -7.56 4.87 6.95
C LEU B 35 -8.23 6.23 7.13
N GLU B 36 -8.67 6.83 6.05
CA GLU B 36 -9.35 8.16 6.13
C GLU B 36 -10.66 8.09 5.36
N GLN B 37 -11.42 9.17 5.35
CA GLN B 37 -12.71 9.16 4.60
C GLN B 37 -13.03 10.57 4.10
N LYS B 38 -13.77 10.68 3.03
CA LYS B 38 -14.12 12.02 2.49
C LYS B 38 -15.60 12.30 2.76
N ASP B 39 -16.06 13.47 2.38
CA ASP B 39 -17.49 13.81 2.61
C ASP B 39 -18.38 13.19 1.51
N GLY B 40 -17.78 12.66 0.46
CA GLY B 40 -18.59 12.05 -0.62
C GLY B 40 -18.68 10.53 -0.43
N ASP B 41 -18.64 10.08 0.81
CA ASP B 41 -18.72 8.61 1.09
C ASP B 41 -17.55 7.90 0.40
N ILE B 42 -16.37 8.40 0.59
CA ILE B 42 -15.17 7.79 -0.03
C ILE B 42 -14.10 7.54 1.04
N SER B 43 -13.42 6.43 0.95
CA SER B 43 -12.37 6.10 1.98
C SER B 43 -10.99 6.31 1.37
N ILE B 44 -10.05 6.78 2.17
CA ILE B 44 -8.66 7.01 1.65
C ILE B 44 -7.68 6.23 2.54
N LEU B 45 -7.52 4.95 2.29
CA LEU B 45 -6.60 4.15 3.12
C LEU B 45 -5.15 4.36 2.67
N GLU B 46 -4.36 4.97 3.51
CA GLU B 46 -2.93 5.22 3.14
C GLU B 46 -2.04 4.29 3.97
N LEU B 47 -1.11 3.61 3.35
CA LEU B 47 -0.21 2.70 4.11
C LEU B 47 1.25 3.11 3.88
N ASN B 48 1.96 3.39 4.92
CA ASN B 48 3.38 3.82 4.79
C ASN B 48 4.27 2.59 4.81
N VAL B 49 5.29 2.57 4.02
CA VAL B 49 6.22 1.40 3.99
C VAL B 49 7.64 1.86 4.31
N THR B 50 8.06 1.69 5.54
CA THR B 50 9.43 2.12 5.93
C THR B 50 10.43 1.00 5.61
N LEU B 51 10.97 0.99 4.41
CA LEU B 51 11.95 -0.05 4.02
C LEU B 51 13.31 0.27 4.67
N PRO B 52 13.97 -0.73 5.24
CA PRO B 52 15.30 -0.55 5.91
C PRO B 52 16.42 -0.67 4.88
N GLU B 53 17.64 -0.38 5.30
CA GLU B 53 18.80 -0.45 4.36
C GLU B 53 18.96 -1.90 3.87
N ALA B 54 20.07 -2.20 3.24
CA ALA B 54 20.29 -3.58 2.75
C ALA B 54 21.69 -3.66 2.11
N GLU B 55 22.43 -4.70 2.41
CA GLU B 55 23.79 -4.86 1.83
C GLU B 55 24.40 -6.18 2.31
N GLU B 56 24.33 -7.20 1.50
CA GLU B 56 24.91 -8.53 1.88
C GLU B 56 24.21 -9.03 3.15
N LEU B 57 22.95 -8.73 3.31
CA LEU B 57 22.20 -9.18 4.51
C LEU B 57 21.07 -10.12 4.09
N LYS B 58 21.03 -11.30 4.64
CA LYS B 58 19.95 -12.27 4.28
C LYS B 58 19.38 -12.91 5.55
#